data_1UWF
# 
_entry.id   1UWF 
# 
_audit_conform.dict_name       mmcif_pdbx.dic 
_audit_conform.dict_version    5.397 
_audit_conform.dict_location   http://mmcif.pdb.org/dictionaries/ascii/mmcif_pdbx.dic 
# 
loop_
_database_2.database_id 
_database_2.database_code 
_database_2.pdbx_database_accession 
_database_2.pdbx_DOI 
PDB   1UWF         pdb_00001uwf 10.2210/pdb1uwf/pdb 
PDBE  EBI-14519    ?            ?                   
WWPDB D_1290014519 ?            ?                   
# 
loop_
_pdbx_audit_revision_history.ordinal 
_pdbx_audit_revision_history.data_content_type 
_pdbx_audit_revision_history.major_revision 
_pdbx_audit_revision_history.minor_revision 
_pdbx_audit_revision_history.revision_date 
1 'Structure model' 1 0 2005-02-16 
2 'Structure model' 1 1 2015-04-15 
3 'Structure model' 1 2 2020-07-29 
4 'Structure model' 1 3 2023-12-13 
5 'Structure model' 1 4 2024-10-16 
# 
loop_
_pdbx_audit_revision_details.ordinal 
_pdbx_audit_revision_details.revision_ordinal 
_pdbx_audit_revision_details.data_content_type 
_pdbx_audit_revision_details.provider 
_pdbx_audit_revision_details.type 
_pdbx_audit_revision_details.description 
_pdbx_audit_revision_details.details 
1 1 'Structure model' repository 'Initial release' ?                          ? 
2 3 'Structure model' repository Remediation       'Carbohydrate remediation' ? 
# 
loop_
_pdbx_audit_revision_group.ordinal 
_pdbx_audit_revision_group.revision_ordinal 
_pdbx_audit_revision_group.data_content_type 
_pdbx_audit_revision_group.group 
1  2 'Structure model' 'Database references'       
2  2 'Structure model' 'Derived calculations'      
3  2 'Structure model' 'Non-polymer description'   
4  2 'Structure model' Other                       
5  2 'Structure model' 'Refinement description'    
6  2 'Structure model' 'Source and taxonomy'       
7  2 'Structure model' 'Version format compliance' 
8  3 'Structure model' 'Derived calculations'      
9  3 'Structure model' Other                       
10 3 'Structure model' 'Structure summary'         
11 4 'Structure model' 'Data collection'           
12 4 'Structure model' 'Database references'       
13 4 'Structure model' 'Refinement description'    
14 4 'Structure model' 'Structure summary'         
15 5 'Structure model' 'Structure summary'         
# 
loop_
_pdbx_audit_revision_category.ordinal 
_pdbx_audit_revision_category.revision_ordinal 
_pdbx_audit_revision_category.data_content_type 
_pdbx_audit_revision_category.category 
1  3 'Structure model' chem_comp                     
2  3 'Structure model' entity                        
3  3 'Structure model' pdbx_database_status          
4  3 'Structure model' pdbx_entity_nonpoly           
5  3 'Structure model' struct_site                   
6  3 'Structure model' struct_site_gen               
7  4 'Structure model' chem_comp                     
8  4 'Structure model' chem_comp_atom                
9  4 'Structure model' chem_comp_bond                
10 4 'Structure model' database_2                    
11 4 'Structure model' pdbx_initial_refinement_model 
12 5 'Structure model' pdbx_entry_details            
13 5 'Structure model' pdbx_modification_feature     
# 
loop_
_pdbx_audit_revision_item.ordinal 
_pdbx_audit_revision_item.revision_ordinal 
_pdbx_audit_revision_item.data_content_type 
_pdbx_audit_revision_item.item 
1  3 'Structure model' '_chem_comp.mon_nstd_flag'                     
2  3 'Structure model' '_chem_comp.name'                              
3  3 'Structure model' '_chem_comp.type'                              
4  3 'Structure model' '_entity.pdbx_description'                     
5  3 'Structure model' '_pdbx_database_status.status_code_sf'         
6  3 'Structure model' '_pdbx_entity_nonpoly.name'                    
7  4 'Structure model' '_chem_comp.pdbx_synonyms'                     
8  4 'Structure model' '_database_2.pdbx_DOI'                         
9  4 'Structure model' '_database_2.pdbx_database_accession'          
10 5 'Structure model' '_pdbx_entry_details.has_protein_modification' 
# 
_pdbx_database_status.status_code                     REL 
_pdbx_database_status.entry_id                        1UWF 
_pdbx_database_status.deposit_site                    PDBE 
_pdbx_database_status.process_site                    PDBE 
_pdbx_database_status.SG_entry                        . 
_pdbx_database_status.recvd_initial_deposition_date   2004-02-05 
_pdbx_database_status.pdb_format_compatible           Y 
_pdbx_database_status.status_code_sf                  REL 
_pdbx_database_status.status_code_mr                  ? 
_pdbx_database_status.status_code_cs                  ? 
_pdbx_database_status.methods_development_category    ? 
_pdbx_database_status.status_code_nmr_data            ? 
# 
loop_
_pdbx_database_related.db_name 
_pdbx_database_related.db_id 
_pdbx_database_related.content_type 
_pdbx_database_related.details 
PDB 1KIU unspecified 'FIMH ADHESIN Q133N MUTANT-FIMC CHAPERONE COMPLEX WITHMETHYL-ALPHA-D-MANNOSE'          
PDB 1KLF unspecified 'FIMH ADHESIN-FIMC CHAPERONE COMPLEX WITH D- MANNOSE'                                  
PDB 1QUN unspecified 'X-RAY STRUCTURE OF THE FIMC-FIMH CHAPERONE ADHESIN COMPLEX FROM UROPATHOGENIC E.COLI' 
# 
loop_
_audit_author.name 
_audit_author.pdbx_ordinal 
'Bouckaert, J.'  1  
'Berglund, J.'   2  
'Genst, E.D.'    3  
'Cools, L.'      4  
'Hung, C.-S.'    5  
'Wuhrer, M.'     6  
'Zavialov, A.'   7  
'Langermann, S.' 8  
'Hultgren, S.'   9  
'Wyns, L.'       10 
'Oscarson, S.'   11 
'Knight, S.D.'   12 
'De Greve, H.'   13 
# 
_citation.id                        primary 
_citation.title                     
'Receptor Binding Studies Disclose a Novel Class of High-Affinity Inhibitors of the Escherichia Coli Fimh Adhesin.' 
_citation.journal_abbrev            Mol.Microbiol. 
_citation.journal_volume            55 
_citation.page_first                441 
_citation.page_last                 ? 
_citation.year                      2005 
_citation.journal_id_ASTM           MOMIEE 
_citation.country                   UK 
_citation.journal_id_ISSN           0950-382X 
_citation.journal_id_CSD            2007 
_citation.book_publisher            ? 
_citation.pdbx_database_id_PubMed   15659162 
_citation.pdbx_database_id_DOI      10.1111/J.1365-2958.2004.04415.X 
# 
loop_
_citation_author.citation_id 
_citation_author.name 
_citation_author.ordinal 
_citation_author.identifier_ORCID 
primary 'Bouckaert, J.'  1  ? 
primary 'Berglund, J.'   2  ? 
primary 'Schembri, M.'   3  ? 
primary 'De Genst, E.'   4  ? 
primary 'Cools, L.'      5  ? 
primary 'Wuhrer, M.'     6  ? 
primary 'Hung, C.'       7  ? 
primary 'Pinkner, J.'    8  ? 
primary 'Slattegard, R.' 9  ? 
primary 'Zavialov, A.'   10 ? 
primary 'Choudhury, D.'  11 ? 
primary 'Langermann, S.' 12 ? 
primary 'Hultgren, S.J.' 13 ? 
primary 'Wyns, L.'       14 ? 
primary 'Klemm, P.'      15 ? 
primary 'Oscarson, S.'   16 ? 
primary 'Knight, S.D.'   17 ? 
primary 'De Greve, H.'   18 ? 
# 
loop_
_entity.id 
_entity.type 
_entity.src_method 
_entity.pdbx_description 
_entity.formula_weight 
_entity.pdbx_number_of_molecules 
_entity.pdbx_ec 
_entity.pdbx_mutation 
_entity.pdbx_fragment 
_entity.details 
1 polymer     man 'FIMH PROTEIN'                  16916.828 1   ? ? 'N-TERMINAL LECTIN DOMAIN, RESIDUES 22-179' ? 
2 non-polymer syn 'butyl alpha-D-mannopyranoside' 236.262   1   ? ? ?                                           ? 
3 non-polymer syn GLYCEROL                        92.094    1   ? ? ?                                           ? 
4 water       nat water                           18.015    307 ? ? ?                                           ? 
# 
_entity_name_com.entity_id   1 
_entity_name_com.name        FIMH 
# 
_entity_poly.entity_id                      1 
_entity_poly.type                           'polypeptide(L)' 
_entity_poly.nstd_linkage                   no 
_entity_poly.nstd_monomer                   no 
_entity_poly.pdbx_seq_one_letter_code       
;FACKTANGTAIPIGGGSANVYVNLAPVVNVGQNLVVDLSTQIFCHNDYPETITDYVTLQRGSAYGGVLSNFSGTVKYSGS
SYPFPTTSETPRVVYNSRTDKPWPVALYLTPVSSAGGVAIKAGSLIAVLILRQTNNYNSDDFQFVWNIYANNDVVVPT
;
_entity_poly.pdbx_seq_one_letter_code_can   
;FACKTANGTAIPIGGGSANVYVNLAPVVNVGQNLVVDLSTQIFCHNDYPETITDYVTLQRGSAYGGVLSNFSGTVKYSGS
SYPFPTTSETPRVVYNSRTDKPWPVALYLTPVSSAGGVAIKAGSLIAVLILRQTNNYNSDDFQFVWNIYANNDVVVPT
;
_entity_poly.pdbx_strand_id                 A 
_entity_poly.pdbx_target_identifier         ? 
# 
loop_
_pdbx_entity_nonpoly.entity_id 
_pdbx_entity_nonpoly.name 
_pdbx_entity_nonpoly.comp_id 
2 'butyl alpha-D-mannopyranoside' DEG 
3 GLYCEROL                        GOL 
4 water                           HOH 
# 
loop_
_entity_poly_seq.entity_id 
_entity_poly_seq.num 
_entity_poly_seq.mon_id 
_entity_poly_seq.hetero 
1 1   PHE n 
1 2   ALA n 
1 3   CYS n 
1 4   LYS n 
1 5   THR n 
1 6   ALA n 
1 7   ASN n 
1 8   GLY n 
1 9   THR n 
1 10  ALA n 
1 11  ILE n 
1 12  PRO n 
1 13  ILE n 
1 14  GLY n 
1 15  GLY n 
1 16  GLY n 
1 17  SER n 
1 18  ALA n 
1 19  ASN n 
1 20  VAL n 
1 21  TYR n 
1 22  VAL n 
1 23  ASN n 
1 24  LEU n 
1 25  ALA n 
1 26  PRO n 
1 27  VAL n 
1 28  VAL n 
1 29  ASN n 
1 30  VAL n 
1 31  GLY n 
1 32  GLN n 
1 33  ASN n 
1 34  LEU n 
1 35  VAL n 
1 36  VAL n 
1 37  ASP n 
1 38  LEU n 
1 39  SER n 
1 40  THR n 
1 41  GLN n 
1 42  ILE n 
1 43  PHE n 
1 44  CYS n 
1 45  HIS n 
1 46  ASN n 
1 47  ASP n 
1 48  TYR n 
1 49  PRO n 
1 50  GLU n 
1 51  THR n 
1 52  ILE n 
1 53  THR n 
1 54  ASP n 
1 55  TYR n 
1 56  VAL n 
1 57  THR n 
1 58  LEU n 
1 59  GLN n 
1 60  ARG n 
1 61  GLY n 
1 62  SER n 
1 63  ALA n 
1 64  TYR n 
1 65  GLY n 
1 66  GLY n 
1 67  VAL n 
1 68  LEU n 
1 69  SER n 
1 70  ASN n 
1 71  PHE n 
1 72  SER n 
1 73  GLY n 
1 74  THR n 
1 75  VAL n 
1 76  LYS n 
1 77  TYR n 
1 78  SER n 
1 79  GLY n 
1 80  SER n 
1 81  SER n 
1 82  TYR n 
1 83  PRO n 
1 84  PHE n 
1 85  PRO n 
1 86  THR n 
1 87  THR n 
1 88  SER n 
1 89  GLU n 
1 90  THR n 
1 91  PRO n 
1 92  ARG n 
1 93  VAL n 
1 94  VAL n 
1 95  TYR n 
1 96  ASN n 
1 97  SER n 
1 98  ARG n 
1 99  THR n 
1 100 ASP n 
1 101 LYS n 
1 102 PRO n 
1 103 TRP n 
1 104 PRO n 
1 105 VAL n 
1 106 ALA n 
1 107 LEU n 
1 108 TYR n 
1 109 LEU n 
1 110 THR n 
1 111 PRO n 
1 112 VAL n 
1 113 SER n 
1 114 SER n 
1 115 ALA n 
1 116 GLY n 
1 117 GLY n 
1 118 VAL n 
1 119 ALA n 
1 120 ILE n 
1 121 LYS n 
1 122 ALA n 
1 123 GLY n 
1 124 SER n 
1 125 LEU n 
1 126 ILE n 
1 127 ALA n 
1 128 VAL n 
1 129 LEU n 
1 130 ILE n 
1 131 LEU n 
1 132 ARG n 
1 133 GLN n 
1 134 THR n 
1 135 ASN n 
1 136 ASN n 
1 137 TYR n 
1 138 ASN n 
1 139 SER n 
1 140 ASP n 
1 141 ASP n 
1 142 PHE n 
1 143 GLN n 
1 144 PHE n 
1 145 VAL n 
1 146 TRP n 
1 147 ASN n 
1 148 ILE n 
1 149 TYR n 
1 150 ALA n 
1 151 ASN n 
1 152 ASN n 
1 153 ASP n 
1 154 VAL n 
1 155 VAL n 
1 156 VAL n 
1 157 PRO n 
1 158 THR n 
# 
_entity_src_gen.entity_id                          1 
_entity_src_gen.pdbx_src_id                        1 
_entity_src_gen.pdbx_alt_source_flag               sample 
_entity_src_gen.pdbx_seq_type                      ? 
_entity_src_gen.pdbx_beg_seq_num                   ? 
_entity_src_gen.pdbx_end_seq_num                   ? 
_entity_src_gen.gene_src_common_name               ? 
_entity_src_gen.gene_src_genus                     ? 
_entity_src_gen.pdbx_gene_src_gene                 ? 
_entity_src_gen.gene_src_species                   ? 
_entity_src_gen.gene_src_strain                    J96 
_entity_src_gen.gene_src_tissue                    ? 
_entity_src_gen.gene_src_tissue_fraction           ? 
_entity_src_gen.gene_src_details                   ? 
_entity_src_gen.pdbx_gene_src_fragment             ? 
_entity_src_gen.pdbx_gene_src_scientific_name      'ESCHERICHIA COLI' 
_entity_src_gen.pdbx_gene_src_ncbi_taxonomy_id     1206108 
_entity_src_gen.pdbx_gene_src_variant              ? 
_entity_src_gen.pdbx_gene_src_cell_line            ? 
_entity_src_gen.pdbx_gene_src_atcc                 47048 
_entity_src_gen.pdbx_gene_src_organ                ? 
_entity_src_gen.pdbx_gene_src_organelle            ? 
_entity_src_gen.pdbx_gene_src_cell                 ? 
_entity_src_gen.pdbx_gene_src_cellular_location    ? 
_entity_src_gen.host_org_common_name               ? 
_entity_src_gen.pdbx_host_org_scientific_name      'ESCHERICHIA COLI' 
_entity_src_gen.pdbx_host_org_ncbi_taxonomy_id     562 
_entity_src_gen.host_org_genus                     ? 
_entity_src_gen.pdbx_host_org_gene                 ? 
_entity_src_gen.pdbx_host_org_organ                ? 
_entity_src_gen.host_org_species                   ? 
_entity_src_gen.pdbx_host_org_tissue               ? 
_entity_src_gen.pdbx_host_org_tissue_fraction      ? 
_entity_src_gen.pdbx_host_org_strain               C600 
_entity_src_gen.pdbx_host_org_variant              'F-SUPE44 LACY1 THR-1 LEUB6 MCRB THI-1 FHUA21 HSDR LAMBDA' 
_entity_src_gen.pdbx_host_org_cell_line            ? 
_entity_src_gen.pdbx_host_org_atcc                 ? 
_entity_src_gen.pdbx_host_org_culture_collection   ? 
_entity_src_gen.pdbx_host_org_cell                 ? 
_entity_src_gen.pdbx_host_org_organelle            ? 
_entity_src_gen.pdbx_host_org_cellular_location    ? 
_entity_src_gen.pdbx_host_org_vector_type          ? 
_entity_src_gen.pdbx_host_org_vector               ? 
_entity_src_gen.host_org_details                   ? 
_entity_src_gen.expression_system_id               ? 
_entity_src_gen.plasmid_name                       PMMB91 
_entity_src_gen.plasmid_details                    ? 
_entity_src_gen.pdbx_description                   ? 
# 
loop_
_chem_comp.id 
_chem_comp.type 
_chem_comp.mon_nstd_flag 
_chem_comp.name 
_chem_comp.pdbx_synonyms 
_chem_comp.formula 
_chem_comp.formula_weight 
ALA 'L-peptide linking' y ALANINE                         ? 'C3 H7 N O2'     89.093  
ARG 'L-peptide linking' y ARGININE                        ? 'C6 H15 N4 O2 1' 175.209 
ASN 'L-peptide linking' y ASPARAGINE                      ? 'C4 H8 N2 O3'    132.118 
ASP 'L-peptide linking' y 'ASPARTIC ACID'                 ? 'C4 H7 N O4'     133.103 
CYS 'L-peptide linking' y CYSTEINE                        ? 'C3 H7 N O2 S'   121.158 
DEG D-saccharide        n 'butyl alpha-D-mannopyranoside' 
'BUTYL-A-D-MANNOSE; butyl alpha-D-mannoside; butyl D-mannoside; butyl mannoside' 'C10 H20 O6'     236.262 
GLN 'L-peptide linking' y GLUTAMINE                       ? 'C5 H10 N2 O3'   146.144 
GLU 'L-peptide linking' y 'GLUTAMIC ACID'                 ? 'C5 H9 N O4'     147.129 
GLY 'peptide linking'   y GLYCINE                         ? 'C2 H5 N O2'     75.067  
GOL non-polymer         . GLYCEROL                        'GLYCERIN; PROPANE-1,2,3-TRIOL' 'C3 H8 O3'       92.094  
HIS 'L-peptide linking' y HISTIDINE                       ? 'C6 H10 N3 O2 1' 156.162 
HOH non-polymer         . WATER                           ? 'H2 O'           18.015  
ILE 'L-peptide linking' y ISOLEUCINE                      ? 'C6 H13 N O2'    131.173 
LEU 'L-peptide linking' y LEUCINE                         ? 'C6 H13 N O2'    131.173 
LYS 'L-peptide linking' y LYSINE                          ? 'C6 H15 N2 O2 1' 147.195 
PHE 'L-peptide linking' y PHENYLALANINE                   ? 'C9 H11 N O2'    165.189 
PRO 'L-peptide linking' y PROLINE                         ? 'C5 H9 N O2'     115.130 
SER 'L-peptide linking' y SERINE                          ? 'C3 H7 N O3'     105.093 
THR 'L-peptide linking' y THREONINE                       ? 'C4 H9 N O3'     119.119 
TRP 'L-peptide linking' y TRYPTOPHAN                      ? 'C11 H12 N2 O2'  204.225 
TYR 'L-peptide linking' y TYROSINE                        ? 'C9 H11 N O3'    181.189 
VAL 'L-peptide linking' y VALINE                          ? 'C5 H11 N O2'    117.146 
# 
loop_
_pdbx_poly_seq_scheme.asym_id 
_pdbx_poly_seq_scheme.entity_id 
_pdbx_poly_seq_scheme.seq_id 
_pdbx_poly_seq_scheme.mon_id 
_pdbx_poly_seq_scheme.ndb_seq_num 
_pdbx_poly_seq_scheme.pdb_seq_num 
_pdbx_poly_seq_scheme.auth_seq_num 
_pdbx_poly_seq_scheme.pdb_mon_id 
_pdbx_poly_seq_scheme.auth_mon_id 
_pdbx_poly_seq_scheme.pdb_strand_id 
_pdbx_poly_seq_scheme.pdb_ins_code 
_pdbx_poly_seq_scheme.hetero 
A 1 1   PHE 1   1   1   PHE PHE A . n 
A 1 2   ALA 2   2   2   ALA ALA A . n 
A 1 3   CYS 3   3   3   CYS CYS A . n 
A 1 4   LYS 4   4   4   LYS LYS A . n 
A 1 5   THR 5   5   5   THR THR A . n 
A 1 6   ALA 6   6   6   ALA ALA A . n 
A 1 7   ASN 7   7   7   ASN ASN A . n 
A 1 8   GLY 8   8   8   GLY GLY A . n 
A 1 9   THR 9   9   9   THR THR A . n 
A 1 10  ALA 10  10  10  ALA ALA A . n 
A 1 11  ILE 11  11  11  ILE ILE A . n 
A 1 12  PRO 12  12  12  PRO PRO A . n 
A 1 13  ILE 13  13  13  ILE ILE A . n 
A 1 14  GLY 14  14  14  GLY GLY A . n 
A 1 15  GLY 15  15  15  GLY GLY A . n 
A 1 16  GLY 16  16  16  GLY GLY A . n 
A 1 17  SER 17  17  17  SER SER A . n 
A 1 18  ALA 18  18  18  ALA ALA A . n 
A 1 19  ASN 19  19  19  ASN ASN A . n 
A 1 20  VAL 20  20  20  VAL VAL A . n 
A 1 21  TYR 21  21  21  TYR TYR A . n 
A 1 22  VAL 22  22  22  VAL VAL A . n 
A 1 23  ASN 23  23  23  ASN ASN A . n 
A 1 24  LEU 24  24  24  LEU LEU A . n 
A 1 25  ALA 25  25  25  ALA ALA A . n 
A 1 26  PRO 26  26  26  PRO PRO A . n 
A 1 27  VAL 27  27  27  VAL VAL A . n 
A 1 28  VAL 28  28  28  VAL VAL A . n 
A 1 29  ASN 29  29  29  ASN ASN A . n 
A 1 30  VAL 30  30  30  VAL VAL A . n 
A 1 31  GLY 31  31  31  GLY GLY A . n 
A 1 32  GLN 32  32  32  GLN GLN A . n 
A 1 33  ASN 33  33  33  ASN ASN A . n 
A 1 34  LEU 34  34  34  LEU LEU A . n 
A 1 35  VAL 35  35  35  VAL VAL A . n 
A 1 36  VAL 36  36  36  VAL VAL A . n 
A 1 37  ASP 37  37  37  ASP ASP A . n 
A 1 38  LEU 38  38  38  LEU LEU A . n 
A 1 39  SER 39  39  39  SER SER A . n 
A 1 40  THR 40  40  40  THR THR A . n 
A 1 41  GLN 41  41  41  GLN GLN A . n 
A 1 42  ILE 42  42  42  ILE ILE A . n 
A 1 43  PHE 43  43  43  PHE PHE A . n 
A 1 44  CYS 44  44  44  CYS CYS A . n 
A 1 45  HIS 45  45  45  HIS HIS A . n 
A 1 46  ASN 46  46  46  ASN ASN A . n 
A 1 47  ASP 47  47  47  ASP ASP A . n 
A 1 48  TYR 48  48  48  TYR TYR A . n 
A 1 49  PRO 49  49  49  PRO PRO A . n 
A 1 50  GLU 50  50  50  GLU GLU A . n 
A 1 51  THR 51  51  51  THR THR A . n 
A 1 52  ILE 52  52  52  ILE ILE A . n 
A 1 53  THR 53  53  53  THR THR A . n 
A 1 54  ASP 54  54  54  ASP ASP A . n 
A 1 55  TYR 55  55  55  TYR TYR A . n 
A 1 56  VAL 56  56  56  VAL VAL A . n 
A 1 57  THR 57  57  57  THR THR A . n 
A 1 58  LEU 58  58  58  LEU LEU A . n 
A 1 59  GLN 59  59  59  GLN GLN A . n 
A 1 60  ARG 60  60  60  ARG ARG A . n 
A 1 61  GLY 61  61  61  GLY GLY A . n 
A 1 62  SER 62  62  62  SER SER A . n 
A 1 63  ALA 63  63  63  ALA ALA A . n 
A 1 64  TYR 64  64  64  TYR TYR A . n 
A 1 65  GLY 65  65  65  GLY GLY A . n 
A 1 66  GLY 66  66  66  GLY GLY A . n 
A 1 67  VAL 67  67  67  VAL VAL A . n 
A 1 68  LEU 68  68  68  LEU LEU A . n 
A 1 69  SER 69  69  69  SER SER A . n 
A 1 70  ASN 70  70  70  ASN ASN A . n 
A 1 71  PHE 71  71  71  PHE PHE A . n 
A 1 72  SER 72  72  72  SER SER A . n 
A 1 73  GLY 73  73  73  GLY GLY A . n 
A 1 74  THR 74  74  74  THR THR A . n 
A 1 75  VAL 75  75  75  VAL VAL A . n 
A 1 76  LYS 76  76  76  LYS LYS A . n 
A 1 77  TYR 77  77  77  TYR TYR A . n 
A 1 78  SER 78  78  78  SER SER A . n 
A 1 79  GLY 79  79  79  GLY GLY A . n 
A 1 80  SER 80  80  80  SER SER A . n 
A 1 81  SER 81  81  81  SER SER A . n 
A 1 82  TYR 82  82  82  TYR TYR A . n 
A 1 83  PRO 83  83  83  PRO PRO A . n 
A 1 84  PHE 84  84  84  PHE PHE A . n 
A 1 85  PRO 85  85  85  PRO PRO A . n 
A 1 86  THR 86  86  86  THR THR A . n 
A 1 87  THR 87  87  87  THR THR A . n 
A 1 88  SER 88  88  88  SER SER A . n 
A 1 89  GLU 89  89  89  GLU GLU A . n 
A 1 90  THR 90  90  90  THR THR A . n 
A 1 91  PRO 91  91  91  PRO PRO A . n 
A 1 92  ARG 92  92  92  ARG ARG A . n 
A 1 93  VAL 93  93  93  VAL VAL A . n 
A 1 94  VAL 94  94  94  VAL VAL A . n 
A 1 95  TYR 95  95  95  TYR TYR A . n 
A 1 96  ASN 96  96  96  ASN ASN A . n 
A 1 97  SER 97  97  97  SER SER A . n 
A 1 98  ARG 98  98  98  ARG ARG A . n 
A 1 99  THR 99  99  99  THR THR A . n 
A 1 100 ASP 100 100 100 ASP ASP A . n 
A 1 101 LYS 101 101 101 LYS LYS A . n 
A 1 102 PRO 102 102 102 PRO PRO A . n 
A 1 103 TRP 103 103 103 TRP TRP A . n 
A 1 104 PRO 104 104 104 PRO PRO A . n 
A 1 105 VAL 105 105 105 VAL VAL A . n 
A 1 106 ALA 106 106 106 ALA ALA A . n 
A 1 107 LEU 107 107 107 LEU LEU A . n 
A 1 108 TYR 108 108 108 TYR TYR A . n 
A 1 109 LEU 109 109 109 LEU LEU A . n 
A 1 110 THR 110 110 110 THR THR A . n 
A 1 111 PRO 111 111 111 PRO PRO A . n 
A 1 112 VAL 112 112 112 VAL VAL A . n 
A 1 113 SER 113 113 113 SER SER A . n 
A 1 114 SER 114 114 114 SER SER A . n 
A 1 115 ALA 115 115 115 ALA ALA A . n 
A 1 116 GLY 116 116 116 GLY GLY A . n 
A 1 117 GLY 117 117 117 GLY GLY A . n 
A 1 118 VAL 118 118 118 VAL VAL A . n 
A 1 119 ALA 119 119 119 ALA ALA A . n 
A 1 120 ILE 120 120 120 ILE ILE A . n 
A 1 121 LYS 121 121 121 LYS LYS A . n 
A 1 122 ALA 122 122 122 ALA ALA A . n 
A 1 123 GLY 123 123 123 GLY GLY A . n 
A 1 124 SER 124 124 124 SER SER A . n 
A 1 125 LEU 125 125 125 LEU LEU A . n 
A 1 126 ILE 126 126 126 ILE ILE A . n 
A 1 127 ALA 127 127 127 ALA ALA A . n 
A 1 128 VAL 128 128 128 VAL VAL A . n 
A 1 129 LEU 129 129 129 LEU LEU A . n 
A 1 130 ILE 130 130 130 ILE ILE A . n 
A 1 131 LEU 131 131 131 LEU LEU A . n 
A 1 132 ARG 132 132 132 ARG ARG A . n 
A 1 133 GLN 133 133 133 GLN GLN A . n 
A 1 134 THR 134 134 134 THR THR A . n 
A 1 135 ASN 135 135 135 ASN ASN A . n 
A 1 136 ASN 136 136 136 ASN ASN A . n 
A 1 137 TYR 137 137 137 TYR TYR A . n 
A 1 138 ASN 138 138 138 ASN ASN A . n 
A 1 139 SER 139 139 139 SER SER A . n 
A 1 140 ASP 140 140 140 ASP ASP A . n 
A 1 141 ASP 141 141 141 ASP ASP A . n 
A 1 142 PHE 142 142 142 PHE PHE A . n 
A 1 143 GLN 143 143 143 GLN GLN A . n 
A 1 144 PHE 144 144 144 PHE PHE A . n 
A 1 145 VAL 145 145 145 VAL VAL A . n 
A 1 146 TRP 146 146 146 TRP TRP A . n 
A 1 147 ASN 147 147 147 ASN ASN A . n 
A 1 148 ILE 148 148 148 ILE ILE A . n 
A 1 149 TYR 149 149 149 TYR TYR A . n 
A 1 150 ALA 150 150 150 ALA ALA A . n 
A 1 151 ASN 151 151 151 ASN ASN A . n 
A 1 152 ASN 152 152 152 ASN ASN A . n 
A 1 153 ASP 153 153 153 ASP ASP A . n 
A 1 154 VAL 154 154 154 VAL VAL A . n 
A 1 155 VAL 155 155 155 VAL VAL A . n 
A 1 156 VAL 156 156 156 VAL VAL A . n 
A 1 157 PRO 157 157 157 PRO PRO A . n 
A 1 158 THR 158 158 158 THR THR A . n 
# 
loop_
_pdbx_nonpoly_scheme.asym_id 
_pdbx_nonpoly_scheme.entity_id 
_pdbx_nonpoly_scheme.mon_id 
_pdbx_nonpoly_scheme.ndb_seq_num 
_pdbx_nonpoly_scheme.pdb_seq_num 
_pdbx_nonpoly_scheme.auth_seq_num 
_pdbx_nonpoly_scheme.pdb_mon_id 
_pdbx_nonpoly_scheme.auth_mon_id 
_pdbx_nonpoly_scheme.pdb_strand_id 
_pdbx_nonpoly_scheme.pdb_ins_code 
B 2 DEG 1   1159 1159 DEG DEG A . 
C 3 GOL 1   1160 1160 GOL GOL A . 
D 4 HOH 1   2001 2001 HOH HOH A . 
D 4 HOH 2   2002 2002 HOH HOH A . 
D 4 HOH 3   2003 2003 HOH HOH A . 
D 4 HOH 4   2004 2004 HOH HOH A . 
D 4 HOH 5   2005 2005 HOH HOH A . 
D 4 HOH 6   2006 2006 HOH HOH A . 
D 4 HOH 7   2007 2007 HOH HOH A . 
D 4 HOH 8   2008 2008 HOH HOH A . 
D 4 HOH 9   2009 2009 HOH HOH A . 
D 4 HOH 10  2010 2010 HOH HOH A . 
D 4 HOH 11  2011 2011 HOH HOH A . 
D 4 HOH 12  2012 2012 HOH HOH A . 
D 4 HOH 13  2013 2013 HOH HOH A . 
D 4 HOH 14  2014 2014 HOH HOH A . 
D 4 HOH 15  2015 2015 HOH HOH A . 
D 4 HOH 16  2016 2016 HOH HOH A . 
D 4 HOH 17  2017 2017 HOH HOH A . 
D 4 HOH 18  2018 2018 HOH HOH A . 
D 4 HOH 19  2019 2019 HOH HOH A . 
D 4 HOH 20  2020 2020 HOH HOH A . 
D 4 HOH 21  2021 2021 HOH HOH A . 
D 4 HOH 22  2022 2022 HOH HOH A . 
D 4 HOH 23  2023 2023 HOH HOH A . 
D 4 HOH 24  2024 2024 HOH HOH A . 
D 4 HOH 25  2025 2025 HOH HOH A . 
D 4 HOH 26  2026 2026 HOH HOH A . 
D 4 HOH 27  2027 2027 HOH HOH A . 
D 4 HOH 28  2028 2028 HOH HOH A . 
D 4 HOH 29  2029 2029 HOH HOH A . 
D 4 HOH 30  2030 2030 HOH HOH A . 
D 4 HOH 31  2031 2031 HOH HOH A . 
D 4 HOH 32  2032 2032 HOH HOH A . 
D 4 HOH 33  2033 2033 HOH HOH A . 
D 4 HOH 34  2034 2034 HOH HOH A . 
D 4 HOH 35  2035 2035 HOH HOH A . 
D 4 HOH 36  2036 2036 HOH HOH A . 
D 4 HOH 37  2037 2037 HOH HOH A . 
D 4 HOH 38  2038 2038 HOH HOH A . 
D 4 HOH 39  2039 2039 HOH HOH A . 
D 4 HOH 40  2040 2040 HOH HOH A . 
D 4 HOH 41  2041 2041 HOH HOH A . 
D 4 HOH 42  2042 2042 HOH HOH A . 
D 4 HOH 43  2043 2043 HOH HOH A . 
D 4 HOH 44  2044 2044 HOH HOH A . 
D 4 HOH 45  2045 2045 HOH HOH A . 
D 4 HOH 46  2046 2046 HOH HOH A . 
D 4 HOH 47  2047 2047 HOH HOH A . 
D 4 HOH 48  2048 2048 HOH HOH A . 
D 4 HOH 49  2049 2049 HOH HOH A . 
D 4 HOH 50  2050 2050 HOH HOH A . 
D 4 HOH 51  2051 2051 HOH HOH A . 
D 4 HOH 52  2052 2052 HOH HOH A . 
D 4 HOH 53  2053 2053 HOH HOH A . 
D 4 HOH 54  2054 2054 HOH HOH A . 
D 4 HOH 55  2055 2055 HOH HOH A . 
D 4 HOH 56  2056 2056 HOH HOH A . 
D 4 HOH 57  2057 2057 HOH HOH A . 
D 4 HOH 58  2058 2058 HOH HOH A . 
D 4 HOH 59  2059 2059 HOH HOH A . 
D 4 HOH 60  2060 2060 HOH HOH A . 
D 4 HOH 61  2061 2061 HOH HOH A . 
D 4 HOH 62  2062 2062 HOH HOH A . 
D 4 HOH 63  2063 2063 HOH HOH A . 
D 4 HOH 64  2064 2064 HOH HOH A . 
D 4 HOH 65  2065 2065 HOH HOH A . 
D 4 HOH 66  2066 2066 HOH HOH A . 
D 4 HOH 67  2067 2067 HOH HOH A . 
D 4 HOH 68  2068 2068 HOH HOH A . 
D 4 HOH 69  2069 2069 HOH HOH A . 
D 4 HOH 70  2070 2070 HOH HOH A . 
D 4 HOH 71  2071 2071 HOH HOH A . 
D 4 HOH 72  2072 2072 HOH HOH A . 
D 4 HOH 73  2073 2073 HOH HOH A . 
D 4 HOH 74  2074 2074 HOH HOH A . 
D 4 HOH 75  2075 2075 HOH HOH A . 
D 4 HOH 76  2076 2076 HOH HOH A . 
D 4 HOH 77  2077 2077 HOH HOH A . 
D 4 HOH 78  2078 2078 HOH HOH A . 
D 4 HOH 79  2079 2079 HOH HOH A . 
D 4 HOH 80  2080 2080 HOH HOH A . 
D 4 HOH 81  2081 2081 HOH HOH A . 
D 4 HOH 82  2082 2082 HOH HOH A . 
D 4 HOH 83  2083 2083 HOH HOH A . 
D 4 HOH 84  2084 2084 HOH HOH A . 
D 4 HOH 85  2085 2085 HOH HOH A . 
D 4 HOH 86  2086 2086 HOH HOH A . 
D 4 HOH 87  2087 2087 HOH HOH A . 
D 4 HOH 88  2088 2088 HOH HOH A . 
D 4 HOH 89  2089 2089 HOH HOH A . 
D 4 HOH 90  2090 2090 HOH HOH A . 
D 4 HOH 91  2091 2091 HOH HOH A . 
D 4 HOH 92  2092 2092 HOH HOH A . 
D 4 HOH 93  2093 2093 HOH HOH A . 
D 4 HOH 94  2094 2094 HOH HOH A . 
D 4 HOH 95  2095 2095 HOH HOH A . 
D 4 HOH 96  2096 2096 HOH HOH A . 
D 4 HOH 97  2097 2097 HOH HOH A . 
D 4 HOH 98  2098 2098 HOH HOH A . 
D 4 HOH 99  2099 2099 HOH HOH A . 
D 4 HOH 100 2100 2100 HOH HOH A . 
D 4 HOH 101 2101 2101 HOH HOH A . 
D 4 HOH 102 2102 2102 HOH HOH A . 
D 4 HOH 103 2103 2103 HOH HOH A . 
D 4 HOH 104 2104 2104 HOH HOH A . 
D 4 HOH 105 2105 2105 HOH HOH A . 
D 4 HOH 106 2106 2106 HOH HOH A . 
D 4 HOH 107 2107 2107 HOH HOH A . 
D 4 HOH 108 2108 2108 HOH HOH A . 
D 4 HOH 109 2109 2109 HOH HOH A . 
D 4 HOH 110 2110 2110 HOH HOH A . 
D 4 HOH 111 2111 2111 HOH HOH A . 
D 4 HOH 112 2112 2112 HOH HOH A . 
D 4 HOH 113 2113 2113 HOH HOH A . 
D 4 HOH 114 2114 2114 HOH HOH A . 
D 4 HOH 115 2115 2115 HOH HOH A . 
D 4 HOH 116 2116 2116 HOH HOH A . 
D 4 HOH 117 2117 2117 HOH HOH A . 
D 4 HOH 118 2118 2118 HOH HOH A . 
D 4 HOH 119 2119 2119 HOH HOH A . 
D 4 HOH 120 2120 2120 HOH HOH A . 
D 4 HOH 121 2121 2121 HOH HOH A . 
D 4 HOH 122 2122 2122 HOH HOH A . 
D 4 HOH 123 2123 2123 HOH HOH A . 
D 4 HOH 124 2124 2124 HOH HOH A . 
D 4 HOH 125 2125 2125 HOH HOH A . 
D 4 HOH 126 2126 2126 HOH HOH A . 
D 4 HOH 127 2127 2127 HOH HOH A . 
D 4 HOH 128 2128 2128 HOH HOH A . 
D 4 HOH 129 2129 2129 HOH HOH A . 
D 4 HOH 130 2130 2130 HOH HOH A . 
D 4 HOH 131 2131 2131 HOH HOH A . 
D 4 HOH 132 2132 2132 HOH HOH A . 
D 4 HOH 133 2133 2133 HOH HOH A . 
D 4 HOH 134 2134 2134 HOH HOH A . 
D 4 HOH 135 2135 2135 HOH HOH A . 
D 4 HOH 136 2136 2136 HOH HOH A . 
D 4 HOH 137 2137 2137 HOH HOH A . 
D 4 HOH 138 2138 2138 HOH HOH A . 
D 4 HOH 139 2139 2139 HOH HOH A . 
D 4 HOH 140 2140 2140 HOH HOH A . 
D 4 HOH 141 2141 2141 HOH HOH A . 
D 4 HOH 142 2142 2142 HOH HOH A . 
D 4 HOH 143 2143 2143 HOH HOH A . 
D 4 HOH 144 2144 2144 HOH HOH A . 
D 4 HOH 145 2145 2145 HOH HOH A . 
D 4 HOH 146 2146 2146 HOH HOH A . 
D 4 HOH 147 2147 2147 HOH HOH A . 
D 4 HOH 148 2148 2148 HOH HOH A . 
D 4 HOH 149 2149 2149 HOH HOH A . 
D 4 HOH 150 2150 2150 HOH HOH A . 
D 4 HOH 151 2151 2151 HOH HOH A . 
D 4 HOH 152 2152 2152 HOH HOH A . 
D 4 HOH 153 2153 2153 HOH HOH A . 
D 4 HOH 154 2154 2154 HOH HOH A . 
D 4 HOH 155 2155 2155 HOH HOH A . 
D 4 HOH 156 2156 2156 HOH HOH A . 
D 4 HOH 157 2157 2157 HOH HOH A . 
D 4 HOH 158 2158 2158 HOH HOH A . 
D 4 HOH 159 2159 2159 HOH HOH A . 
D 4 HOH 160 2160 2160 HOH HOH A . 
D 4 HOH 161 2161 2161 HOH HOH A . 
D 4 HOH 162 2162 2162 HOH HOH A . 
D 4 HOH 163 2163 2163 HOH HOH A . 
D 4 HOH 164 2164 2164 HOH HOH A . 
D 4 HOH 165 2165 2165 HOH HOH A . 
D 4 HOH 166 2166 2166 HOH HOH A . 
D 4 HOH 167 2167 2167 HOH HOH A . 
D 4 HOH 168 2168 2168 HOH HOH A . 
D 4 HOH 169 2169 2169 HOH HOH A . 
D 4 HOH 170 2170 2170 HOH HOH A . 
D 4 HOH 171 2171 2171 HOH HOH A . 
D 4 HOH 172 2172 2172 HOH HOH A . 
D 4 HOH 173 2173 2173 HOH HOH A . 
D 4 HOH 174 2174 2174 HOH HOH A . 
D 4 HOH 175 2175 2175 HOH HOH A . 
D 4 HOH 176 2176 2176 HOH HOH A . 
D 4 HOH 177 2177 2177 HOH HOH A . 
D 4 HOH 178 2178 2178 HOH HOH A . 
D 4 HOH 179 2179 2179 HOH HOH A . 
D 4 HOH 180 2180 2180 HOH HOH A . 
D 4 HOH 181 2181 2181 HOH HOH A . 
D 4 HOH 182 2182 2182 HOH HOH A . 
D 4 HOH 183 2183 2183 HOH HOH A . 
D 4 HOH 184 2184 2184 HOH HOH A . 
D 4 HOH 185 2185 2185 HOH HOH A . 
D 4 HOH 186 2186 2186 HOH HOH A . 
D 4 HOH 187 2187 2187 HOH HOH A . 
D 4 HOH 188 2188 2188 HOH HOH A . 
D 4 HOH 189 2189 2189 HOH HOH A . 
D 4 HOH 190 2190 2190 HOH HOH A . 
D 4 HOH 191 2191 2191 HOH HOH A . 
D 4 HOH 192 2192 2192 HOH HOH A . 
D 4 HOH 193 2193 2193 HOH HOH A . 
D 4 HOH 194 2194 2194 HOH HOH A . 
D 4 HOH 195 2195 2195 HOH HOH A . 
D 4 HOH 196 2196 2196 HOH HOH A . 
D 4 HOH 197 2197 2197 HOH HOH A . 
D 4 HOH 198 2198 2198 HOH HOH A . 
D 4 HOH 199 2199 2199 HOH HOH A . 
D 4 HOH 200 2200 2200 HOH HOH A . 
D 4 HOH 201 2201 2201 HOH HOH A . 
D 4 HOH 202 2202 2202 HOH HOH A . 
D 4 HOH 203 2203 2203 HOH HOH A . 
D 4 HOH 204 2204 2204 HOH HOH A . 
D 4 HOH 205 2205 2205 HOH HOH A . 
D 4 HOH 206 2206 2206 HOH HOH A . 
D 4 HOH 207 2207 2207 HOH HOH A . 
D 4 HOH 208 2208 2208 HOH HOH A . 
D 4 HOH 209 2209 2209 HOH HOH A . 
D 4 HOH 210 2210 2210 HOH HOH A . 
D 4 HOH 211 2211 2211 HOH HOH A . 
D 4 HOH 212 2212 2212 HOH HOH A . 
D 4 HOH 213 2213 2213 HOH HOH A . 
D 4 HOH 214 2214 2214 HOH HOH A . 
D 4 HOH 215 2215 2215 HOH HOH A . 
D 4 HOH 216 2216 2216 HOH HOH A . 
D 4 HOH 217 2217 2217 HOH HOH A . 
D 4 HOH 218 2218 2218 HOH HOH A . 
D 4 HOH 219 2219 2219 HOH HOH A . 
D 4 HOH 220 2220 2220 HOH HOH A . 
D 4 HOH 221 2221 2221 HOH HOH A . 
D 4 HOH 222 2222 2222 HOH HOH A . 
D 4 HOH 223 2223 2223 HOH HOH A . 
D 4 HOH 224 2224 2224 HOH HOH A . 
D 4 HOH 225 2225 2225 HOH HOH A . 
D 4 HOH 226 2226 2226 HOH HOH A . 
D 4 HOH 227 2227 2227 HOH HOH A . 
D 4 HOH 228 2228 2228 HOH HOH A . 
D 4 HOH 229 2229 2229 HOH HOH A . 
D 4 HOH 230 2230 2230 HOH HOH A . 
D 4 HOH 231 2231 2231 HOH HOH A . 
D 4 HOH 232 2232 2232 HOH HOH A . 
D 4 HOH 233 2233 2233 HOH HOH A . 
D 4 HOH 234 2234 2234 HOH HOH A . 
D 4 HOH 235 2235 2235 HOH HOH A . 
D 4 HOH 236 2236 2236 HOH HOH A . 
D 4 HOH 237 2237 2237 HOH HOH A . 
D 4 HOH 238 2238 2238 HOH HOH A . 
D 4 HOH 239 2239 2239 HOH HOH A . 
D 4 HOH 240 2240 2240 HOH HOH A . 
D 4 HOH 241 2241 2241 HOH HOH A . 
D 4 HOH 242 2242 2242 HOH HOH A . 
D 4 HOH 243 2243 2243 HOH HOH A . 
D 4 HOH 244 2244 2244 HOH HOH A . 
D 4 HOH 245 2245 2245 HOH HOH A . 
D 4 HOH 246 2246 2246 HOH HOH A . 
D 4 HOH 247 2247 2247 HOH HOH A . 
D 4 HOH 248 2248 2248 HOH HOH A . 
D 4 HOH 249 2249 2249 HOH HOH A . 
D 4 HOH 250 2250 2250 HOH HOH A . 
D 4 HOH 251 2251 2251 HOH HOH A . 
D 4 HOH 252 2252 2252 HOH HOH A . 
D 4 HOH 253 2253 2253 HOH HOH A . 
D 4 HOH 254 2254 2254 HOH HOH A . 
D 4 HOH 255 2255 2255 HOH HOH A . 
D 4 HOH 256 2256 2256 HOH HOH A . 
D 4 HOH 257 2257 2257 HOH HOH A . 
D 4 HOH 258 2258 2258 HOH HOH A . 
D 4 HOH 259 2259 2259 HOH HOH A . 
D 4 HOH 260 2260 2260 HOH HOH A . 
D 4 HOH 261 2261 2261 HOH HOH A . 
D 4 HOH 262 2262 2262 HOH HOH A . 
D 4 HOH 263 2263 2263 HOH HOH A . 
D 4 HOH 264 2264 2264 HOH HOH A . 
D 4 HOH 265 2265 2265 HOH HOH A . 
D 4 HOH 266 2266 2266 HOH HOH A . 
D 4 HOH 267 2267 2267 HOH HOH A . 
D 4 HOH 268 2268 2268 HOH HOH A . 
D 4 HOH 269 2269 2269 HOH HOH A . 
D 4 HOH 270 2270 2270 HOH HOH A . 
D 4 HOH 271 2271 2271 HOH HOH A . 
D 4 HOH 272 2272 2272 HOH HOH A . 
D 4 HOH 273 2273 2273 HOH HOH A . 
D 4 HOH 274 2274 2274 HOH HOH A . 
D 4 HOH 275 2275 2275 HOH HOH A . 
D 4 HOH 276 2276 2276 HOH HOH A . 
D 4 HOH 277 2277 2277 HOH HOH A . 
D 4 HOH 278 2278 2278 HOH HOH A . 
D 4 HOH 279 2279 2279 HOH HOH A . 
D 4 HOH 280 2280 2280 HOH HOH A . 
D 4 HOH 281 2281 2281 HOH HOH A . 
D 4 HOH 282 2282 2282 HOH HOH A . 
D 4 HOH 283 2283 2283 HOH HOH A . 
D 4 HOH 284 2284 2284 HOH HOH A . 
D 4 HOH 285 2285 2285 HOH HOH A . 
D 4 HOH 286 2286 2286 HOH HOH A . 
D 4 HOH 287 2287 2287 HOH HOH A . 
D 4 HOH 288 2288 2288 HOH HOH A . 
D 4 HOH 289 2289 2289 HOH HOH A . 
D 4 HOH 290 2290 2290 HOH HOH A . 
D 4 HOH 291 2291 2291 HOH HOH A . 
D 4 HOH 292 2292 2292 HOH HOH A . 
D 4 HOH 293 2293 2293 HOH HOH A . 
D 4 HOH 294 2294 2294 HOH HOH A . 
D 4 HOH 295 2295 2295 HOH HOH A . 
D 4 HOH 296 2296 2296 HOH HOH A . 
D 4 HOH 297 2297 2297 HOH HOH A . 
D 4 HOH 298 2298 2298 HOH HOH A . 
D 4 HOH 299 2299 2299 HOH HOH A . 
D 4 HOH 300 2300 2300 HOH HOH A . 
D 4 HOH 301 2301 2301 HOH HOH A . 
D 4 HOH 302 2302 2302 HOH HOH A . 
D 4 HOH 303 2303 2303 HOH HOH A . 
D 4 HOH 304 2304 2304 HOH HOH A . 
D 4 HOH 305 2305 2305 HOH HOH A . 
D 4 HOH 306 2306 2306 HOH HOH A . 
D 4 HOH 307 2307 2307 HOH HOH A . 
# 
loop_
_software.name 
_software.classification 
_software.version 
_software.citation_id 
_software.pdbx_ordinal 
CNS       refinement       1.1 ? 1 
HKL-2000  'data reduction' .   ? 2 
SCALEPACK 'data scaling'   .   ? 3 
AMoRE     phasing          .   ? 4 
# 
_cell.entry_id           1UWF 
_cell.length_a           39.906 
_cell.length_b           41.636 
_cell.length_c           97.070 
_cell.angle_alpha        90.00 
_cell.angle_beta         90.00 
_cell.angle_gamma        90.00 
_cell.Z_PDB              4 
_cell.pdbx_unique_axis   ? 
# 
_symmetry.entry_id                         1UWF 
_symmetry.space_group_name_H-M             'P 21 21 21' 
_symmetry.pdbx_full_space_group_name_H-M   ? 
_symmetry.cell_setting                     ? 
_symmetry.Int_Tables_number                19 
# 
_exptl.entry_id          1UWF 
_exptl.method            'X-RAY DIFFRACTION' 
_exptl.crystals_number   1 
# 
_exptl_crystal.id                    1 
_exptl_crystal.density_meas          ? 
_exptl_crystal.density_Matthews      2.34 
_exptl_crystal.density_percent_sol   38.5 
_exptl_crystal.description           'DATA WERE COLLECTED AT THE APS, CHICAGO, USA' 
# 
_exptl_crystal_grow.crystal_id      1 
_exptl_crystal_grow.method          ? 
_exptl_crystal_grow.temp            ? 
_exptl_crystal_grow.temp_details    ? 
_exptl_crystal_grow.pH              7.50 
_exptl_crystal_grow.pdbx_pH_range   ? 
_exptl_crystal_grow.pdbx_details    '1.1 MM PROTEIN, 0.1 M HEPES PH 7.5, 10 % PEG6000, 5% V/V MPD' 
# 
_diffrn.id                     1 
_diffrn.ambient_temp           100.0 
_diffrn.ambient_temp_details   ? 
_diffrn.crystal_id             1 
# 
_diffrn_detector.diffrn_id              1 
_diffrn_detector.detector               CCD 
_diffrn_detector.type                   ? 
_diffrn_detector.pdbx_collection_date   2000-12-15 
_diffrn_detector.details                ? 
# 
_diffrn_radiation.diffrn_id                        1 
_diffrn_radiation.wavelength_id                    1 
_diffrn_radiation.pdbx_monochromatic_or_laue_m_l   M 
_diffrn_radiation.monochromator                    CARBON 
_diffrn_radiation.pdbx_diffrn_protocol             'SINGLE WAVELENGTH' 
_diffrn_radiation.pdbx_scattering_type             x-ray 
# 
_diffrn_radiation_wavelength.id           1 
_diffrn_radiation_wavelength.wavelength   1.488 
_diffrn_radiation_wavelength.wt           1.0 
# 
_diffrn_source.diffrn_id                   1 
_diffrn_source.source                      SYNCHROTRON 
_diffrn_source.type                        'APS BEAMLINE 19-BM' 
_diffrn_source.pdbx_synchrotron_site       APS 
_diffrn_source.pdbx_synchrotron_beamline   19-BM 
_diffrn_source.pdbx_wavelength             1.488 
_diffrn_source.pdbx_wavelength_list        ? 
# 
_reflns.pdbx_diffrn_id               1 
_reflns.pdbx_ordinal                 1 
_reflns.entry_id                     1UWF 
_reflns.observed_criterion_sigma_I   ? 
_reflns.observed_criterion_sigma_F   ? 
_reflns.d_resolution_low             39.000 
_reflns.d_resolution_high            1.690 
_reflns.number_obs                   18597 
_reflns.number_all                   ? 
_reflns.percent_possible_obs         98.8 
_reflns.pdbx_Rmerge_I_obs            0.05200 
_reflns.pdbx_Rsym_value              ? 
_reflns.pdbx_netI_over_sigmaI        27.2500 
_reflns.B_iso_Wilson_estimate        24.3 
_reflns.pdbx_redundancy              8.900 
# 
_reflns_shell.pdbx_diffrn_id         1 
_reflns_shell.pdbx_ordinal           1 
_reflns_shell.d_res_high             1.69 
_reflns_shell.d_res_low              1.73 
_reflns_shell.percent_possible_all   96.8 
_reflns_shell.Rmerge_I_obs           0.19600 
_reflns_shell.pdbx_Rsym_value        ? 
_reflns_shell.meanI_over_sigI_obs    8.200 
_reflns_shell.pdbx_redundancy        ? 
# 
_refine.pdbx_refine_id                           'X-RAY DIFFRACTION' 
_refine.entry_id                                 1UWF 
_refine.pdbx_diffrn_id                           1 
_refine.pdbx_TLS_residual_ADP_flag               ? 
_refine.ls_number_reflns_obs                     18545 
_refine.ls_number_reflns_all                     ? 
_refine.pdbx_ls_sigma_I                          ? 
_refine.pdbx_ls_sigma_F                          0.0 
_refine.pdbx_data_cutoff_high_absF               1034321.06 
_refine.pdbx_data_cutoff_low_absF                ? 
_refine.pdbx_data_cutoff_high_rms_absF           ? 
_refine.ls_d_res_low                             38.27 
_refine.ls_d_res_high                            1.69 
_refine.ls_percent_reflns_obs                    98.7 
_refine.ls_R_factor_obs                          0.1791 
_refine.ls_R_factor_all                          ? 
_refine.ls_R_factor_R_work                       0.1791 
_refine.ls_R_factor_R_free                       0.2181 
_refine.ls_R_factor_R_free_error                 0.006 
_refine.ls_R_factor_R_free_error_details         ? 
_refine.ls_percent_reflns_R_free                 8.4 
_refine.ls_number_reflns_R_free                  1564 
_refine.ls_number_parameters                     ? 
_refine.ls_number_restraints                     ? 
_refine.occupancy_min                            ? 
_refine.occupancy_max                            ? 
_refine.correlation_coeff_Fo_to_Fc               ? 
_refine.correlation_coeff_Fo_to_Fc_free          ? 
_refine.B_iso_mean                               16.8 
_refine.aniso_B[1][1]                            5.49 
_refine.aniso_B[2][2]                            -1.44 
_refine.aniso_B[3][3]                            -4.05 
_refine.aniso_B[1][2]                            0.00 
_refine.aniso_B[1][3]                            0.00 
_refine.aniso_B[2][3]                            0.00 
_refine.solvent_model_details                    'FLAT MODEL' 
_refine.solvent_model_param_ksol                 0.371833 
_refine.solvent_model_param_bsol                 76.7495 
_refine.pdbx_solvent_vdw_probe_radii             ? 
_refine.pdbx_solvent_ion_probe_radii             ? 
_refine.pdbx_solvent_shrinkage_radii             ? 
_refine.pdbx_ls_cross_valid_method               THROUGHOUT 
_refine.details                                  ? 
_refine.pdbx_starting_model                      'PDB ENTRY 1QUN' 
_refine.pdbx_method_to_determine_struct          'MOLECULAR REPLACEMENT' 
_refine.pdbx_isotropic_thermal_model             RESTRAINED 
_refine.pdbx_stereochemistry_target_values       ? 
_refine.pdbx_stereochem_target_val_spec_case     ? 
_refine.pdbx_R_Free_selection_details            RANDOM 
_refine.pdbx_overall_ESU_R                       ? 
_refine.pdbx_overall_ESU_R_Free                  ? 
_refine.overall_SU_ML                            ? 
_refine.pdbx_overall_phase_error                 ? 
_refine.overall_SU_B                             ? 
_refine.overall_SU_R_Cruickshank_DPI             ? 
_refine.pdbx_overall_SU_R_free_Cruickshank_DPI   ? 
_refine.pdbx_overall_SU_R_Blow_DPI               ? 
_refine.pdbx_overall_SU_R_free_Blow_DPI          ? 
# 
_refine_analyze.pdbx_refine_id                  'X-RAY DIFFRACTION' 
_refine_analyze.entry_id                        1UWF 
_refine_analyze.Luzzati_coordinate_error_obs    0.18 
_refine_analyze.Luzzati_sigma_a_obs             0.17 
_refine_analyze.Luzzati_d_res_low_obs           5.00 
_refine_analyze.Luzzati_coordinate_error_free   0.22 
_refine_analyze.Luzzati_sigma_a_free            0.16 
_refine_analyze.Luzzati_d_res_low_free          ? 
_refine_analyze.number_disordered_residues      ? 
_refine_analyze.occupancy_sum_hydrogen          ? 
_refine_analyze.occupancy_sum_non_hydrogen      ? 
# 
_refine_hist.pdbx_refine_id                   'X-RAY DIFFRACTION' 
_refine_hist.cycle_id                         LAST 
_refine_hist.pdbx_number_atoms_protein        1196 
_refine_hist.pdbx_number_atoms_nucleic_acid   0 
_refine_hist.pdbx_number_atoms_ligand         22 
_refine_hist.number_atoms_solvent             307 
_refine_hist.number_atoms_total               1525 
_refine_hist.d_res_high                       1.69 
_refine_hist.d_res_low                        38.27 
# 
loop_
_refine_ls_restr.type 
_refine_ls_restr.dev_ideal 
_refine_ls_restr.dev_ideal_target 
_refine_ls_restr.weight 
_refine_ls_restr.number 
_refine_ls_restr.pdbx_refine_id 
_refine_ls_restr.pdbx_restraint_function 
c_bond_d                0.006 ?    ? ? 'X-RAY DIFFRACTION' ? 
c_bond_d_na             ?     ?    ? ? 'X-RAY DIFFRACTION' ? 
c_bond_d_prot           ?     ?    ? ? 'X-RAY DIFFRACTION' ? 
c_angle_d               ?     ?    ? ? 'X-RAY DIFFRACTION' ? 
c_angle_d_na            ?     ?    ? ? 'X-RAY DIFFRACTION' ? 
c_angle_d_prot          ?     ?    ? ? 'X-RAY DIFFRACTION' ? 
c_angle_deg             1.5   ?    ? ? 'X-RAY DIFFRACTION' ? 
c_angle_deg_na          ?     ?    ? ? 'X-RAY DIFFRACTION' ? 
c_angle_deg_prot        ?     ?    ? ? 'X-RAY DIFFRACTION' ? 
c_dihedral_angle_d      27.4  ?    ? ? 'X-RAY DIFFRACTION' ? 
c_dihedral_angle_d_na   ?     ?    ? ? 'X-RAY DIFFRACTION' ? 
c_dihedral_angle_d_prot ?     ?    ? ? 'X-RAY DIFFRACTION' ? 
c_improper_angle_d      0.78  ?    ? ? 'X-RAY DIFFRACTION' ? 
c_improper_angle_d_na   ?     ?    ? ? 'X-RAY DIFFRACTION' ? 
c_improper_angle_d_prot ?     ?    ? ? 'X-RAY DIFFRACTION' ? 
c_mcbond_it             0.97  1.50 ? ? 'X-RAY DIFFRACTION' ? 
c_mcangle_it            1.45  2.00 ? ? 'X-RAY DIFFRACTION' ? 
c_scbond_it             1.60  2.00 ? ? 'X-RAY DIFFRACTION' ? 
c_scangle_it            2.19  2.50 ? ? 'X-RAY DIFFRACTION' ? 
# 
_refine_ls_shell.pdbx_refine_id                   'X-RAY DIFFRACTION' 
_refine_ls_shell.pdbx_total_number_of_bins_used   6 
_refine_ls_shell.d_res_high                       1.69 
_refine_ls_shell.d_res_low                        1.80 
_refine_ls_shell.number_reflns_R_work             2972 
_refine_ls_shell.R_factor_R_work                  0.257 
_refine_ls_shell.percent_reflns_obs               96.9 
_refine_ls_shell.R_factor_R_free                  0.454 
_refine_ls_shell.R_factor_R_free_error            0.137 
_refine_ls_shell.percent_reflns_R_free            0.4 
_refine_ls_shell.number_reflns_R_free             11 
_refine_ls_shell.number_reflns_all                ? 
_refine_ls_shell.R_factor_all                     ? 
# 
loop_
_pdbx_xplor_file.pdbx_refine_id 
_pdbx_xplor_file.serial_no 
_pdbx_xplor_file.param_file 
_pdbx_xplor_file.topol_file 
'X-RAY DIFFRACTION' 1 PROTEIN_REP.PARAM PROTEIN.TOP 
'X-RAY DIFFRACTION' 2 GOL.PAR           GOL.TOP     
'X-RAY DIFFRACTION' 3 WATER_REP.PARAM   WATER.TOP   
'X-RAY DIFFRACTION' 4 DEG.PAR           DEG.TOP     
# 
_struct.entry_id                  1UWF 
_struct.title                     
'1.7 A resolution structure of the receptor binding domain of the FimH adhesin from uropathogenic E. coli' 
_struct.pdbx_model_details        ? 
_struct.pdbx_CASP_flag            ? 
_struct.pdbx_model_type_details   ? 
# 
_struct_keywords.entry_id        1UWF 
_struct_keywords.pdbx_keywords   'CELL ADHESION' 
_struct_keywords.text            
'BACTERIAL ADHESIN, CARBOHYDRATE RECOGNITION, ADHERENCE TO MAMMALIAN CELLS, IG-VARIABLE FOLD, CELL ADHESION' 
# 
loop_
_struct_asym.id 
_struct_asym.pdbx_blank_PDB_chainid_flag 
_struct_asym.pdbx_modified 
_struct_asym.entity_id 
_struct_asym.details 
A N N 1 ? 
B N N 2 ? 
C N N 3 ? 
D N N 4 ? 
# 
_struct_ref.id                         1 
_struct_ref.db_name                    UNP 
_struct_ref.db_code                    FIMH_ECOLI 
_struct_ref.entity_id                  1 
_struct_ref.pdbx_seq_one_letter_code   ? 
_struct_ref.pdbx_align_begin           ? 
_struct_ref.pdbx_db_accession          P08191 
_struct_ref.pdbx_db_isoform            ? 
# 
_struct_ref_seq.align_id                      1 
_struct_ref_seq.ref_id                        1 
_struct_ref_seq.pdbx_PDB_id_code              1UWF 
_struct_ref_seq.pdbx_strand_id                A 
_struct_ref_seq.seq_align_beg                 1 
_struct_ref_seq.pdbx_seq_align_beg_ins_code   ? 
_struct_ref_seq.seq_align_end                 158 
_struct_ref_seq.pdbx_seq_align_end_ins_code   ? 
_struct_ref_seq.pdbx_db_accession             P08191 
_struct_ref_seq.db_align_beg                  22 
_struct_ref_seq.pdbx_db_align_beg_ins_code    ? 
_struct_ref_seq.db_align_end                  179 
_struct_ref_seq.pdbx_db_align_end_ins_code    ? 
_struct_ref_seq.pdbx_auth_seq_align_beg       1 
_struct_ref_seq.pdbx_auth_seq_align_end       158 
# 
_pdbx_struct_assembly.id                   1 
_pdbx_struct_assembly.details              author_and_software_defined_assembly 
_pdbx_struct_assembly.method_details       PQS 
_pdbx_struct_assembly.oligomeric_details   monomeric 
_pdbx_struct_assembly.oligomeric_count     1 
# 
_pdbx_struct_assembly_gen.assembly_id       1 
_pdbx_struct_assembly_gen.oper_expression   1 
_pdbx_struct_assembly_gen.asym_id_list      A,B,C,D 
# 
_pdbx_struct_oper_list.id                   1 
_pdbx_struct_oper_list.type                 'identity operation' 
_pdbx_struct_oper_list.name                 1_555 
_pdbx_struct_oper_list.symmetry_operation   x,y,z 
_pdbx_struct_oper_list.matrix[1][1]         1.0000000000 
_pdbx_struct_oper_list.matrix[1][2]         0.0000000000 
_pdbx_struct_oper_list.matrix[1][3]         0.0000000000 
_pdbx_struct_oper_list.vector[1]            0.0000000000 
_pdbx_struct_oper_list.matrix[2][1]         0.0000000000 
_pdbx_struct_oper_list.matrix[2][2]         1.0000000000 
_pdbx_struct_oper_list.matrix[2][3]         0.0000000000 
_pdbx_struct_oper_list.vector[2]            0.0000000000 
_pdbx_struct_oper_list.matrix[3][1]         0.0000000000 
_pdbx_struct_oper_list.matrix[3][2]         0.0000000000 
_pdbx_struct_oper_list.matrix[3][3]         1.0000000000 
_pdbx_struct_oper_list.vector[3]            0.0000000000 
# 
_struct_biol.id   1 
# 
_struct_conf.conf_type_id            HELX_P 
_struct_conf.id                      HELX_P1 
_struct_conf.pdbx_PDB_helix_id       1 
_struct_conf.beg_label_comp_id       TYR 
_struct_conf.beg_label_asym_id       A 
_struct_conf.beg_label_seq_id        64 
_struct_conf.pdbx_beg_PDB_ins_code   ? 
_struct_conf.end_label_comp_id       ASN 
_struct_conf.end_label_asym_id       A 
_struct_conf.end_label_seq_id        70 
_struct_conf.pdbx_end_PDB_ins_code   ? 
_struct_conf.beg_auth_comp_id        TYR 
_struct_conf.beg_auth_asym_id        A 
_struct_conf.beg_auth_seq_id         64 
_struct_conf.end_auth_comp_id        ASN 
_struct_conf.end_auth_asym_id        A 
_struct_conf.end_auth_seq_id         70 
_struct_conf.pdbx_PDB_helix_class    1 
_struct_conf.details                 ? 
_struct_conf.pdbx_PDB_helix_length   7 
# 
_struct_conf_type.id          HELX_P 
_struct_conf_type.criteria    ? 
_struct_conf_type.reference   ? 
# 
_struct_conn.id                            disulf1 
_struct_conn.conn_type_id                  disulf 
_struct_conn.pdbx_leaving_atom_flag        ? 
_struct_conn.pdbx_PDB_id                   ? 
_struct_conn.ptnr1_label_asym_id           A 
_struct_conn.ptnr1_label_comp_id           CYS 
_struct_conn.ptnr1_label_seq_id            3 
_struct_conn.ptnr1_label_atom_id           SG 
_struct_conn.pdbx_ptnr1_label_alt_id       ? 
_struct_conn.pdbx_ptnr1_PDB_ins_code       ? 
_struct_conn.pdbx_ptnr1_standard_comp_id   ? 
_struct_conn.ptnr1_symmetry                1_555 
_struct_conn.ptnr2_label_asym_id           A 
_struct_conn.ptnr2_label_comp_id           CYS 
_struct_conn.ptnr2_label_seq_id            44 
_struct_conn.ptnr2_label_atom_id           SG 
_struct_conn.pdbx_ptnr2_label_alt_id       ? 
_struct_conn.pdbx_ptnr2_PDB_ins_code       ? 
_struct_conn.ptnr1_auth_asym_id            A 
_struct_conn.ptnr1_auth_comp_id            CYS 
_struct_conn.ptnr1_auth_seq_id             3 
_struct_conn.ptnr2_auth_asym_id            A 
_struct_conn.ptnr2_auth_comp_id            CYS 
_struct_conn.ptnr2_auth_seq_id             44 
_struct_conn.ptnr2_symmetry                1_555 
_struct_conn.pdbx_ptnr3_label_atom_id      ? 
_struct_conn.pdbx_ptnr3_label_seq_id       ? 
_struct_conn.pdbx_ptnr3_label_comp_id      ? 
_struct_conn.pdbx_ptnr3_label_asym_id      ? 
_struct_conn.pdbx_ptnr3_label_alt_id       ? 
_struct_conn.pdbx_ptnr3_PDB_ins_code       ? 
_struct_conn.details                       ? 
_struct_conn.pdbx_dist_value               2.038 
_struct_conn.pdbx_value_order              ? 
_struct_conn.pdbx_role                     ? 
# 
_struct_conn_type.id          disulf 
_struct_conn_type.criteria    ? 
_struct_conn_type.reference   ? 
# 
_pdbx_modification_feature.ordinal                            1 
_pdbx_modification_feature.label_comp_id                      CYS 
_pdbx_modification_feature.label_asym_id                      A 
_pdbx_modification_feature.label_seq_id                       3 
_pdbx_modification_feature.label_alt_id                       ? 
_pdbx_modification_feature.modified_residue_label_comp_id     CYS 
_pdbx_modification_feature.modified_residue_label_asym_id     A 
_pdbx_modification_feature.modified_residue_label_seq_id      44 
_pdbx_modification_feature.modified_residue_label_alt_id      ? 
_pdbx_modification_feature.auth_comp_id                       CYS 
_pdbx_modification_feature.auth_asym_id                       A 
_pdbx_modification_feature.auth_seq_id                        3 
_pdbx_modification_feature.PDB_ins_code                       ? 
_pdbx_modification_feature.symmetry                           1_555 
_pdbx_modification_feature.modified_residue_auth_comp_id      CYS 
_pdbx_modification_feature.modified_residue_auth_asym_id      A 
_pdbx_modification_feature.modified_residue_auth_seq_id       44 
_pdbx_modification_feature.modified_residue_PDB_ins_code      ? 
_pdbx_modification_feature.modified_residue_symmetry          1_555 
_pdbx_modification_feature.comp_id_linking_atom               SG 
_pdbx_modification_feature.modified_residue_id_linking_atom   SG 
_pdbx_modification_feature.modified_residue_id                . 
_pdbx_modification_feature.ref_pcm_id                         . 
_pdbx_modification_feature.ref_comp_id                        . 
_pdbx_modification_feature.type                               None 
_pdbx_modification_feature.category                           'Disulfide bridge' 
# 
_struct_mon_prot_cis.pdbx_id                1 
_struct_mon_prot_cis.label_comp_id          PHE 
_struct_mon_prot_cis.label_seq_id           84 
_struct_mon_prot_cis.label_asym_id          A 
_struct_mon_prot_cis.label_alt_id           . 
_struct_mon_prot_cis.pdbx_PDB_ins_code      ? 
_struct_mon_prot_cis.auth_comp_id           PHE 
_struct_mon_prot_cis.auth_seq_id            84 
_struct_mon_prot_cis.auth_asym_id           A 
_struct_mon_prot_cis.pdbx_label_comp_id_2   PRO 
_struct_mon_prot_cis.pdbx_label_seq_id_2    85 
_struct_mon_prot_cis.pdbx_label_asym_id_2   A 
_struct_mon_prot_cis.pdbx_PDB_ins_code_2    ? 
_struct_mon_prot_cis.pdbx_auth_comp_id_2    PRO 
_struct_mon_prot_cis.pdbx_auth_seq_id_2     85 
_struct_mon_prot_cis.pdbx_auth_asym_id_2    A 
_struct_mon_prot_cis.pdbx_PDB_model_num     1 
_struct_mon_prot_cis.pdbx_omega_angle       0.01 
# 
loop_
_struct_sheet.id 
_struct_sheet.type 
_struct_sheet.number_strands 
_struct_sheet.details 
AA ? 4 ? 
AB ? 5 ? 
AC ? 4 ? 
AD ? 2 ? 
# 
loop_
_struct_sheet_order.sheet_id 
_struct_sheet_order.range_id_1 
_struct_sheet_order.range_id_2 
_struct_sheet_order.offset 
_struct_sheet_order.sense 
AA 1 2 ? anti-parallel 
AA 2 3 ? anti-parallel 
AA 3 4 ? anti-parallel 
AB 1 2 ? parallel      
AB 2 3 ? anti-parallel 
AB 3 4 ? anti-parallel 
AB 4 5 ? anti-parallel 
AC 1 2 ? anti-parallel 
AC 2 3 ? anti-parallel 
AC 3 4 ? anti-parallel 
AD 1 2 ? anti-parallel 
# 
loop_
_struct_sheet_range.sheet_id 
_struct_sheet_range.id 
_struct_sheet_range.beg_label_comp_id 
_struct_sheet_range.beg_label_asym_id 
_struct_sheet_range.beg_label_seq_id 
_struct_sheet_range.pdbx_beg_PDB_ins_code 
_struct_sheet_range.end_label_comp_id 
_struct_sheet_range.end_label_asym_id 
_struct_sheet_range.end_label_seq_id 
_struct_sheet_range.pdbx_end_PDB_ins_code 
_struct_sheet_range.beg_auth_comp_id 
_struct_sheet_range.beg_auth_asym_id 
_struct_sheet_range.beg_auth_seq_id 
_struct_sheet_range.end_auth_comp_id 
_struct_sheet_range.end_auth_asym_id 
_struct_sheet_range.end_auth_seq_id 
AA 1 ALA A 10  ? ILE A 11  ? ALA A 10  ILE A 11  
AA 2 ALA A 2   ? THR A 5   ? ALA A 2   THR A 5   
AA 3 ILE A 42  ? HIS A 45  ? ILE A 42  HIS A 45  
AA 4 LYS A 101 ? PRO A 102 ? LYS A 101 PRO A 102 
AB 1 GLY A 16  ? VAL A 22  ? GLY A 16  VAL A 22  
AB 2 PHE A 142 ? ALA A 150 ? PHE A 142 ALA A 150 
AB 3 LEU A 125 ? ASN A 135 ? LEU A 125 ASN A 135 
AB 4 ASP A 54  ? ALA A 63  ? ASP A 54  ALA A 63  
AB 5 VAL A 93  ? TYR A 95  ? VAL A 93  TYR A 95  
AC 1 LEU A 34  ? ASP A 37  ? LEU A 34  ASP A 37  
AC 2 VAL A 105 ? PRO A 111 ? VAL A 105 PRO A 111 
AC 3 PHE A 71  ? TYR A 77  ? PHE A 71  TYR A 77  
AC 4 SER A 80  ? PHE A 84  ? SER A 80  PHE A 84  
AD 1 GLY A 117 ? ILE A 120 ? GLY A 117 ILE A 120 
AD 2 VAL A 154 ? VAL A 156 ? VAL A 154 VAL A 156 
# 
loop_
_pdbx_struct_sheet_hbond.sheet_id 
_pdbx_struct_sheet_hbond.range_id_1 
_pdbx_struct_sheet_hbond.range_id_2 
_pdbx_struct_sheet_hbond.range_1_label_atom_id 
_pdbx_struct_sheet_hbond.range_1_label_comp_id 
_pdbx_struct_sheet_hbond.range_1_label_asym_id 
_pdbx_struct_sheet_hbond.range_1_label_seq_id 
_pdbx_struct_sheet_hbond.range_1_PDB_ins_code 
_pdbx_struct_sheet_hbond.range_1_auth_atom_id 
_pdbx_struct_sheet_hbond.range_1_auth_comp_id 
_pdbx_struct_sheet_hbond.range_1_auth_asym_id 
_pdbx_struct_sheet_hbond.range_1_auth_seq_id 
_pdbx_struct_sheet_hbond.range_2_label_atom_id 
_pdbx_struct_sheet_hbond.range_2_label_comp_id 
_pdbx_struct_sheet_hbond.range_2_label_asym_id 
_pdbx_struct_sheet_hbond.range_2_label_seq_id 
_pdbx_struct_sheet_hbond.range_2_PDB_ins_code 
_pdbx_struct_sheet_hbond.range_2_auth_atom_id 
_pdbx_struct_sheet_hbond.range_2_auth_comp_id 
_pdbx_struct_sheet_hbond.range_2_auth_asym_id 
_pdbx_struct_sheet_hbond.range_2_auth_seq_id 
AA 1 2 N ILE A 11  ? N ILE A 11  O CYS A 3   ? O CYS A 3   
AA 2 3 N LYS A 4   ? N LYS A 4   O PHE A 43  ? O PHE A 43  
AA 3 4 N CYS A 44  ? N CYS A 44  O LYS A 101 ? O LYS A 101 
AB 1 2 N GLY A 16  ? N GLY A 16  O GLN A 143 ? O GLN A 143 
AB 2 3 O ILE A 148 ? O ILE A 148 N ILE A 126 ? N ILE A 126 
AB 3 4 N THR A 134 ? N THR A 134 O TYR A 55  ? O TYR A 55  
AB 4 5 N VAL A 56  ? N VAL A 56  O VAL A 93  ? O VAL A 93  
AC 1 2 N VAL A 36  ? N VAL A 36  O LEU A 107 ? O LEU A 107 
AC 2 3 N THR A 110 ? N THR A 110 O SER A 72  ? O SER A 72  
AC 3 4 N TYR A 77  ? N TYR A 77  O SER A 80  ? O SER A 80  
AD 1 2 N ALA A 119 ? N ALA A 119 O VAL A 154 ? O VAL A 154 
# 
_pdbx_entry_details.entry_id                   1UWF 
_pdbx_entry_details.compound_details           
;RESIDUES 22-179 IN THE COMPND RECORD CORRESPOND TO RESIDUES
1-158 OF THE MATURE FIMH PROTEIN AND THUS TO THE LECTIN DOMAIN
OF THE ADHESIN.
;
_pdbx_entry_details.source_details             ? 
_pdbx_entry_details.nonpolymer_details         ? 
_pdbx_entry_details.sequence_details           ? 
_pdbx_entry_details.has_ligand_of_interest     ? 
_pdbx_entry_details.has_protein_modification   Y 
# 
_pdbx_validate_torsion.id              1 
_pdbx_validate_torsion.PDB_model_num   1 
_pdbx_validate_torsion.auth_comp_id    TYR 
_pdbx_validate_torsion.auth_asym_id    A 
_pdbx_validate_torsion.auth_seq_id     48 
_pdbx_validate_torsion.PDB_ins_code    ? 
_pdbx_validate_torsion.label_alt_id    ? 
_pdbx_validate_torsion.phi             -151.20 
_pdbx_validate_torsion.psi             54.76 
# 
loop_
_pdbx_distant_solvent_atoms.id 
_pdbx_distant_solvent_atoms.PDB_model_num 
_pdbx_distant_solvent_atoms.auth_atom_id 
_pdbx_distant_solvent_atoms.label_alt_id 
_pdbx_distant_solvent_atoms.auth_asym_id 
_pdbx_distant_solvent_atoms.auth_comp_id 
_pdbx_distant_solvent_atoms.auth_seq_id 
_pdbx_distant_solvent_atoms.PDB_ins_code 
_pdbx_distant_solvent_atoms.neighbor_macromolecule_distance 
_pdbx_distant_solvent_atoms.neighbor_ligand_distance 
1 1 O ? A HOH 2046 ? 6.38 . 
2 1 O ? A HOH 2086 ? 5.85 . 
# 
loop_
_chem_comp_atom.comp_id 
_chem_comp_atom.atom_id 
_chem_comp_atom.type_symbol 
_chem_comp_atom.pdbx_aromatic_flag 
_chem_comp_atom.pdbx_stereo_config 
_chem_comp_atom.pdbx_ordinal 
ALA N      N N N 1   
ALA CA     C N S 2   
ALA C      C N N 3   
ALA O      O N N 4   
ALA CB     C N N 5   
ALA OXT    O N N 6   
ALA H      H N N 7   
ALA H2     H N N 8   
ALA HA     H N N 9   
ALA HB1    H N N 10  
ALA HB2    H N N 11  
ALA HB3    H N N 12  
ALA HXT    H N N 13  
ARG N      N N N 14  
ARG CA     C N S 15  
ARG C      C N N 16  
ARG O      O N N 17  
ARG CB     C N N 18  
ARG CG     C N N 19  
ARG CD     C N N 20  
ARG NE     N N N 21  
ARG CZ     C N N 22  
ARG NH1    N N N 23  
ARG NH2    N N N 24  
ARG OXT    O N N 25  
ARG H      H N N 26  
ARG H2     H N N 27  
ARG HA     H N N 28  
ARG HB2    H N N 29  
ARG HB3    H N N 30  
ARG HG2    H N N 31  
ARG HG3    H N N 32  
ARG HD2    H N N 33  
ARG HD3    H N N 34  
ARG HE     H N N 35  
ARG HH11   H N N 36  
ARG HH12   H N N 37  
ARG HH21   H N N 38  
ARG HH22   H N N 39  
ARG HXT    H N N 40  
ASN N      N N N 41  
ASN CA     C N S 42  
ASN C      C N N 43  
ASN O      O N N 44  
ASN CB     C N N 45  
ASN CG     C N N 46  
ASN OD1    O N N 47  
ASN ND2    N N N 48  
ASN OXT    O N N 49  
ASN H      H N N 50  
ASN H2     H N N 51  
ASN HA     H N N 52  
ASN HB2    H N N 53  
ASN HB3    H N N 54  
ASN HD21   H N N 55  
ASN HD22   H N N 56  
ASN HXT    H N N 57  
ASP N      N N N 58  
ASP CA     C N S 59  
ASP C      C N N 60  
ASP O      O N N 61  
ASP CB     C N N 62  
ASP CG     C N N 63  
ASP OD1    O N N 64  
ASP OD2    O N N 65  
ASP OXT    O N N 66  
ASP H      H N N 67  
ASP H2     H N N 68  
ASP HA     H N N 69  
ASP HB2    H N N 70  
ASP HB3    H N N 71  
ASP HD2    H N N 72  
ASP HXT    H N N 73  
CYS N      N N N 74  
CYS CA     C N R 75  
CYS C      C N N 76  
CYS O      O N N 77  
CYS CB     C N N 78  
CYS SG     S N N 79  
CYS OXT    O N N 80  
CYS H      H N N 81  
CYS H2     H N N 82  
CYS HA     H N N 83  
CYS HB2    H N N 84  
CYS HB3    H N N 85  
CYS HG     H N N 86  
CYS HXT    H N N 87  
DEG "C3'"  C N N 88  
DEG "C4'"  C N N 89  
DEG "C1'"  C N N 90  
DEG "C2'"  C N N 91  
DEG C2     C N S 92  
DEG O2     O N N 93  
DEG C3     C N S 94  
DEG O3     O N N 95  
DEG C4     C N S 96  
DEG O4     O N N 97  
DEG C5     C N R 98  
DEG O5     O N N 99  
DEG C6     C N N 100 
DEG O6     O N N 101 
DEG O1     O N N 102 
DEG C1     C N S 103 
DEG "H3'1" H N N 104 
DEG "H3'2" H N N 105 
DEG "H4'1" H N N 106 
DEG "H4'2" H N N 107 
DEG "H4'3" H N N 108 
DEG "H1'1" H N N 109 
DEG "H1'2" H N N 110 
DEG "H2'1" H N N 111 
DEG "H2'2" H N N 112 
DEG H2     H N N 113 
DEG HO2    H N N 114 
DEG H3     H N N 115 
DEG HO3    H N N 116 
DEG H4     H N N 117 
DEG HO4    H N N 118 
DEG H5     H N N 119 
DEG H61    H N N 120 
DEG H62    H N N 121 
DEG HO6    H N N 122 
DEG H1     H N N 123 
GLN N      N N N 124 
GLN CA     C N S 125 
GLN C      C N N 126 
GLN O      O N N 127 
GLN CB     C N N 128 
GLN CG     C N N 129 
GLN CD     C N N 130 
GLN OE1    O N N 131 
GLN NE2    N N N 132 
GLN OXT    O N N 133 
GLN H      H N N 134 
GLN H2     H N N 135 
GLN HA     H N N 136 
GLN HB2    H N N 137 
GLN HB3    H N N 138 
GLN HG2    H N N 139 
GLN HG3    H N N 140 
GLN HE21   H N N 141 
GLN HE22   H N N 142 
GLN HXT    H N N 143 
GLU N      N N N 144 
GLU CA     C N S 145 
GLU C      C N N 146 
GLU O      O N N 147 
GLU CB     C N N 148 
GLU CG     C N N 149 
GLU CD     C N N 150 
GLU OE1    O N N 151 
GLU OE2    O N N 152 
GLU OXT    O N N 153 
GLU H      H N N 154 
GLU H2     H N N 155 
GLU HA     H N N 156 
GLU HB2    H N N 157 
GLU HB3    H N N 158 
GLU HG2    H N N 159 
GLU HG3    H N N 160 
GLU HE2    H N N 161 
GLU HXT    H N N 162 
GLY N      N N N 163 
GLY CA     C N N 164 
GLY C      C N N 165 
GLY O      O N N 166 
GLY OXT    O N N 167 
GLY H      H N N 168 
GLY H2     H N N 169 
GLY HA2    H N N 170 
GLY HA3    H N N 171 
GLY HXT    H N N 172 
GOL C1     C N N 173 
GOL O1     O N N 174 
GOL C2     C N N 175 
GOL O2     O N N 176 
GOL C3     C N N 177 
GOL O3     O N N 178 
GOL H11    H N N 179 
GOL H12    H N N 180 
GOL HO1    H N N 181 
GOL H2     H N N 182 
GOL HO2    H N N 183 
GOL H31    H N N 184 
GOL H32    H N N 185 
GOL HO3    H N N 186 
HIS N      N N N 187 
HIS CA     C N S 188 
HIS C      C N N 189 
HIS O      O N N 190 
HIS CB     C N N 191 
HIS CG     C Y N 192 
HIS ND1    N Y N 193 
HIS CD2    C Y N 194 
HIS CE1    C Y N 195 
HIS NE2    N Y N 196 
HIS OXT    O N N 197 
HIS H      H N N 198 
HIS H2     H N N 199 
HIS HA     H N N 200 
HIS HB2    H N N 201 
HIS HB3    H N N 202 
HIS HD1    H N N 203 
HIS HD2    H N N 204 
HIS HE1    H N N 205 
HIS HE2    H N N 206 
HIS HXT    H N N 207 
HOH O      O N N 208 
HOH H1     H N N 209 
HOH H2     H N N 210 
ILE N      N N N 211 
ILE CA     C N S 212 
ILE C      C N N 213 
ILE O      O N N 214 
ILE CB     C N S 215 
ILE CG1    C N N 216 
ILE CG2    C N N 217 
ILE CD1    C N N 218 
ILE OXT    O N N 219 
ILE H      H N N 220 
ILE H2     H N N 221 
ILE HA     H N N 222 
ILE HB     H N N 223 
ILE HG12   H N N 224 
ILE HG13   H N N 225 
ILE HG21   H N N 226 
ILE HG22   H N N 227 
ILE HG23   H N N 228 
ILE HD11   H N N 229 
ILE HD12   H N N 230 
ILE HD13   H N N 231 
ILE HXT    H N N 232 
LEU N      N N N 233 
LEU CA     C N S 234 
LEU C      C N N 235 
LEU O      O N N 236 
LEU CB     C N N 237 
LEU CG     C N N 238 
LEU CD1    C N N 239 
LEU CD2    C N N 240 
LEU OXT    O N N 241 
LEU H      H N N 242 
LEU H2     H N N 243 
LEU HA     H N N 244 
LEU HB2    H N N 245 
LEU HB3    H N N 246 
LEU HG     H N N 247 
LEU HD11   H N N 248 
LEU HD12   H N N 249 
LEU HD13   H N N 250 
LEU HD21   H N N 251 
LEU HD22   H N N 252 
LEU HD23   H N N 253 
LEU HXT    H N N 254 
LYS N      N N N 255 
LYS CA     C N S 256 
LYS C      C N N 257 
LYS O      O N N 258 
LYS CB     C N N 259 
LYS CG     C N N 260 
LYS CD     C N N 261 
LYS CE     C N N 262 
LYS NZ     N N N 263 
LYS OXT    O N N 264 
LYS H      H N N 265 
LYS H2     H N N 266 
LYS HA     H N N 267 
LYS HB2    H N N 268 
LYS HB3    H N N 269 
LYS HG2    H N N 270 
LYS HG3    H N N 271 
LYS HD2    H N N 272 
LYS HD3    H N N 273 
LYS HE2    H N N 274 
LYS HE3    H N N 275 
LYS HZ1    H N N 276 
LYS HZ2    H N N 277 
LYS HZ3    H N N 278 
LYS HXT    H N N 279 
PHE N      N N N 280 
PHE CA     C N S 281 
PHE C      C N N 282 
PHE O      O N N 283 
PHE CB     C N N 284 
PHE CG     C Y N 285 
PHE CD1    C Y N 286 
PHE CD2    C Y N 287 
PHE CE1    C Y N 288 
PHE CE2    C Y N 289 
PHE CZ     C Y N 290 
PHE OXT    O N N 291 
PHE H      H N N 292 
PHE H2     H N N 293 
PHE HA     H N N 294 
PHE HB2    H N N 295 
PHE HB3    H N N 296 
PHE HD1    H N N 297 
PHE HD2    H N N 298 
PHE HE1    H N N 299 
PHE HE2    H N N 300 
PHE HZ     H N N 301 
PHE HXT    H N N 302 
PRO N      N N N 303 
PRO CA     C N S 304 
PRO C      C N N 305 
PRO O      O N N 306 
PRO CB     C N N 307 
PRO CG     C N N 308 
PRO CD     C N N 309 
PRO OXT    O N N 310 
PRO H      H N N 311 
PRO HA     H N N 312 
PRO HB2    H N N 313 
PRO HB3    H N N 314 
PRO HG2    H N N 315 
PRO HG3    H N N 316 
PRO HD2    H N N 317 
PRO HD3    H N N 318 
PRO HXT    H N N 319 
SER N      N N N 320 
SER CA     C N S 321 
SER C      C N N 322 
SER O      O N N 323 
SER CB     C N N 324 
SER OG     O N N 325 
SER OXT    O N N 326 
SER H      H N N 327 
SER H2     H N N 328 
SER HA     H N N 329 
SER HB2    H N N 330 
SER HB3    H N N 331 
SER HG     H N N 332 
SER HXT    H N N 333 
THR N      N N N 334 
THR CA     C N S 335 
THR C      C N N 336 
THR O      O N N 337 
THR CB     C N R 338 
THR OG1    O N N 339 
THR CG2    C N N 340 
THR OXT    O N N 341 
THR H      H N N 342 
THR H2     H N N 343 
THR HA     H N N 344 
THR HB     H N N 345 
THR HG1    H N N 346 
THR HG21   H N N 347 
THR HG22   H N N 348 
THR HG23   H N N 349 
THR HXT    H N N 350 
TRP N      N N N 351 
TRP CA     C N S 352 
TRP C      C N N 353 
TRP O      O N N 354 
TRP CB     C N N 355 
TRP CG     C Y N 356 
TRP CD1    C Y N 357 
TRP CD2    C Y N 358 
TRP NE1    N Y N 359 
TRP CE2    C Y N 360 
TRP CE3    C Y N 361 
TRP CZ2    C Y N 362 
TRP CZ3    C Y N 363 
TRP CH2    C Y N 364 
TRP OXT    O N N 365 
TRP H      H N N 366 
TRP H2     H N N 367 
TRP HA     H N N 368 
TRP HB2    H N N 369 
TRP HB3    H N N 370 
TRP HD1    H N N 371 
TRP HE1    H N N 372 
TRP HE3    H N N 373 
TRP HZ2    H N N 374 
TRP HZ3    H N N 375 
TRP HH2    H N N 376 
TRP HXT    H N N 377 
TYR N      N N N 378 
TYR CA     C N S 379 
TYR C      C N N 380 
TYR O      O N N 381 
TYR CB     C N N 382 
TYR CG     C Y N 383 
TYR CD1    C Y N 384 
TYR CD2    C Y N 385 
TYR CE1    C Y N 386 
TYR CE2    C Y N 387 
TYR CZ     C Y N 388 
TYR OH     O N N 389 
TYR OXT    O N N 390 
TYR H      H N N 391 
TYR H2     H N N 392 
TYR HA     H N N 393 
TYR HB2    H N N 394 
TYR HB3    H N N 395 
TYR HD1    H N N 396 
TYR HD2    H N N 397 
TYR HE1    H N N 398 
TYR HE2    H N N 399 
TYR HH     H N N 400 
TYR HXT    H N N 401 
VAL N      N N N 402 
VAL CA     C N S 403 
VAL C      C N N 404 
VAL O      O N N 405 
VAL CB     C N N 406 
VAL CG1    C N N 407 
VAL CG2    C N N 408 
VAL OXT    O N N 409 
VAL H      H N N 410 
VAL H2     H N N 411 
VAL HA     H N N 412 
VAL HB     H N N 413 
VAL HG11   H N N 414 
VAL HG12   H N N 415 
VAL HG13   H N N 416 
VAL HG21   H N N 417 
VAL HG22   H N N 418 
VAL HG23   H N N 419 
VAL HXT    H N N 420 
# 
loop_
_chem_comp_bond.comp_id 
_chem_comp_bond.atom_id_1 
_chem_comp_bond.atom_id_2 
_chem_comp_bond.value_order 
_chem_comp_bond.pdbx_aromatic_flag 
_chem_comp_bond.pdbx_stereo_config 
_chem_comp_bond.pdbx_ordinal 
ALA N     CA     sing N N 1   
ALA N     H      sing N N 2   
ALA N     H2     sing N N 3   
ALA CA    C      sing N N 4   
ALA CA    CB     sing N N 5   
ALA CA    HA     sing N N 6   
ALA C     O      doub N N 7   
ALA C     OXT    sing N N 8   
ALA CB    HB1    sing N N 9   
ALA CB    HB2    sing N N 10  
ALA CB    HB3    sing N N 11  
ALA OXT   HXT    sing N N 12  
ARG N     CA     sing N N 13  
ARG N     H      sing N N 14  
ARG N     H2     sing N N 15  
ARG CA    C      sing N N 16  
ARG CA    CB     sing N N 17  
ARG CA    HA     sing N N 18  
ARG C     O      doub N N 19  
ARG C     OXT    sing N N 20  
ARG CB    CG     sing N N 21  
ARG CB    HB2    sing N N 22  
ARG CB    HB3    sing N N 23  
ARG CG    CD     sing N N 24  
ARG CG    HG2    sing N N 25  
ARG CG    HG3    sing N N 26  
ARG CD    NE     sing N N 27  
ARG CD    HD2    sing N N 28  
ARG CD    HD3    sing N N 29  
ARG NE    CZ     sing N N 30  
ARG NE    HE     sing N N 31  
ARG CZ    NH1    sing N N 32  
ARG CZ    NH2    doub N N 33  
ARG NH1   HH11   sing N N 34  
ARG NH1   HH12   sing N N 35  
ARG NH2   HH21   sing N N 36  
ARG NH2   HH22   sing N N 37  
ARG OXT   HXT    sing N N 38  
ASN N     CA     sing N N 39  
ASN N     H      sing N N 40  
ASN N     H2     sing N N 41  
ASN CA    C      sing N N 42  
ASN CA    CB     sing N N 43  
ASN CA    HA     sing N N 44  
ASN C     O      doub N N 45  
ASN C     OXT    sing N N 46  
ASN CB    CG     sing N N 47  
ASN CB    HB2    sing N N 48  
ASN CB    HB3    sing N N 49  
ASN CG    OD1    doub N N 50  
ASN CG    ND2    sing N N 51  
ASN ND2   HD21   sing N N 52  
ASN ND2   HD22   sing N N 53  
ASN OXT   HXT    sing N N 54  
ASP N     CA     sing N N 55  
ASP N     H      sing N N 56  
ASP N     H2     sing N N 57  
ASP CA    C      sing N N 58  
ASP CA    CB     sing N N 59  
ASP CA    HA     sing N N 60  
ASP C     O      doub N N 61  
ASP C     OXT    sing N N 62  
ASP CB    CG     sing N N 63  
ASP CB    HB2    sing N N 64  
ASP CB    HB3    sing N N 65  
ASP CG    OD1    doub N N 66  
ASP CG    OD2    sing N N 67  
ASP OD2   HD2    sing N N 68  
ASP OXT   HXT    sing N N 69  
CYS N     CA     sing N N 70  
CYS N     H      sing N N 71  
CYS N     H2     sing N N 72  
CYS CA    C      sing N N 73  
CYS CA    CB     sing N N 74  
CYS CA    HA     sing N N 75  
CYS C     O      doub N N 76  
CYS C     OXT    sing N N 77  
CYS CB    SG     sing N N 78  
CYS CB    HB2    sing N N 79  
CYS CB    HB3    sing N N 80  
CYS SG    HG     sing N N 81  
CYS OXT   HXT    sing N N 82  
DEG "C3'" "C4'"  sing N N 83  
DEG "C3'" "C2'"  sing N N 84  
DEG "C3'" "H3'1" sing N N 85  
DEG "C3'" "H3'2" sing N N 86  
DEG "C4'" "H4'1" sing N N 87  
DEG "C4'" "H4'2" sing N N 88  
DEG "C4'" "H4'3" sing N N 89  
DEG "C1'" "C2'"  sing N N 90  
DEG "C1'" O1     sing N N 91  
DEG "C1'" "H1'1" sing N N 92  
DEG "C1'" "H1'2" sing N N 93  
DEG "C2'" "H2'1" sing N N 94  
DEG "C2'" "H2'2" sing N N 95  
DEG C2    O2     sing N N 96  
DEG C2    C3     sing N N 97  
DEG C2    C1     sing N N 98  
DEG C2    H2     sing N N 99  
DEG O2    HO2    sing N N 100 
DEG C3    O3     sing N N 101 
DEG C3    C4     sing N N 102 
DEG C3    H3     sing N N 103 
DEG O3    HO3    sing N N 104 
DEG C4    O4     sing N N 105 
DEG C4    C5     sing N N 106 
DEG C4    H4     sing N N 107 
DEG O4    HO4    sing N N 108 
DEG C5    O5     sing N N 109 
DEG C5    C6     sing N N 110 
DEG C5    H5     sing N N 111 
DEG O5    C1     sing N N 112 
DEG C6    O6     sing N N 113 
DEG C6    H61    sing N N 114 
DEG C6    H62    sing N N 115 
DEG O6    HO6    sing N N 116 
DEG O1    C1     sing N N 117 
DEG C1    H1     sing N N 118 
GLN N     CA     sing N N 119 
GLN N     H      sing N N 120 
GLN N     H2     sing N N 121 
GLN CA    C      sing N N 122 
GLN CA    CB     sing N N 123 
GLN CA    HA     sing N N 124 
GLN C     O      doub N N 125 
GLN C     OXT    sing N N 126 
GLN CB    CG     sing N N 127 
GLN CB    HB2    sing N N 128 
GLN CB    HB3    sing N N 129 
GLN CG    CD     sing N N 130 
GLN CG    HG2    sing N N 131 
GLN CG    HG3    sing N N 132 
GLN CD    OE1    doub N N 133 
GLN CD    NE2    sing N N 134 
GLN NE2   HE21   sing N N 135 
GLN NE2   HE22   sing N N 136 
GLN OXT   HXT    sing N N 137 
GLU N     CA     sing N N 138 
GLU N     H      sing N N 139 
GLU N     H2     sing N N 140 
GLU CA    C      sing N N 141 
GLU CA    CB     sing N N 142 
GLU CA    HA     sing N N 143 
GLU C     O      doub N N 144 
GLU C     OXT    sing N N 145 
GLU CB    CG     sing N N 146 
GLU CB    HB2    sing N N 147 
GLU CB    HB3    sing N N 148 
GLU CG    CD     sing N N 149 
GLU CG    HG2    sing N N 150 
GLU CG    HG3    sing N N 151 
GLU CD    OE1    doub N N 152 
GLU CD    OE2    sing N N 153 
GLU OE2   HE2    sing N N 154 
GLU OXT   HXT    sing N N 155 
GLY N     CA     sing N N 156 
GLY N     H      sing N N 157 
GLY N     H2     sing N N 158 
GLY CA    C      sing N N 159 
GLY CA    HA2    sing N N 160 
GLY CA    HA3    sing N N 161 
GLY C     O      doub N N 162 
GLY C     OXT    sing N N 163 
GLY OXT   HXT    sing N N 164 
GOL C1    O1     sing N N 165 
GOL C1    C2     sing N N 166 
GOL C1    H11    sing N N 167 
GOL C1    H12    sing N N 168 
GOL O1    HO1    sing N N 169 
GOL C2    O2     sing N N 170 
GOL C2    C3     sing N N 171 
GOL C2    H2     sing N N 172 
GOL O2    HO2    sing N N 173 
GOL C3    O3     sing N N 174 
GOL C3    H31    sing N N 175 
GOL C3    H32    sing N N 176 
GOL O3    HO3    sing N N 177 
HIS N     CA     sing N N 178 
HIS N     H      sing N N 179 
HIS N     H2     sing N N 180 
HIS CA    C      sing N N 181 
HIS CA    CB     sing N N 182 
HIS CA    HA     sing N N 183 
HIS C     O      doub N N 184 
HIS C     OXT    sing N N 185 
HIS CB    CG     sing N N 186 
HIS CB    HB2    sing N N 187 
HIS CB    HB3    sing N N 188 
HIS CG    ND1    sing Y N 189 
HIS CG    CD2    doub Y N 190 
HIS ND1   CE1    doub Y N 191 
HIS ND1   HD1    sing N N 192 
HIS CD2   NE2    sing Y N 193 
HIS CD2   HD2    sing N N 194 
HIS CE1   NE2    sing Y N 195 
HIS CE1   HE1    sing N N 196 
HIS NE2   HE2    sing N N 197 
HIS OXT   HXT    sing N N 198 
HOH O     H1     sing N N 199 
HOH O     H2     sing N N 200 
ILE N     CA     sing N N 201 
ILE N     H      sing N N 202 
ILE N     H2     sing N N 203 
ILE CA    C      sing N N 204 
ILE CA    CB     sing N N 205 
ILE CA    HA     sing N N 206 
ILE C     O      doub N N 207 
ILE C     OXT    sing N N 208 
ILE CB    CG1    sing N N 209 
ILE CB    CG2    sing N N 210 
ILE CB    HB     sing N N 211 
ILE CG1   CD1    sing N N 212 
ILE CG1   HG12   sing N N 213 
ILE CG1   HG13   sing N N 214 
ILE CG2   HG21   sing N N 215 
ILE CG2   HG22   sing N N 216 
ILE CG2   HG23   sing N N 217 
ILE CD1   HD11   sing N N 218 
ILE CD1   HD12   sing N N 219 
ILE CD1   HD13   sing N N 220 
ILE OXT   HXT    sing N N 221 
LEU N     CA     sing N N 222 
LEU N     H      sing N N 223 
LEU N     H2     sing N N 224 
LEU CA    C      sing N N 225 
LEU CA    CB     sing N N 226 
LEU CA    HA     sing N N 227 
LEU C     O      doub N N 228 
LEU C     OXT    sing N N 229 
LEU CB    CG     sing N N 230 
LEU CB    HB2    sing N N 231 
LEU CB    HB3    sing N N 232 
LEU CG    CD1    sing N N 233 
LEU CG    CD2    sing N N 234 
LEU CG    HG     sing N N 235 
LEU CD1   HD11   sing N N 236 
LEU CD1   HD12   sing N N 237 
LEU CD1   HD13   sing N N 238 
LEU CD2   HD21   sing N N 239 
LEU CD2   HD22   sing N N 240 
LEU CD2   HD23   sing N N 241 
LEU OXT   HXT    sing N N 242 
LYS N     CA     sing N N 243 
LYS N     H      sing N N 244 
LYS N     H2     sing N N 245 
LYS CA    C      sing N N 246 
LYS CA    CB     sing N N 247 
LYS CA    HA     sing N N 248 
LYS C     O      doub N N 249 
LYS C     OXT    sing N N 250 
LYS CB    CG     sing N N 251 
LYS CB    HB2    sing N N 252 
LYS CB    HB3    sing N N 253 
LYS CG    CD     sing N N 254 
LYS CG    HG2    sing N N 255 
LYS CG    HG3    sing N N 256 
LYS CD    CE     sing N N 257 
LYS CD    HD2    sing N N 258 
LYS CD    HD3    sing N N 259 
LYS CE    NZ     sing N N 260 
LYS CE    HE2    sing N N 261 
LYS CE    HE3    sing N N 262 
LYS NZ    HZ1    sing N N 263 
LYS NZ    HZ2    sing N N 264 
LYS NZ    HZ3    sing N N 265 
LYS OXT   HXT    sing N N 266 
PHE N     CA     sing N N 267 
PHE N     H      sing N N 268 
PHE N     H2     sing N N 269 
PHE CA    C      sing N N 270 
PHE CA    CB     sing N N 271 
PHE CA    HA     sing N N 272 
PHE C     O      doub N N 273 
PHE C     OXT    sing N N 274 
PHE CB    CG     sing N N 275 
PHE CB    HB2    sing N N 276 
PHE CB    HB3    sing N N 277 
PHE CG    CD1    doub Y N 278 
PHE CG    CD2    sing Y N 279 
PHE CD1   CE1    sing Y N 280 
PHE CD1   HD1    sing N N 281 
PHE CD2   CE2    doub Y N 282 
PHE CD2   HD2    sing N N 283 
PHE CE1   CZ     doub Y N 284 
PHE CE1   HE1    sing N N 285 
PHE CE2   CZ     sing Y N 286 
PHE CE2   HE2    sing N N 287 
PHE CZ    HZ     sing N N 288 
PHE OXT   HXT    sing N N 289 
PRO N     CA     sing N N 290 
PRO N     CD     sing N N 291 
PRO N     H      sing N N 292 
PRO CA    C      sing N N 293 
PRO CA    CB     sing N N 294 
PRO CA    HA     sing N N 295 
PRO C     O      doub N N 296 
PRO C     OXT    sing N N 297 
PRO CB    CG     sing N N 298 
PRO CB    HB2    sing N N 299 
PRO CB    HB3    sing N N 300 
PRO CG    CD     sing N N 301 
PRO CG    HG2    sing N N 302 
PRO CG    HG3    sing N N 303 
PRO CD    HD2    sing N N 304 
PRO CD    HD3    sing N N 305 
PRO OXT   HXT    sing N N 306 
SER N     CA     sing N N 307 
SER N     H      sing N N 308 
SER N     H2     sing N N 309 
SER CA    C      sing N N 310 
SER CA    CB     sing N N 311 
SER CA    HA     sing N N 312 
SER C     O      doub N N 313 
SER C     OXT    sing N N 314 
SER CB    OG     sing N N 315 
SER CB    HB2    sing N N 316 
SER CB    HB3    sing N N 317 
SER OG    HG     sing N N 318 
SER OXT   HXT    sing N N 319 
THR N     CA     sing N N 320 
THR N     H      sing N N 321 
THR N     H2     sing N N 322 
THR CA    C      sing N N 323 
THR CA    CB     sing N N 324 
THR CA    HA     sing N N 325 
THR C     O      doub N N 326 
THR C     OXT    sing N N 327 
THR CB    OG1    sing N N 328 
THR CB    CG2    sing N N 329 
THR CB    HB     sing N N 330 
THR OG1   HG1    sing N N 331 
THR CG2   HG21   sing N N 332 
THR CG2   HG22   sing N N 333 
THR CG2   HG23   sing N N 334 
THR OXT   HXT    sing N N 335 
TRP N     CA     sing N N 336 
TRP N     H      sing N N 337 
TRP N     H2     sing N N 338 
TRP CA    C      sing N N 339 
TRP CA    CB     sing N N 340 
TRP CA    HA     sing N N 341 
TRP C     O      doub N N 342 
TRP C     OXT    sing N N 343 
TRP CB    CG     sing N N 344 
TRP CB    HB2    sing N N 345 
TRP CB    HB3    sing N N 346 
TRP CG    CD1    doub Y N 347 
TRP CG    CD2    sing Y N 348 
TRP CD1   NE1    sing Y N 349 
TRP CD1   HD1    sing N N 350 
TRP CD2   CE2    doub Y N 351 
TRP CD2   CE3    sing Y N 352 
TRP NE1   CE2    sing Y N 353 
TRP NE1   HE1    sing N N 354 
TRP CE2   CZ2    sing Y N 355 
TRP CE3   CZ3    doub Y N 356 
TRP CE3   HE3    sing N N 357 
TRP CZ2   CH2    doub Y N 358 
TRP CZ2   HZ2    sing N N 359 
TRP CZ3   CH2    sing Y N 360 
TRP CZ3   HZ3    sing N N 361 
TRP CH2   HH2    sing N N 362 
TRP OXT   HXT    sing N N 363 
TYR N     CA     sing N N 364 
TYR N     H      sing N N 365 
TYR N     H2     sing N N 366 
TYR CA    C      sing N N 367 
TYR CA    CB     sing N N 368 
TYR CA    HA     sing N N 369 
TYR C     O      doub N N 370 
TYR C     OXT    sing N N 371 
TYR CB    CG     sing N N 372 
TYR CB    HB2    sing N N 373 
TYR CB    HB3    sing N N 374 
TYR CG    CD1    doub Y N 375 
TYR CG    CD2    sing Y N 376 
TYR CD1   CE1    sing Y N 377 
TYR CD1   HD1    sing N N 378 
TYR CD2   CE2    doub Y N 379 
TYR CD2   HD2    sing N N 380 
TYR CE1   CZ     doub Y N 381 
TYR CE1   HE1    sing N N 382 
TYR CE2   CZ     sing Y N 383 
TYR CE2   HE2    sing N N 384 
TYR CZ    OH     sing N N 385 
TYR OH    HH     sing N N 386 
TYR OXT   HXT    sing N N 387 
VAL N     CA     sing N N 388 
VAL N     H      sing N N 389 
VAL N     H2     sing N N 390 
VAL CA    C      sing N N 391 
VAL CA    CB     sing N N 392 
VAL CA    HA     sing N N 393 
VAL C     O      doub N N 394 
VAL C     OXT    sing N N 395 
VAL CB    CG1    sing N N 396 
VAL CB    CG2    sing N N 397 
VAL CB    HB     sing N N 398 
VAL CG1   HG11   sing N N 399 
VAL CG1   HG12   sing N N 400 
VAL CG1   HG13   sing N N 401 
VAL CG2   HG21   sing N N 402 
VAL CG2   HG22   sing N N 403 
VAL CG2   HG23   sing N N 404 
VAL OXT   HXT    sing N N 405 
# 
_pdbx_initial_refinement_model.id               1 
_pdbx_initial_refinement_model.entity_id_list   ? 
_pdbx_initial_refinement_model.type             'experimental model' 
_pdbx_initial_refinement_model.source_name      PDB 
_pdbx_initial_refinement_model.accession_code   1QUN 
_pdbx_initial_refinement_model.details          'PDB ENTRY 1QUN' 
# 
_atom_sites.entry_id                    1UWF 
_atom_sites.fract_transf_matrix[1][1]   0.00061299 
_atom_sites.fract_transf_matrix[1][2]   0.00143862 
_atom_sites.fract_transf_matrix[1][3]   -0.02501016 
_atom_sites.fract_transf_matrix[2][1]   0.01732708 
_atom_sites.fract_transf_matrix[2][2]   0.01657521 
_atom_sites.fract_transf_matrix[2][3]   0.00137811 
_atom_sites.fract_transf_matrix[3][1]   0.00712965 
_atom_sites.fract_transf_matrix[3][2]   -0.00743205 
_atom_sites.fract_transf_matrix[3][3]   -0.00025276 
_atom_sites.fract_transf_vector[1]      0.196549 
_atom_sites.fract_transf_vector[2]      0.354700 
_atom_sites.fract_transf_vector[3]      0.141247 
# 
loop_
_atom_type.symbol 
C 
N 
O 
S 
# 
loop_
_atom_site.group_PDB 
_atom_site.id 
_atom_site.type_symbol 
_atom_site.label_atom_id 
_atom_site.label_alt_id 
_atom_site.label_comp_id 
_atom_site.label_asym_id 
_atom_site.label_entity_id 
_atom_site.label_seq_id 
_atom_site.pdbx_PDB_ins_code 
_atom_site.Cartn_x 
_atom_site.Cartn_y 
_atom_site.Cartn_z 
_atom_site.occupancy 
_atom_site.B_iso_or_equiv 
_atom_site.pdbx_formal_charge 
_atom_site.auth_seq_id 
_atom_site.auth_comp_id 
_atom_site.auth_asym_id 
_atom_site.auth_atom_id 
_atom_site.pdbx_PDB_model_num 
ATOM   1    N N     . PHE A 1 1   ? 13.986  -12.664 -2.597  1.00 8.36  ? 1    PHE A N     1 
ATOM   2    C CA    . PHE A 1 1   ? 12.873  -11.685 -2.735  1.00 9.68  ? 1    PHE A CA    1 
ATOM   3    C C     . PHE A 1 1   ? 13.129  -10.453 -1.891  1.00 9.52  ? 1    PHE A C     1 
ATOM   4    O O     . PHE A 1 1   ? 13.403  -10.555 -0.699  1.00 10.21 ? 1    PHE A O     1 
ATOM   5    C CB    . PHE A 1 1   ? 11.543  -12.315 -2.309  1.00 8.99  ? 1    PHE A CB    1 
ATOM   6    C CG    . PHE A 1 1   ? 10.367  -11.378 -2.404  1.00 8.55  ? 1    PHE A CG    1 
ATOM   7    C CD1   . PHE A 1 1   ? 10.049  -10.525 -1.350  1.00 9.13  ? 1    PHE A CD1   1 
ATOM   8    C CD2   . PHE A 1 1   ? 9.588   -11.340 -3.556  1.00 8.30  ? 1    PHE A CD2   1 
ATOM   9    C CE1   . PHE A 1 1   ? 8.969   -9.645  -1.439  1.00 9.13  ? 1    PHE A CE1   1 
ATOM   10   C CE2   . PHE A 1 1   ? 8.504   -10.467 -3.661  1.00 7.78  ? 1    PHE A CE2   1 
ATOM   11   C CZ    . PHE A 1 1   ? 8.194   -9.617  -2.600  1.00 10.18 ? 1    PHE A CZ    1 
ATOM   12   N N     . ALA A 1 2   ? 13.033  -9.290  -2.523  1.00 8.93  ? 2    ALA A N     1 
ATOM   13   C CA    . ALA A 1 2   ? 13.237  -8.026  -1.839  1.00 8.28  ? 2    ALA A CA    1 
ATOM   14   C C     . ALA A 1 2   ? 12.450  -6.956  -2.579  1.00 8.60  ? 2    ALA A C     1 
ATOM   15   O O     . ALA A 1 2   ? 12.019  -7.170  -3.710  1.00 8.23  ? 2    ALA A O     1 
ATOM   16   C CB    . ALA A 1 2   ? 14.720  -7.680  -1.812  1.00 8.91  ? 2    ALA A CB    1 
ATOM   17   N N     . CYS A 1 3   ? 12.263  -5.808  -1.941  1.00 8.98  ? 3    CYS A N     1 
ATOM   18   C CA    . CYS A 1 3   ? 11.507  -4.712  -2.535  1.00 10.51 ? 3    CYS A CA    1 
ATOM   19   C C     . CYS A 1 3   ? 12.220  -3.370  -2.389  1.00 10.90 ? 3    CYS A C     1 
ATOM   20   O O     . CYS A 1 3   ? 13.142  -3.225  -1.592  1.00 11.25 ? 3    CYS A O     1 
ATOM   21   C CB    . CYS A 1 3   ? 10.133  -4.605  -1.869  1.00 10.58 ? 3    CYS A CB    1 
ATOM   22   S SG    . CYS A 1 3   ? 9.111   -6.119  -1.831  1.00 11.57 ? 3    CYS A SG    1 
ATOM   23   N N     . LYS A 1 4   ? 11.774  -2.383  -3.160  1.00 12.24 ? 4    LYS A N     1 
ATOM   24   C CA    . LYS A 1 4   ? 12.342  -1.039  -3.102  1.00 14.06 ? 4    LYS A CA    1 
ATOM   25   C C     . LYS A 1 4   ? 11.242  -0.049  -3.479  1.00 15.05 ? 4    LYS A C     1 
ATOM   26   O O     . LYS A 1 4   ? 10.271  -0.418  -4.145  1.00 15.40 ? 4    LYS A O     1 
ATOM   27   C CB    . LYS A 1 4   ? 13.518  -0.911  -4.075  1.00 14.04 ? 4    LYS A CB    1 
ATOM   28   C CG    . LYS A 1 4   ? 13.122  -1.104  -5.531  1.00 17.74 ? 4    LYS A CG    1 
ATOM   29   C CD    . LYS A 1 4   ? 14.250  -0.764  -6.489  1.00 21.63 ? 4    LYS A CD    1 
ATOM   30   C CE    . LYS A 1 4   ? 15.474  -1.638  -6.264  1.00 23.08 ? 4    LYS A CE    1 
ATOM   31   N NZ    . LYS A 1 4   ? 16.484  -1.444  -7.346  1.00 25.71 ? 4    LYS A NZ    1 
ATOM   32   N N     . THR A 1 5   ? 11.379  1.201   -3.043  1.00 16.23 ? 5    THR A N     1 
ATOM   33   C CA    . THR A 1 5   ? 10.380  2.220   -3.354  1.00 17.97 ? 5    THR A CA    1 
ATOM   34   C C     . THR A 1 5   ? 10.832  3.066   -4.539  1.00 20.46 ? 5    THR A C     1 
ATOM   35   O O     . THR A 1 5   ? 11.960  2.937   -5.012  1.00 19.39 ? 5    THR A O     1 
ATOM   36   C CB    . THR A 1 5   ? 10.134  3.162   -2.164  1.00 16.68 ? 5    THR A CB    1 
ATOM   37   O OG1   . THR A 1 5   ? 11.298  3.963   -1.947  1.00 16.83 ? 5    THR A OG1   1 
ATOM   38   C CG2   . THR A 1 5   ? 9.833   2.371   -0.906  1.00 17.94 ? 5    THR A CG2   1 
ATOM   39   N N     . ALA A 1 6   ? 9.942   3.933   -5.010  1.00 22.55 ? 6    ALA A N     1 
ATOM   40   C CA    . ALA A 1 6   ? 10.238  4.805   -6.139  1.00 26.05 ? 6    ALA A CA    1 
ATOM   41   C C     . ALA A 1 6   ? 11.545  5.575   -5.950  1.00 28.56 ? 6    ALA A C     1 
ATOM   42   O O     . ALA A 1 6   ? 12.312  5.738   -6.902  1.00 31.33 ? 6    ALA A O     1 
ATOM   43   C CB    . ALA A 1 6   ? 9.083   5.781   -6.365  1.00 23.94 ? 6    ALA A CB    1 
ATOM   44   N N     . ASN A 1 7   ? 11.811  6.045   -4.732  1.00 30.20 ? 7    ASN A N     1 
ATOM   45   C CA    . ASN A 1 7   ? 13.048  6.786   -4.490  1.00 31.15 ? 7    ASN A CA    1 
ATOM   46   C C     . ASN A 1 7   ? 14.228  5.871   -4.167  1.00 31.05 ? 7    ASN A C     1 
ATOM   47   O O     . ASN A 1 7   ? 15.318  6.343   -3.842  1.00 32.56 ? 7    ASN A O     1 
ATOM   48   C CB    . ASN A 1 7   ? 12.874  7.826   -3.370  1.00 31.53 ? 7    ASN A CB    1 
ATOM   49   C CG    . ASN A 1 7   ? 12.762  7.201   -1.998  1.00 33.57 ? 7    ASN A CG    1 
ATOM   50   O OD1   . ASN A 1 7   ? 13.164  6.055   -1.784  1.00 33.11 ? 7    ASN A OD1   1 
ATOM   51   N ND2   . ASN A 1 7   ? 12.233  7.964   -1.047  1.00 35.50 ? 7    ASN A ND2   1 
ATOM   52   N N     . GLY A 1 8   ? 14.009  4.563   -4.237  1.00 29.35 ? 8    GLY A N     1 
ATOM   53   C CA    . GLY A 1 8   ? 15.092  3.633   -3.977  1.00 26.87 ? 8    GLY A CA    1 
ATOM   54   C C     . GLY A 1 8   ? 15.205  3.014   -2.595  1.00 24.86 ? 8    GLY A C     1 
ATOM   55   O O     . GLY A 1 8   ? 15.967  2.061   -2.435  1.00 27.18 ? 8    GLY A O     1 
ATOM   56   N N     . THR A 1 9   ? 14.490  3.534   -1.597  1.00 22.42 ? 9    THR A N     1 
ATOM   57   C CA    . THR A 1 9   ? 14.558  2.950   -0.252  1.00 20.05 ? 9    THR A CA    1 
ATOM   58   C C     . THR A 1 9   ? 14.162  1.489   -0.395  1.00 17.93 ? 9    THR A C     1 
ATOM   59   O O     . THR A 1 9   ? 13.144  1.177   -1.011  1.00 19.12 ? 9    THR A O     1 
ATOM   60   C CB    . THR A 1 9   ? 13.577  3.616   0.731   1.00 21.45 ? 9    THR A CB    1 
ATOM   61   O OG1   . THR A 1 9   ? 13.777  5.033   0.724   1.00 24.94 ? 9    THR A OG1   1 
ATOM   62   C CG2   . THR A 1 9   ? 13.805  3.096   2.144   1.00 20.60 ? 9    THR A CG2   1 
ATOM   63   N N     . ALA A 1 10  ? 14.953  0.593   0.180   1.00 15.79 ? 10   ALA A N     1 
ATOM   64   C CA    . ALA A 1 10  ? 14.669  -0.827  0.045   1.00 13.13 ? 10   ALA A CA    1 
ATOM   65   C C     . ALA A 1 10  ? 14.500  -1.603  1.344   1.00 12.79 ? 10   ALA A C     1 
ATOM   66   O O     . ALA A 1 10  ? 14.931  -1.171  2.413   1.00 12.34 ? 10   ALA A O     1 
ATOM   67   C CB    . ALA A 1 10  ? 15.768  -1.477  -0.791  1.00 13.77 ? 10   ALA A CB    1 
ATOM   68   N N     . ILE A 1 11  ? 13.842  -2.753  1.224   1.00 10.32 ? 11   ILE A N     1 
ATOM   69   C CA    . ILE A 1 11  ? 13.659  -3.680  2.332   1.00 11.01 ? 11   ILE A CA    1 
ATOM   70   C C     . ILE A 1 11  ? 14.296  -4.940  1.740   1.00 11.91 ? 11   ILE A C     1 
ATOM   71   O O     . ILE A 1 11  ? 13.863  -5.436  0.698   1.00 12.39 ? 11   ILE A O     1 
ATOM   72   C CB    . ILE A 1 11  ? 12.172  -3.937  2.667   1.00 9.97  ? 11   ILE A CB    1 
ATOM   73   C CG1   . ILE A 1 11  ? 11.481  -2.616  3.045   1.00 9.33  ? 11   ILE A CG1   1 
ATOM   74   C CG2   . ILE A 1 11  ? 12.082  -4.924  3.830   1.00 8.89  ? 11   ILE A CG2   1 
ATOM   75   C CD1   . ILE A 1 11  ? 10.032  -2.761  3.486   1.00 10.74 ? 11   ILE A CD1   1 
ATOM   76   N N     . PRO A 1 12  ? 15.347  -5.463  2.388   1.00 12.06 ? 12   PRO A N     1 
ATOM   77   C CA    . PRO A 1 12  ? 16.038  -6.654  1.895   1.00 10.96 ? 12   PRO A CA    1 
ATOM   78   C C     . PRO A 1 12  ? 15.368  -7.989  2.175   1.00 11.34 ? 12   PRO A C     1 
ATOM   79   O O     . PRO A 1 12  ? 14.296  -8.063  2.784   1.00 10.36 ? 12   PRO A O     1 
ATOM   80   C CB    . PRO A 1 12  ? 17.385  -6.557  2.594   1.00 12.12 ? 12   PRO A CB    1 
ATOM   81   C CG    . PRO A 1 12  ? 16.971  -6.083  3.964   1.00 11.50 ? 12   PRO A CG    1 
ATOM   82   C CD    . PRO A 1 12  ? 15.971  -4.978  3.636   1.00 11.89 ? 12   PRO A CD    1 
ATOM   83   N N     . ILE A 1 13  ? 16.036  -9.041  1.708   1.00 11.12 ? 13   ILE A N     1 
ATOM   84   C CA    . ILE A 1 13  ? 15.611  -10.415 1.917   1.00 10.02 ? 13   ILE A CA    1 
ATOM   85   C C     . ILE A 1 13  ? 15.347  -10.566 3.420   1.00 10.93 ? 13   ILE A C     1 
ATOM   86   O O     . ILE A 1 13  ? 16.147  -10.117 4.242   1.00 11.37 ? 13   ILE A O     1 
ATOM   87   C CB    . ILE A 1 13  ? 16.744  -11.383 1.479   1.00 10.60 ? 13   ILE A CB    1 
ATOM   88   C CG1   . ILE A 1 13  ? 16.773  -11.470 -0.052  1.00 9.25  ? 13   ILE A CG1   1 
ATOM   89   C CG2   . ILE A 1 13  ? 16.585  -12.744 2.145   1.00 9.95  ? 13   ILE A CG2   1 
ATOM   90   C CD1   . ILE A 1 13  ? 18.000  -12.172 -0.611  1.00 9.10  ? 13   ILE A CD1   1 
ATOM   91   N N     . GLY A 1 14  ? 14.224  -11.184 3.774   1.00 9.92  ? 14   GLY A N     1 
ATOM   92   C CA    . GLY A 1 14  ? 13.892  -11.362 5.178   1.00 10.89 ? 14   GLY A CA    1 
ATOM   93   C C     . GLY A 1 14  ? 12.846  -10.368 5.662   1.00 10.94 ? 14   GLY A C     1 
ATOM   94   O O     . GLY A 1 14  ? 12.337  -10.481 6.780   1.00 11.06 ? 14   GLY A O     1 
ATOM   95   N N     . GLY A 1 15  ? 12.533  -9.383  4.829   1.00 10.42 ? 15   GLY A N     1 
ATOM   96   C CA    . GLY A 1 15  ? 11.536  -8.396  5.204   1.00 10.68 ? 15   GLY A CA    1 
ATOM   97   C C     . GLY A 1 15  ? 12.034  -7.281  6.107   1.00 10.99 ? 15   GLY A C     1 
ATOM   98   O O     . GLY A 1 15  ? 13.233  -7.157  6.387   1.00 10.28 ? 15   GLY A O     1 
ATOM   99   N N     . GLY A 1 16  ? 11.089  -6.470  6.569   1.00 10.68 ? 16   GLY A N     1 
ATOM   100  C CA    . GLY A 1 16  ? 11.408  -5.346  7.424   1.00 11.60 ? 16   GLY A CA    1 
ATOM   101  C C     . GLY A 1 16  ? 10.361  -4.267  7.233   1.00 11.55 ? 16   GLY A C     1 
ATOM   102  O O     . GLY A 1 16  ? 9.182   -4.571  7.069   1.00 10.28 ? 16   GLY A O     1 
ATOM   103  N N     . SER A 1 17  ? 10.785  -3.006  7.228   1.00 12.33 ? 17   SER A N     1 
ATOM   104  C CA    . SER A 1 17  ? 9.843   -1.902  7.064   1.00 12.97 ? 17   SER A CA    1 
ATOM   105  C C     . SER A 1 17  ? 10.464  -0.719  6.331   1.00 12.03 ? 17   SER A C     1 
ATOM   106  O O     . SER A 1 17  ? 11.681  -0.572  6.288   1.00 11.86 ? 17   SER A O     1 
ATOM   107  C CB    . SER A 1 17  ? 9.359   -1.432  8.436   1.00 12.79 ? 17   SER A CB    1 
ATOM   108  O OG    . SER A 1 17  ? 10.445  -0.887  9.165   1.00 15.22 ? 17   SER A OG    1 
ATOM   109  N N     . ALA A 1 18  ? 9.616   0.130   5.767   1.00 12.28 ? 18   ALA A N     1 
ATOM   110  C CA    . ALA A 1 18  ? 10.080  1.315   5.056   1.00 10.89 ? 18   ALA A CA    1 
ATOM   111  C C     . ALA A 1 18  ? 8.939   2.312   4.931   1.00 10.31 ? 18   ALA A C     1 
ATOM   112  O O     . ALA A 1 18  ? 7.767   1.926   4.926   1.00 9.82  ? 18   ALA A O     1 
ATOM   113  C CB    . ALA A 1 18  ? 10.587  0.931   3.670   1.00 14.04 ? 18   ALA A CB    1 
ATOM   114  N N     . ASN A 1 19  ? 9.285   3.592   4.839   1.00 9.96  ? 19   ASN A N     1 
ATOM   115  C CA    . ASN A 1 19  ? 8.284   4.638   4.680   1.00 10.28 ? 19   ASN A CA    1 
ATOM   116  C C     . ASN A 1 19  ? 8.125   4.956   3.195   1.00 12.06 ? 19   ASN A C     1 
ATOM   117  O O     . ASN A 1 19  ? 9.088   4.901   2.431   1.00 13.10 ? 19   ASN A O     1 
ATOM   118  C CB    . ASN A 1 19  ? 8.698   5.903   5.428   1.00 10.52 ? 19   ASN A CB    1 
ATOM   119  C CG    . ASN A 1 19  ? 8.831   5.677   6.918   1.00 11.29 ? 19   ASN A CG    1 
ATOM   120  O OD1   . ASN A 1 19  ? 8.228   4.759   7.473   1.00 11.52 ? 19   ASN A OD1   1 
ATOM   121  N ND2   . ASN A 1 19  ? 9.615   6.520   7.578   1.00 13.98 ? 19   ASN A ND2   1 
ATOM   122  N N     . VAL A 1 20  ? 6.900   5.267   2.794   1.00 10.91 ? 20   VAL A N     1 
ATOM   123  C CA    . VAL A 1 20  ? 6.602   5.608   1.411   1.00 12.03 ? 20   VAL A CA    1 
ATOM   124  C C     . VAL A 1 20  ? 5.913   6.966   1.474   1.00 12.13 ? 20   VAL A C     1 
ATOM   125  O O     . VAL A 1 20  ? 4.902   7.124   2.161   1.00 12.04 ? 20   VAL A O     1 
ATOM   126  C CB    . VAL A 1 20  ? 5.655   4.567   0.754   1.00 10.74 ? 20   VAL A CB    1 
ATOM   127  C CG1   . VAL A 1 20  ? 5.441   4.903   -0.724  1.00 11.31 ? 20   VAL A CG1   1 
ATOM   128  C CG2   . VAL A 1 20  ? 6.243   3.172   0.896   1.00 12.71 ? 20   VAL A CG2   1 
ATOM   129  N N     . TYR A 1 21  ? 6.468   7.950   0.774   1.00 11.62 ? 21   TYR A N     1 
ATOM   130  C CA    . TYR A 1 21  ? 5.898   9.291   0.787   1.00 11.33 ? 21   TYR A CA    1 
ATOM   131  C C     . TYR A 1 21  ? 5.110   9.527   -0.490  1.00 11.57 ? 21   TYR A C     1 
ATOM   132  O O     . TYR A 1 21  ? 5.626   9.336   -1.587  1.00 12.59 ? 21   TYR A O     1 
ATOM   133  C CB    . TYR A 1 21  ? 7.014   10.325  0.963   1.00 10.87 ? 21   TYR A CB    1 
ATOM   134  C CG    . TYR A 1 21  ? 7.809   10.078  2.229   1.00 11.11 ? 21   TYR A CG    1 
ATOM   135  C CD1   . TYR A 1 21  ? 8.961   9.291   2.213   1.00 9.52  ? 21   TYR A CD1   1 
ATOM   136  C CD2   . TYR A 1 21  ? 7.364   10.566  3.461   1.00 11.88 ? 21   TYR A CD2   1 
ATOM   137  C CE1   . TYR A 1 21  ? 9.642   8.991   3.384   1.00 12.35 ? 21   TYR A CE1   1 
ATOM   138  C CE2   . TYR A 1 21  ? 8.038   10.269  4.640   1.00 12.31 ? 21   TYR A CE2   1 
ATOM   139  C CZ    . TYR A 1 21  ? 9.175   9.483   4.593   1.00 11.86 ? 21   TYR A CZ    1 
ATOM   140  O OH    . TYR A 1 21  ? 9.841   9.182   5.754   1.00 16.01 ? 21   TYR A OH    1 
ATOM   141  N N     . VAL A 1 22  ? 3.852   9.928   -0.340  1.00 10.58 ? 22   VAL A N     1 
ATOM   142  C CA    . VAL A 1 22  ? 3.002   10.146  -1.498  1.00 10.03 ? 22   VAL A CA    1 
ATOM   143  C C     . VAL A 1 22  ? 2.417   11.547  -1.598  1.00 10.63 ? 22   VAL A C     1 
ATOM   144  O O     . VAL A 1 22  ? 2.060   12.163  -0.590  1.00 9.72  ? 22   VAL A O     1 
ATOM   145  C CB    . VAL A 1 22  ? 1.837   9.136   -1.514  1.00 8.86  ? 22   VAL A CB    1 
ATOM   146  C CG1   . VAL A 1 22  ? 2.384   7.719   -1.598  1.00 11.52 ? 22   VAL A CG1   1 
ATOM   147  C CG2   . VAL A 1 22  ? 0.985   9.298   -0.261  1.00 9.54  ? 22   VAL A CG2   1 
ATOM   148  N N     . ASN A 1 23  ? 2.334   12.048  -2.827  1.00 9.88  ? 23   ASN A N     1 
ATOM   149  C CA    . ASN A 1 23  ? 1.753   13.357  -3.077  1.00 11.73 ? 23   ASN A CA    1 
ATOM   150  C C     . ASN A 1 23  ? 0.276   13.100  -3.321  1.00 12.05 ? 23   ASN A C     1 
ATOM   151  O O     . ASN A 1 23  ? -0.080  12.235  -4.116  1.00 14.17 ? 23   ASN A O     1 
ATOM   152  C CB    . ASN A 1 23  ? 2.389   13.997  -4.309  1.00 14.07 ? 23   ASN A CB    1 
ATOM   153  C CG    . ASN A 1 23  ? 3.869   14.224  -4.131  1.00 13.87 ? 23   ASN A CG    1 
ATOM   154  O OD1   . ASN A 1 23  ? 4.304   14.733  -3.100  1.00 14.94 ? 23   ASN A OD1   1 
ATOM   155  N ND2   . ASN A 1 23  ? 4.651   13.850  -5.133  1.00 19.36 ? 23   ASN A ND2   1 
ATOM   156  N N     . LEU A 1 24  ? -0.581  13.846  -2.638  1.00 11.38 ? 24   LEU A N     1 
ATOM   157  C CA    . LEU A 1 24  ? -2.022  13.657  -2.765  1.00 10.55 ? 24   LEU A CA    1 
ATOM   158  C C     . LEU A 1 24  ? -2.725  14.866  -3.367  1.00 11.39 ? 24   LEU A C     1 
ATOM   159  O O     . LEU A 1 24  ? -2.280  16.003  -3.196  1.00 10.14 ? 24   LEU A O     1 
ATOM   160  C CB    . LEU A 1 24  ? -2.614  13.380  -1.381  1.00 9.20  ? 24   LEU A CB    1 
ATOM   161  C CG    . LEU A 1 24  ? -1.937  12.272  -0.575  1.00 9.76  ? 24   LEU A CG    1 
ATOM   162  C CD1   . LEU A 1 24  ? -2.366  12.378  0.873   1.00 10.35 ? 24   LEU A CD1   1 
ATOM   163  C CD2   . LEU A 1 24  ? -2.283  10.909  -1.153  1.00 10.23 ? 24   LEU A CD2   1 
ATOM   164  N N     . ALA A 1 25  ? -3.826  14.619  -4.074  1.00 12.26 ? 25   ALA A N     1 
ATOM   165  C CA    . ALA A 1 25  ? -4.606  15.707  -4.659  1.00 12.28 ? 25   ALA A CA    1 
ATOM   166  C C     . ALA A 1 25  ? -4.865  16.684  -3.514  1.00 13.19 ? 25   ALA A C     1 
ATOM   167  O O     . ALA A 1 25  ? -5.333  16.282  -2.447  1.00 13.31 ? 25   ALA A O     1 
ATOM   168  C CB    . ALA A 1 25  ? -5.917  15.177  -5.200  1.00 13.70 ? 25   ALA A CB    1 
ATOM   169  N N     . PRO A 1 26  ? -4.560  17.979  -3.716  1.00 12.83 ? 26   PRO A N     1 
ATOM   170  C CA    . PRO A 1 26  ? -4.767  18.986  -2.669  1.00 11.94 ? 26   PRO A CA    1 
ATOM   171  C C     . PRO A 1 26  ? -6.225  19.240  -2.284  1.00 12.03 ? 26   PRO A C     1 
ATOM   172  O O     . PRO A 1 26  ? -6.518  19.565  -1.131  1.00 12.46 ? 26   PRO A O     1 
ATOM   173  C CB    . PRO A 1 26  ? -4.079  20.230  -3.240  1.00 12.49 ? 26   PRO A CB    1 
ATOM   174  C CG    . PRO A 1 26  ? -4.276  20.070  -4.720  1.00 13.51 ? 26   PRO A CG    1 
ATOM   175  C CD    . PRO A 1 26  ? -4.016  18.591  -4.943  1.00 12.87 ? 26   PRO A CD    1 
ATOM   176  N N     . VAL A 1 27  ? -7.136  19.089  -3.239  1.00 10.52 ? 27   VAL A N     1 
ATOM   177  C CA    . VAL A 1 27  ? -8.551  19.309  -2.972  1.00 11.49 ? 27   VAL A CA    1 
ATOM   178  C C     . VAL A 1 27  ? -9.397  18.122  -3.420  1.00 12.08 ? 27   VAL A C     1 
ATOM   179  O O     . VAL A 1 27  ? -9.359  17.722  -4.586  1.00 12.26 ? 27   VAL A O     1 
ATOM   180  C CB    . VAL A 1 27  ? -9.070  20.583  -3.692  1.00 11.79 ? 27   VAL A CB    1 
ATOM   181  C CG1   . VAL A 1 27  ? -10.558 20.738  -3.473  1.00 12.40 ? 27   VAL A CG1   1 
ATOM   182  C CG2   . VAL A 1 27  ? -8.335  21.811  -3.177  1.00 13.22 ? 27   VAL A CG2   1 
ATOM   183  N N     . VAL A 1 28  ? -10.150 17.555  -2.483  1.00 11.21 ? 28   VAL A N     1 
ATOM   184  C CA    . VAL A 1 28  ? -11.029 16.432  -2.790  1.00 12.63 ? 28   VAL A CA    1 
ATOM   185  C C     . VAL A 1 28  ? -12.405 16.704  -2.190  1.00 13.10 ? 28   VAL A C     1 
ATOM   186  O O     . VAL A 1 28  ? -12.548 16.901  -0.983  1.00 12.32 ? 28   VAL A O     1 
ATOM   187  C CB    . VAL A 1 28  ? -10.489 15.094  -2.229  1.00 12.75 ? 28   VAL A CB    1 
ATOM   188  C CG1   . VAL A 1 28  ? -11.383 13.951  -2.680  1.00 13.07 ? 28   VAL A CG1   1 
ATOM   189  C CG2   . VAL A 1 28  ? -9.062  14.860  -2.702  1.00 14.74 ? 28   VAL A CG2   1 
ATOM   190  N N     . ASN A 1 29  ? -13.417 16.728  -3.047  1.00 14.70 ? 29   ASN A N     1 
ATOM   191  C CA    . ASN A 1 29  ? -14.778 16.981  -2.598  1.00 16.32 ? 29   ASN A CA    1 
ATOM   192  C C     . ASN A 1 29  ? -15.506 15.703  -2.198  1.00 15.98 ? 29   ASN A C     1 
ATOM   193  O O     . ASN A 1 29  ? -15.114 14.599  -2.586  1.00 14.93 ? 29   ASN A O     1 
ATOM   194  C CB    . ASN A 1 29  ? -15.563 17.684  -3.708  1.00 17.73 ? 29   ASN A CB    1 
ATOM   195  C CG    . ASN A 1 29  ? -15.133 19.126  -3.902  1.00 20.77 ? 29   ASN A CG    1 
ATOM   196  O OD1   . ASN A 1 29  ? -15.498 20.004  -3.118  1.00 22.03 ? 29   ASN A OD1   1 
ATOM   197  N ND2   . ASN A 1 29  ? -14.349 19.377  -4.945  1.00 21.23 ? 29   ASN A ND2   1 
ATOM   198  N N     . VAL A 1 30  ? -16.553 15.855  -1.395  1.00 15.79 ? 30   VAL A N     1 
ATOM   199  C CA    . VAL A 1 30  ? -17.353 14.707  -1.012  1.00 15.55 ? 30   VAL A CA    1 
ATOM   200  C C     . VAL A 1 30  ? -17.959 14.261  -2.341  1.00 15.53 ? 30   VAL A C     1 
ATOM   201  O O     . VAL A 1 30  ? -18.379 15.103  -3.135  1.00 16.24 ? 30   VAL A O     1 
ATOM   202  C CB    . VAL A 1 30  ? -18.482 15.105  -0.045  1.00 16.03 ? 30   VAL A CB    1 
ATOM   203  C CG1   . VAL A 1 30  ? -19.374 13.903  0.226   1.00 16.10 ? 30   VAL A CG1   1 
ATOM   204  C CG2   . VAL A 1 30  ? -17.892 15.638  1.261   1.00 15.27 ? 30   VAL A CG2   1 
ATOM   205  N N     . GLY A 1 31  ? -17.983 12.955  -2.593  1.00 14.61 ? 31   GLY A N     1 
ATOM   206  C CA    . GLY A 1 31  ? -18.525 12.460  -3.848  1.00 14.76 ? 31   GLY A CA    1 
ATOM   207  C C     . GLY A 1 31  ? -17.445 12.220  -4.894  1.00 15.64 ? 31   GLY A C     1 
ATOM   208  O O     . GLY A 1 31  ? -17.740 11.831  -6.028  1.00 16.22 ? 31   GLY A O     1 
ATOM   209  N N     . GLN A 1 32  ? -16.191 12.461  -4.516  1.00 14.94 ? 32   GLN A N     1 
ATOM   210  C CA    . GLN A 1 32  ? -15.051 12.267  -5.412  1.00 15.01 ? 32   GLN A CA    1 
ATOM   211  C C     . GLN A 1 32  ? -14.039 11.337  -4.754  1.00 14.44 ? 32   GLN A C     1 
ATOM   212  O O     . GLN A 1 32  ? -14.069 11.135  -3.538  1.00 13.92 ? 32   GLN A O     1 
ATOM   213  C CB    . GLN A 1 32  ? -14.389 13.609  -5.738  1.00 14.87 ? 32   GLN A CB    1 
ATOM   214  C CG    . GLN A 1 32  ? -15.348 14.605  -6.377  1.00 16.99 ? 32   GLN A CG    1 
ATOM   215  C CD    . GLN A 1 32  ? -14.694 15.931  -6.720  1.00 19.09 ? 32   GLN A CD    1 
ATOM   216  O OE1   . GLN A 1 32  ? -13.769 16.381  -6.040  1.00 18.60 ? 32   GLN A OE1   1 
ATOM   217  N NE2   . GLN A 1 32  ? -15.188 16.575  -7.769  1.00 19.55 ? 32   GLN A NE2   1 
ATOM   218  N N     . ASN A 1 33  ? -13.141 10.775  -5.557  1.00 12.63 ? 33   ASN A N     1 
ATOM   219  C CA    . ASN A 1 33  ? -12.136 9.852   -5.044  1.00 12.81 ? 33   ASN A CA    1 
ATOM   220  C C     . ASN A 1 33  ? -10.732 10.408  -4.899  1.00 12.77 ? 33   ASN A C     1 
ATOM   221  O O     . ASN A 1 33  ? -10.277 11.217  -5.709  1.00 13.20 ? 33   ASN A O     1 
ATOM   222  C CB    . ASN A 1 33  ? -12.030 8.620   -5.943  1.00 13.95 ? 33   ASN A CB    1 
ATOM   223  C CG    . ASN A 1 33  ? -13.165 7.653   -5.752  1.00 15.88 ? 33   ASN A CG    1 
ATOM   224  O OD1   . ASN A 1 33  ? -13.290 6.684   -6.503  1.00 19.27 ? 33   ASN A OD1   1 
ATOM   225  N ND2   . ASN A 1 33  ? -13.997 7.896   -4.744  1.00 14.62 ? 33   ASN A ND2   1 
ATOM   226  N N     . LEU A 1 34  ? -10.056 9.956   -3.848  1.00 11.96 ? 34   LEU A N     1 
ATOM   227  C CA    . LEU A 1 34  ? -8.665  10.294  -3.605  1.00 11.76 ? 34   LEU A CA    1 
ATOM   228  C C     . LEU A 1 34  ? -8.013  8.931   -3.846  1.00 12.65 ? 34   LEU A C     1 
ATOM   229  O O     . LEU A 1 34  ? -8.205  8.004   -3.061  1.00 11.87 ? 34   LEU A O     1 
ATOM   230  C CB    . LEU A 1 34  ? -8.434  10.733  -2.153  1.00 13.93 ? 34   LEU A CB    1 
ATOM   231  C CG    . LEU A 1 34  ? -6.957  10.975  -1.795  1.00 14.94 ? 34   LEU A CG    1 
ATOM   232  C CD1   . LEU A 1 34  ? -6.376  12.043  -2.706  1.00 15.13 ? 34   LEU A CD1   1 
ATOM   233  C CD2   . LEU A 1 34  ? -6.826  11.389  -0.341  1.00 13.19 ? 34   LEU A CD2   1 
ATOM   234  N N     . VAL A 1 35  ? -7.277  8.792   -4.945  1.00 10.85 ? 35   VAL A N     1 
ATOM   235  C CA    . VAL A 1 35  ? -6.649  7.513   -5.256  1.00 12.35 ? 35   VAL A CA    1 
ATOM   236  C C     . VAL A 1 35  ? -5.163  7.469   -4.920  1.00 12.99 ? 35   VAL A C     1 
ATOM   237  O O     . VAL A 1 35  ? -4.367  8.223   -5.481  1.00 15.10 ? 35   VAL A O     1 
ATOM   238  C CB    . VAL A 1 35  ? -6.832  7.154   -6.749  1.00 11.82 ? 35   VAL A CB    1 
ATOM   239  C CG1   . VAL A 1 35  ? -6.135  5.841   -7.062  1.00 13.63 ? 35   VAL A CG1   1 
ATOM   240  C CG2   . VAL A 1 35  ? -8.310  7.049   -7.076  1.00 13.33 ? 35   VAL A CG2   1 
ATOM   241  N N     . VAL A 1 36  ? -4.798  6.581   -3.996  1.00 13.12 ? 36   VAL A N     1 
ATOM   242  C CA    . VAL A 1 36  ? -3.404  6.416   -3.590  1.00 11.97 ? 36   VAL A CA    1 
ATOM   243  C C     . VAL A 1 36  ? -2.898  5.128   -4.223  1.00 13.24 ? 36   VAL A C     1 
ATOM   244  O O     . VAL A 1 36  ? -3.062  4.042   -3.670  1.00 12.78 ? 36   VAL A O     1 
ATOM   245  C CB    . VAL A 1 36  ? -3.267  6.310   -2.055  1.00 12.36 ? 36   VAL A CB    1 
ATOM   246  C CG1   . VAL A 1 36  ? -1.800  6.300   -1.669  1.00 11.08 ? 36   VAL A CG1   1 
ATOM   247  C CG2   . VAL A 1 36  ? -3.994  7.467   -1.388  1.00 11.92 ? 36   VAL A CG2   1 
ATOM   248  N N     . ASP A 1 37  ? -2.284  5.265   -5.394  1.00 12.37 ? 37   ASP A N     1 
ATOM   249  C CA    . ASP A 1 37  ? -1.775  4.130   -6.148  1.00 13.71 ? 37   ASP A CA    1 
ATOM   250  C C     . ASP A 1 37  ? -0.330  3.761   -5.787  1.00 13.25 ? 37   ASP A C     1 
ATOM   251  O O     . ASP A 1 37  ? 0.617   4.438   -6.192  1.00 14.26 ? 37   ASP A O     1 
ATOM   252  C CB    . ASP A 1 37  ? -1.902  4.452   -7.641  1.00 14.47 ? 37   ASP A CB    1 
ATOM   253  C CG    . ASP A 1 37  ? -1.428  3.327   -8.526  1.00 16.15 ? 37   ASP A CG    1 
ATOM   254  O OD1   . ASP A 1 37  ? -1.341  2.177   -8.040  1.00 16.56 ? 37   ASP A OD1   1 
ATOM   255  O OD2   . ASP A 1 37  ? -1.160  3.596   -9.717  1.00 19.24 ? 37   ASP A OD2   1 
ATOM   256  N N     . LEU A 1 38  ? -0.162  2.686   -5.022  1.00 13.53 ? 38   LEU A N     1 
ATOM   257  C CA    . LEU A 1 38  ? 1.175   2.255   -4.620  1.00 11.85 ? 38   LEU A CA    1 
ATOM   258  C C     . LEU A 1 38  ? 1.916   1.471   -5.710  1.00 12.27 ? 38   LEU A C     1 
ATOM   259  O O     . LEU A 1 38  ? 3.112   1.214   -5.578  1.00 11.77 ? 38   LEU A O     1 
ATOM   260  C CB    . LEU A 1 38  ? 1.113   1.417   -3.330  1.00 11.11 ? 38   LEU A CB    1 
ATOM   261  C CG    . LEU A 1 38  ? 0.746   2.119   -2.014  1.00 11.99 ? 38   LEU A CG    1 
ATOM   262  C CD1   . LEU A 1 38  ? 1.613   3.356   -1.828  1.00 13.05 ? 38   LEU A CD1   1 
ATOM   263  C CD2   . LEU A 1 38  ? -0.719  2.512   -2.020  1.00 13.76 ? 38   LEU A CD2   1 
ATOM   264  N N     . SER A 1 39  ? 1.221   1.102   -6.788  1.00 12.60 ? 39   SER A N     1 
ATOM   265  C CA    . SER A 1 39  ? 1.857   0.348   -7.870  1.00 13.32 ? 39   SER A CA    1 
ATOM   266  C C     . SER A 1 39  ? 2.981   1.137   -8.543  1.00 13.41 ? 39   SER A C     1 
ATOM   267  O O     . SER A 1 39  ? 3.844   0.556   -9.197  1.00 14.68 ? 39   SER A O     1 
ATOM   268  C CB    . SER A 1 39  ? 0.828   -0.082  -8.928  1.00 14.06 ? 39   SER A CB    1 
ATOM   269  O OG    . SER A 1 39  ? 0.459   0.995   -9.767  1.00 14.40 ? 39   SER A OG    1 
ATOM   270  N N     . THR A 1 40  ? 2.970   2.458   -8.388  1.00 13.32 ? 40   THR A N     1 
ATOM   271  C CA    . THR A 1 40  ? 4.019   3.298   -8.974  1.00 13.86 ? 40   THR A CA    1 
ATOM   272  C C     . THR A 1 40  ? 5.045   3.663   -7.909  1.00 13.84 ? 40   THR A C     1 
ATOM   273  O O     . THR A 1 40  ? 5.994   4.403   -8.180  1.00 14.83 ? 40   THR A O     1 
ATOM   274  C CB    . THR A 1 40  ? 3.456   4.617   -9.517  1.00 14.37 ? 40   THR A CB    1 
ATOM   275  O OG1   . THR A 1 40  ? 2.877   5.356   -8.434  1.00 15.64 ? 40   THR A OG1   1 
ATOM   276  C CG2   . THR A 1 40  ? 2.401   4.356   -10.585 1.00 15.02 ? 40   THR A CG2   1 
ATOM   277  N N     . GLN A 1 41  ? 4.847   3.142   -6.699  1.00 13.28 ? 41   GLN A N     1 
ATOM   278  C CA    . GLN A 1 41  ? 5.723   3.437   -5.569  1.00 12.52 ? 41   GLN A CA    1 
ATOM   279  C C     . GLN A 1 41  ? 6.503   2.254   -5.019  1.00 12.92 ? 41   GLN A C     1 
ATOM   280  O O     . GLN A 1 41  ? 7.634   2.413   -4.572  1.00 14.34 ? 41   GLN A O     1 
ATOM   281  C CB    . GLN A 1 41  ? 4.909   4.028   -4.418  1.00 14.20 ? 41   GLN A CB    1 
ATOM   282  C CG    . GLN A 1 41  ? 4.183   5.307   -4.766  1.00 18.32 ? 41   GLN A CG    1 
ATOM   283  C CD    . GLN A 1 41  ? 5.115   6.339   -5.353  1.00 18.88 ? 41   GLN A CD    1 
ATOM   284  O OE1   . GLN A 1 41  ? 6.129   6.695   -4.745  1.00 20.04 ? 41   GLN A OE1   1 
ATOM   285  N NE2   . GLN A 1 41  ? 4.784   6.824   -6.545  1.00 21.22 ? 41   GLN A NE2   1 
ATOM   286  N N     . ILE A 1 42  ? 5.898   1.074   -5.034  1.00 10.97 ? 42   ILE A N     1 
ATOM   287  C CA    . ILE A 1 42  ? 6.545   -0.108  -4.484  1.00 10.22 ? 42   ILE A CA    1 
ATOM   288  C C     . ILE A 1 42  ? 6.782   -1.186  -5.535  1.00 11.42 ? 42   ILE A C     1 
ATOM   289  O O     . ILE A 1 42  ? 5.859   -1.585  -6.251  1.00 10.80 ? 42   ILE A O     1 
ATOM   290  C CB    . ILE A 1 42  ? 5.693   -0.679  -3.321  1.00 10.10 ? 42   ILE A CB    1 
ATOM   291  C CG1   . ILE A 1 42  ? 5.507   0.404   -2.247  1.00 10.19 ? 42   ILE A CG1   1 
ATOM   292  C CG2   . ILE A 1 42  ? 6.357   -1.919  -2.731  1.00 9.60  ? 42   ILE A CG2   1 
ATOM   293  C CD1   . ILE A 1 42  ? 4.501   0.041   -1.157  1.00 10.98 ? 42   ILE A CD1   1 
ATOM   294  N N     . PHE A 1 43  ? 8.031   -1.647  -5.616  1.00 10.96 ? 43   PHE A N     1 
ATOM   295  C CA    . PHE A 1 43  ? 8.420   -2.682  -6.572  1.00 11.67 ? 43   PHE A CA    1 
ATOM   296  C C     . PHE A 1 43  ? 9.210   -3.785  -5.880  1.00 12.02 ? 43   PHE A C     1 
ATOM   297  O O     . PHE A 1 43  ? 9.978   -3.517  -4.957  1.00 12.31 ? 43   PHE A O     1 
ATOM   298  C CB    . PHE A 1 43  ? 9.278   -2.079  -7.689  1.00 11.13 ? 43   PHE A CB    1 
ATOM   299  C CG    . PHE A 1 43  ? 8.682   -0.854  -8.308  1.00 12.34 ? 43   PHE A CG    1 
ATOM   300  C CD1   . PHE A 1 43  ? 8.730   0.370   -7.648  1.00 13.44 ? 43   PHE A CD1   1 
ATOM   301  C CD2   . PHE A 1 43  ? 8.025   -0.928  -9.528  1.00 14.48 ? 43   PHE A CD2   1 
ATOM   302  C CE1   . PHE A 1 43  ? 8.129   1.503   -8.190  1.00 12.61 ? 43   PHE A CE1   1 
ATOM   303  C CE2   . PHE A 1 43  ? 7.420   0.199   -10.080 1.00 15.05 ? 43   PHE A CE2   1 
ATOM   304  C CZ    . PHE A 1 43  ? 7.472   1.415   -9.408  1.00 13.72 ? 43   PHE A CZ    1 
ATOM   305  N N     . CYS A 1 44  ? 9.013   -5.023  -6.322  1.00 11.83 ? 44   CYS A N     1 
ATOM   306  C CA    . CYS A 1 44  ? 9.729   -6.153  -5.745  1.00 12.21 ? 44   CYS A CA    1 
ATOM   307  C C     . CYS A 1 44  ? 10.167  -7.106  -6.844  1.00 12.17 ? 44   CYS A C     1 
ATOM   308  O O     . CYS A 1 44  ? 9.702   -7.008  -7.982  1.00 10.99 ? 44   CYS A O     1 
ATOM   309  C CB    . CYS A 1 44  ? 8.844   -6.929  -4.774  1.00 13.21 ? 44   CYS A CB    1 
ATOM   310  S SG    . CYS A 1 44  ? 7.965   -5.959  -3.508  1.00 15.62 ? 44   CYS A SG    1 
ATOM   311  N N     . HIS A 1 45  ? 11.057  -8.031  -6.496  1.00 11.10 ? 45   HIS A N     1 
ATOM   312  C CA    . HIS A 1 45  ? 11.534  -9.018  -7.452  1.00 12.03 ? 45   HIS A CA    1 
ATOM   313  C C     . HIS A 1 45  ? 11.881  -10.329 -6.753  1.00 12.37 ? 45   HIS A C     1 
ATOM   314  O O     . HIS A 1 45  ? 12.088  -10.363 -5.534  1.00 12.48 ? 45   HIS A O     1 
ATOM   315  C CB    . HIS A 1 45  ? 12.771  -8.502  -8.190  1.00 12.54 ? 45   HIS A CB    1 
ATOM   316  C CG    . HIS A 1 45  ? 13.999  -8.454  -7.338  1.00 13.76 ? 45   HIS A CG    1 
ATOM   317  N ND1   . HIS A 1 45  ? 14.252  -7.428  -6.455  1.00 13.51 ? 45   HIS A ND1   1 
ATOM   318  C CD2   . HIS A 1 45  ? 15.009  -9.343  -7.183  1.00 13.57 ? 45   HIS A CD2   1 
ATOM   319  C CE1   . HIS A 1 45  ? 15.363  -7.688  -5.789  1.00 14.03 ? 45   HIS A CE1   1 
ATOM   320  N NE2   . HIS A 1 45  ? 15.843  -8.843  -6.210  1.00 12.71 ? 45   HIS A NE2   1 
ATOM   321  N N     . ASN A 1 46  ? 11.930  -11.397 -7.545  1.00 10.85 ? 46   ASN A N     1 
ATOM   322  C CA    . ASN A 1 46  ? 12.266  -12.740 -7.085  1.00 11.04 ? 46   ASN A CA    1 
ATOM   323  C C     . ASN A 1 46  ? 13.778  -12.881 -7.309  1.00 11.88 ? 46   ASN A C     1 
ATOM   324  O O     . ASN A 1 46  ? 14.276  -12.608 -8.402  1.00 10.91 ? 46   ASN A O     1 
ATOM   325  C CB    . ASN A 1 46  ? 11.496  -13.770 -7.933  1.00 11.16 ? 46   ASN A CB    1 
ATOM   326  C CG    . ASN A 1 46  ? 11.754  -15.204 -7.511  1.00 11.44 ? 46   ASN A CG    1 
ATOM   327  O OD1   . ASN A 1 46  ? 12.874  -15.570 -7.138  1.00 11.65 ? 46   ASN A OD1   1 
ATOM   328  N ND2   . ASN A 1 46  ? 10.717  -16.037 -7.592  1.00 10.68 ? 46   ASN A ND2   1 
ATOM   329  N N     . ASP A 1 47  ? 14.506  -13.293 -6.275  1.00 11.50 ? 47   ASP A N     1 
ATOM   330  C CA    . ASP A 1 47  ? 15.962  -13.446 -6.365  1.00 11.36 ? 47   ASP A CA    1 
ATOM   331  C C     . ASP A 1 47  ? 16.452  -14.774 -6.948  1.00 11.40 ? 47   ASP A C     1 
ATOM   332  O O     . ASP A 1 47  ? 17.639  -14.918 -7.247  1.00 11.60 ? 47   ASP A O     1 
ATOM   333  C CB    . ASP A 1 47  ? 16.594  -13.260 -4.976  1.00 10.79 ? 47   ASP A CB    1 
ATOM   334  C CG    . ASP A 1 47  ? 16.772  -11.798 -4.604  1.00 12.41 ? 47   ASP A CG    1 
ATOM   335  O OD1   . ASP A 1 47  ? 17.441  -11.076 -5.372  1.00 12.01 ? 47   ASP A OD1   1 
ATOM   336  O OD2   . ASP A 1 47  ? 16.251  -11.371 -3.551  1.00 9.99  ? 47   ASP A OD2   1 
ATOM   337  N N     . TYR A 1 48  ? 15.545  -15.732 -7.120  1.00 10.71 ? 48   TYR A N     1 
ATOM   338  C CA    . TYR A 1 48  ? 15.929  -17.051 -7.626  1.00 11.90 ? 48   TYR A CA    1 
ATOM   339  C C     . TYR A 1 48  ? 14.759  -17.692 -8.390  1.00 11.87 ? 48   TYR A C     1 
ATOM   340  O O     . TYR A 1 48  ? 14.350  -18.820 -8.094  1.00 11.46 ? 48   TYR A O     1 
ATOM   341  C CB    . TYR A 1 48  ? 16.345  -17.902 -6.416  1.00 11.01 ? 48   TYR A CB    1 
ATOM   342  C CG    . TYR A 1 48  ? 17.028  -19.223 -6.692  1.00 10.89 ? 48   TYR A CG    1 
ATOM   343  C CD1   . TYR A 1 48  ? 17.626  -19.499 -7.923  1.00 11.54 ? 48   TYR A CD1   1 
ATOM   344  C CD2   . TYR A 1 48  ? 17.120  -20.182 -5.684  1.00 11.92 ? 48   TYR A CD2   1 
ATOM   345  C CE1   . TYR A 1 48  ? 18.300  -20.705 -8.137  1.00 12.05 ? 48   TYR A CE1   1 
ATOM   346  C CE2   . TYR A 1 48  ? 17.788  -21.380 -5.885  1.00 11.79 ? 48   TYR A CE2   1 
ATOM   347  C CZ    . TYR A 1 48  ? 18.375  -21.638 -7.110  1.00 11.96 ? 48   TYR A CZ    1 
ATOM   348  O OH    . TYR A 1 48  ? 19.030  -22.835 -7.291  1.00 13.89 ? 48   TYR A OH    1 
ATOM   349  N N     . PRO A 1 49  ? 14.221  -16.979 -9.398  1.00 12.25 ? 49   PRO A N     1 
ATOM   350  C CA    . PRO A 1 49  ? 13.097  -17.466 -10.202 1.00 13.59 ? 49   PRO A CA    1 
ATOM   351  C C     . PRO A 1 49  ? 13.369  -18.775 -10.942 1.00 13.76 ? 49   PRO A C     1 
ATOM   352  O O     . PRO A 1 49  ? 12.434  -19.479 -11.329 1.00 14.59 ? 49   PRO A O     1 
ATOM   353  C CB    . PRO A 1 49  ? 12.822  -16.295 -11.152 1.00 12.56 ? 49   PRO A CB    1 
ATOM   354  C CG    . PRO A 1 49  ? 14.180  -15.718 -11.364 1.00 11.83 ? 49   PRO A CG    1 
ATOM   355  C CD    . PRO A 1 49  ? 14.740  -15.711 -9.950  1.00 11.83 ? 49   PRO A CD    1 
ATOM   356  N N     . GLU A 1 50  ? 14.643  -19.099 -11.132 1.00 14.46 ? 50   GLU A N     1 
ATOM   357  C CA    . GLU A 1 50  ? 15.019  -20.330 -11.824 1.00 14.77 ? 50   GLU A CA    1 
ATOM   358  C C     . GLU A 1 50  ? 14.550  -21.549 -11.051 1.00 15.35 ? 50   GLU A C     1 
ATOM   359  O O     . GLU A 1 50  ? 14.284  -22.601 -11.633 1.00 15.36 ? 50   GLU A O     1 
ATOM   360  C CB    . GLU A 1 50  ? 16.540  -20.422 -11.987 1.00 16.14 ? 50   GLU A CB    1 
ATOM   361  C CG    . GLU A 1 50  ? 17.162  -19.373 -12.892 1.00 15.18 ? 50   GLU A CG    1 
ATOM   362  C CD    . GLU A 1 50  ? 17.472  -18.069 -12.179 1.00 15.86 ? 50   GLU A CD    1 
ATOM   363  O OE1   . GLU A 1 50  ? 17.088  -17.914 -10.998 1.00 13.62 ? 50   GLU A OE1   1 
ATOM   364  O OE2   . GLU A 1 50  ? 18.103  -17.195 -12.812 1.00 15.49 ? 50   GLU A OE2   1 
ATOM   365  N N     . THR A 1 51  ? 14.439  -21.396 -9.737  1.00 14.56 ? 51   THR A N     1 
ATOM   366  C CA    . THR A 1 51  ? 14.052  -22.496 -8.866  1.00 14.26 ? 51   THR A CA    1 
ATOM   367  C C     . THR A 1 51  ? 12.874  -22.218 -7.938  1.00 15.29 ? 51   THR A C     1 
ATOM   368  O O     . THR A 1 51  ? 12.063  -23.107 -7.665  1.00 15.63 ? 51   THR A O     1 
ATOM   369  C CB    . THR A 1 51  ? 15.266  -22.915 -8.003  1.00 13.67 ? 51   THR A CB    1 
ATOM   370  O OG1   . THR A 1 51  ? 16.278  -23.463 -8.856  1.00 15.51 ? 51   THR A OG1   1 
ATOM   371  C CG2   . THR A 1 51  ? 14.866  -23.939 -6.945  1.00 15.28 ? 51   THR A CG2   1 
ATOM   372  N N     . ILE A 1 52  ? 12.775  -20.980 -7.467  1.00 14.36 ? 52   ILE A N     1 
ATOM   373  C CA    . ILE A 1 52  ? 11.733  -20.604 -6.520  1.00 13.78 ? 52   ILE A CA    1 
ATOM   374  C C     . ILE A 1 52  ? 10.595  -19.742 -7.058  1.00 13.61 ? 52   ILE A C     1 
ATOM   375  O O     . ILE A 1 52  ? 10.791  -18.896 -7.934  1.00 13.06 ? 52   ILE A O     1 
ATOM   376  C CB    . ILE A 1 52  ? 12.369  -19.852 -5.314  1.00 13.11 ? 52   ILE A CB    1 
ATOM   377  C CG1   . ILE A 1 52  ? 13.444  -20.734 -4.664  1.00 12.20 ? 52   ILE A CG1   1 
ATOM   378  C CG2   . ILE A 1 52  ? 11.292  -19.458 -4.297  1.00 12.25 ? 52   ILE A CG2   1 
ATOM   379  C CD1   . ILE A 1 52  ? 14.236  -20.034 -3.568  1.00 8.79  ? 52   ILE A CD1   1 
ATOM   380  N N     . THR A 1 53  ? 9.400   -19.983 -6.527  1.00 11.87 ? 53   THR A N     1 
ATOM   381  C CA    . THR A 1 53  ? 8.232   -19.189 -6.868  1.00 12.14 ? 53   THR A CA    1 
ATOM   382  C C     . THR A 1 53  ? 7.871   -18.455 -5.579  1.00 11.67 ? 53   THR A C     1 
ATOM   383  O O     . THR A 1 53  ? 7.679   -19.083 -4.527  1.00 10.98 ? 53   THR A O     1 
ATOM   384  C CB    . THR A 1 53  ? 7.016   -20.043 -7.295  1.00 12.93 ? 53   THR A CB    1 
ATOM   385  O OG1   . THR A 1 53  ? 7.312   -20.731 -8.512  1.00 16.84 ? 53   THR A OG1   1 
ATOM   386  C CG2   . THR A 1 53  ? 5.801   -19.147 -7.526  1.00 12.61 ? 53   THR A CG2   1 
ATOM   387  N N     . ASP A 1 54  ? 7.813   -17.131 -5.659  1.00 10.66 ? 54   ASP A N     1 
ATOM   388  C CA    . ASP A 1 54  ? 7.466   -16.312 -4.507  1.00 10.47 ? 54   ASP A CA    1 
ATOM   389  C C     . ASP A 1 54  ? 5.986   -15.966 -4.492  1.00 10.78 ? 54   ASP A C     1 
ATOM   390  O O     . ASP A 1 54  ? 5.416   -15.621 -5.530  1.00 10.50 ? 54   ASP A O     1 
ATOM   391  C CB    . ASP A 1 54  ? 8.290   -15.023 -4.507  1.00 10.12 ? 54   ASP A CB    1 
ATOM   392  C CG    . ASP A 1 54  ? 9.737   -15.265 -4.147  1.00 10.49 ? 54   ASP A CG    1 
ATOM   393  O OD1   . ASP A 1 54  ? 9.985   -16.114 -3.268  1.00 10.99 ? 54   ASP A OD1   1 
ATOM   394  O OD2   . ASP A 1 54  ? 10.617  -14.603 -4.727  1.00 10.33 ? 54   ASP A OD2   1 
ATOM   395  N N     . TYR A 1 55  ? 5.366   -16.064 -3.316  1.00 10.76 ? 55   TYR A N     1 
ATOM   396  C CA    . TYR A 1 55  ? 3.945   -15.757 -3.163  1.00 10.59 ? 55   TYR A CA    1 
ATOM   397  C C     . TYR A 1 55  ? 3.815   -14.484 -2.345  1.00 10.80 ? 55   TYR A C     1 
ATOM   398  O O     . TYR A 1 55  ? 4.391   -14.374 -1.264  1.00 11.01 ? 55   TYR A O     1 
ATOM   399  C CB    . TYR A 1 55  ? 3.218   -16.908 -2.467  1.00 11.30 ? 55   TYR A CB    1 
ATOM   400  C CG    . TYR A 1 55  ? 3.371   -18.235 -3.170  1.00 12.31 ? 55   TYR A CG    1 
ATOM   401  C CD1   . TYR A 1 55  ? 3.966   -19.317 -2.524  1.00 13.49 ? 55   TYR A CD1   1 
ATOM   402  C CD2   . TYR A 1 55  ? 2.929   -18.413 -4.483  1.00 14.46 ? 55   TYR A CD2   1 
ATOM   403  C CE1   . TYR A 1 55  ? 4.122   -20.548 -3.165  1.00 14.08 ? 55   TYR A CE1   1 
ATOM   404  C CE2   . TYR A 1 55  ? 3.080   -19.643 -5.135  1.00 13.90 ? 55   TYR A CE2   1 
ATOM   405  C CZ    . TYR A 1 55  ? 3.678   -20.701 -4.466  1.00 14.91 ? 55   TYR A CZ    1 
ATOM   406  O OH    . TYR A 1 55  ? 3.833   -21.918 -5.089  1.00 17.36 ? 55   TYR A OH    1 
ATOM   407  N N     . VAL A 1 56  ? 3.053   -13.523 -2.858  1.00 10.16 ? 56   VAL A N     1 
ATOM   408  C CA    . VAL A 1 56  ? 2.904   -12.240 -2.178  1.00 10.10 ? 56   VAL A CA    1 
ATOM   409  C C     . VAL A 1 56  ? 1.458   -11.810 -1.979  1.00 11.06 ? 56   VAL A C     1 
ATOM   410  O O     . VAL A 1 56  ? 0.688   -11.716 -2.934  1.00 10.36 ? 56   VAL A O     1 
ATOM   411  C CB    . VAL A 1 56  ? 3.642   -11.127 -2.965  1.00 10.08 ? 56   VAL A CB    1 
ATOM   412  C CG1   . VAL A 1 56  ? 3.452   -9.778  -2.275  1.00 9.79  ? 56   VAL A CG1   1 
ATOM   413  C CG2   . VAL A 1 56  ? 5.120   -11.472 -3.089  1.00 9.89  ? 56   VAL A CG2   1 
ATOM   414  N N     . THR A 1 57  ? 1.093   -11.544 -0.729  1.00 11.18 ? 57   THR A N     1 
ATOM   415  C CA    . THR A 1 57  ? -0.261  -11.105 -0.421  1.00 10.36 ? 57   THR A CA    1 
ATOM   416  C C     . THR A 1 57  ? -0.228  -9.758  0.286   1.00 10.37 ? 57   THR A C     1 
ATOM   417  O O     . THR A 1 57  ? 0.830   -9.296  0.723   1.00 10.13 ? 57   THR A O     1 
ATOM   418  C CB    . THR A 1 57  ? -0.980  -12.050 0.568   1.00 10.80 ? 57   THR A CB    1 
ATOM   419  O OG1   . THR A 1 57  ? -0.303  -12.002 1.832   1.00 9.52  ? 57   THR A OG1   1 
ATOM   420  C CG2   . THR A 1 57  ? -1.010  -13.472 0.058   1.00 10.10 ? 57   THR A CG2   1 
ATOM   421  N N     . LEU A 1 58  ? -1.393  -9.126  0.364   1.00 9.17  ? 58   LEU A N     1 
ATOM   422  C CA    . LEU A 1 58  ? -1.547  -7.903  1.134   1.00 10.14 ? 58   LEU A CA    1 
ATOM   423  C C     . LEU A 1 58  ? -2.116  -8.573  2.385   1.00 10.71 ? 58   LEU A C     1 
ATOM   424  O O     . LEU A 1 58  ? -3.296  -8.945  2.425   1.00 9.69  ? 58   LEU A O     1 
ATOM   425  C CB    . LEU A 1 58  ? -2.591  -6.961  0.522   1.00 10.17 ? 58   LEU A CB    1 
ATOM   426  C CG    . LEU A 1 58  ? -3.136  -5.863  1.459   1.00 10.46 ? 58   LEU A CG    1 
ATOM   427  C CD1   . LEU A 1 58  ? -2.004  -4.969  1.951   1.00 9.59  ? 58   LEU A CD1   1 
ATOM   428  C CD2   . LEU A 1 58  ? -4.187  -5.039  0.727   1.00 9.49  ? 58   LEU A CD2   1 
ATOM   429  N N     . GLN A 1 59  ? -1.267  -8.768  3.387   1.00 11.02 ? 59   GLN A N     1 
ATOM   430  C CA    . GLN A 1 59  ? -1.695  -9.430  4.609   1.00 11.57 ? 59   GLN A CA    1 
ATOM   431  C C     . GLN A 1 59  ? -2.681  -8.608  5.411   1.00 11.85 ? 59   GLN A C     1 
ATOM   432  O O     . GLN A 1 59  ? -3.656  -9.141  5.938   1.00 11.80 ? 59   GLN A O     1 
ATOM   433  C CB    . GLN A 1 59  ? -0.496  -9.765  5.484   1.00 12.05 ? 59   GLN A CB    1 
ATOM   434  C CG    . GLN A 1 59  ? -0.874  -10.621 6.672   1.00 12.88 ? 59   GLN A CG    1 
ATOM   435  C CD    . GLN A 1 59  ? 0.331   -11.090 7.453   1.00 16.51 ? 59   GLN A CD    1 
ATOM   436  O OE1   . GLN A 1 59  ? 0.227   -11.984 8.303   1.00 17.69 ? 59   GLN A OE1   1 
ATOM   437  N NE2   . GLN A 1 59  ? 1.489   -10.489 7.175   1.00 13.83 ? 59   GLN A NE2   1 
ATOM   438  N N     . ARG A 1 60  ? -2.427  -7.307  5.496   1.00 12.05 ? 60   ARG A N     1 
ATOM   439  C CA    . ARG A 1 60  ? -3.289  -6.413  6.260   1.00 12.47 ? 60   ARG A CA    1 
ATOM   440  C C     . ARG A 1 60  ? -3.082  -4.969  5.834   1.00 11.18 ? 60   ARG A C     1 
ATOM   441  O O     . ARG A 1 60  ? -1.978  -4.572  5.463   1.00 9.66  ? 60   ARG A O     1 
ATOM   442  C CB    . ARG A 1 60  ? -2.976  -6.536  7.759   1.00 14.21 ? 60   ARG A CB    1 
ATOM   443  C CG    . ARG A 1 60  ? -3.958  -5.827  8.694   1.00 21.11 ? 60   ARG A CG    1 
ATOM   444  C CD    . ARG A 1 60  ? -3.367  -5.734  10.108  1.00 24.83 ? 60   ARG A CD    1 
ATOM   445  N NE    . ARG A 1 60  ? -2.521  -6.897  10.357  1.00 31.17 ? 60   ARG A NE    1 
ATOM   446  C CZ    . ARG A 1 60  ? -1.528  -6.938  11.243  1.00 32.85 ? 60   ARG A CZ    1 
ATOM   447  N NH1   . ARG A 1 60  ? -0.814  -8.051  11.375  1.00 34.45 ? 60   ARG A NH1   1 
ATOM   448  N NH2   . ARG A 1 60  ? -1.249  -5.880  12.006  1.00 35.04 ? 60   ARG A NH2   1 
ATOM   449  N N     . GLY A 1 61  ? -4.161  -4.195  5.877   1.00 10.58 ? 61   GLY A N     1 
ATOM   450  C CA    . GLY A 1 61  ? -4.095  -2.784  5.542   1.00 10.07 ? 61   GLY A CA    1 
ATOM   451  C C     . GLY A 1 61  ? -4.831  -2.026  6.634   1.00 12.09 ? 61   GLY A C     1 
ATOM   452  O O     . GLY A 1 61  ? -6.007  -2.304  6.892   1.00 12.19 ? 61   GLY A O     1 
ATOM   453  N N     . SER A 1 62  ? -4.151  -1.088  7.286   1.00 10.52 ? 62   SER A N     1 
ATOM   454  C CA    . SER A 1 62  ? -4.764  -0.304  8.352   1.00 11.56 ? 62   SER A CA    1 
ATOM   455  C C     . SER A 1 62  ? -4.748  1.190   8.031   1.00 12.12 ? 62   SER A C     1 
ATOM   456  O O     . SER A 1 62  ? -3.828  1.683   7.370   1.00 11.85 ? 62   SER A O     1 
ATOM   457  C CB    . SER A 1 62  ? -4.034  -0.548  9.673   1.00 11.79 ? 62   SER A CB    1 
ATOM   458  O OG    . SER A 1 62  ? -4.026  -1.925  10.000  1.00 14.79 ? 62   SER A OG    1 
ATOM   459  N N     . ALA A 1 63  ? -5.767  1.903   8.508   1.00 11.53 ? 63   ALA A N     1 
ATOM   460  C CA    . ALA A 1 63  ? -5.885  3.343   8.282   1.00 11.32 ? 63   ALA A CA    1 
ATOM   461  C C     . ALA A 1 63  ? -5.431  4.133   9.505   1.00 11.40 ? 63   ALA A C     1 
ATOM   462  O O     . ALA A 1 63  ? -5.551  3.662   10.641  1.00 10.39 ? 63   ALA A O     1 
ATOM   463  C CB    . ALA A 1 63  ? -7.331  3.703   7.948   1.00 10.77 ? 63   ALA A CB    1 
ATOM   464  N N     . TYR A 1 64  ? -4.922  5.340   9.262   1.00 10.97 ? 64   TYR A N     1 
ATOM   465  C CA    . TYR A 1 64  ? -4.451  6.218   10.332  1.00 12.01 ? 64   TYR A CA    1 
ATOM   466  C C     . TYR A 1 64  ? -4.805  7.684   10.100  1.00 11.34 ? 64   TYR A C     1 
ATOM   467  O O     . TYR A 1 64  ? -5.122  8.094   8.977   1.00 10.47 ? 64   TYR A O     1 
ATOM   468  C CB    . TYR A 1 64  ? -2.927  6.104   10.504  1.00 12.15 ? 64   TYR A CB    1 
ATOM   469  C CG    . TYR A 1 64  ? -2.468  4.736   10.941  1.00 13.64 ? 64   TYR A CG    1 
ATOM   470  C CD1   . TYR A 1 64  ? -2.340  3.698   10.022  1.00 12.16 ? 64   TYR A CD1   1 
ATOM   471  C CD2   . TYR A 1 64  ? -2.230  4.458   12.289  1.00 14.42 ? 64   TYR A CD2   1 
ATOM   472  C CE1   . TYR A 1 64  ? -1.992  2.418   10.427  1.00 13.67 ? 64   TYR A CE1   1 
ATOM   473  C CE2   . TYR A 1 64  ? -1.882  3.174   12.706  1.00 14.82 ? 64   TYR A CE2   1 
ATOM   474  C CZ    . TYR A 1 64  ? -1.769  2.159   11.768  1.00 15.58 ? 64   TYR A CZ    1 
ATOM   475  O OH    . TYR A 1 64  ? -1.457  0.879   12.170  1.00 18.13 ? 64   TYR A OH    1 
ATOM   476  N N     . GLY A 1 65  ? -4.742  8.460   11.178  1.00 10.72 ? 65   GLY A N     1 
ATOM   477  C CA    . GLY A 1 65  ? -5.016  9.887   11.115  1.00 11.40 ? 65   GLY A CA    1 
ATOM   478  C C     . GLY A 1 65  ? -6.228  10.333  10.316  1.00 11.54 ? 65   GLY A C     1 
ATOM   479  O O     . GLY A 1 65  ? -7.341  9.865   10.545  1.00 12.06 ? 65   GLY A O     1 
ATOM   480  N N     . GLY A 1 66  ? -5.994  11.250  9.379   1.00 12.07 ? 66   GLY A N     1 
ATOM   481  C CA    . GLY A 1 66  ? -7.062  11.790  8.552   1.00 11.87 ? 66   GLY A CA    1 
ATOM   482  C C     . GLY A 1 66  ? -7.802  10.773  7.708   1.00 11.66 ? 66   GLY A C     1 
ATOM   483  O O     . GLY A 1 66  ? -8.987  10.952  7.412   1.00 10.98 ? 66   GLY A O     1 
ATOM   484  N N     . VAL A 1 67  ? -7.116  9.711   7.299   1.00 10.70 ? 67   VAL A N     1 
ATOM   485  C CA    . VAL A 1 67  ? -7.772  8.687   6.499   1.00 10.89 ? 67   VAL A CA    1 
ATOM   486  C C     . VAL A 1 67  ? -8.684  7.849   7.390   1.00 11.45 ? 67   VAL A C     1 
ATOM   487  O O     . VAL A 1 67  ? -9.811  7.529   7.012   1.00 10.48 ? 67   VAL A O     1 
ATOM   488  C CB    . VAL A 1 67  ? -6.740  7.798   5.768   1.00 11.45 ? 67   VAL A CB    1 
ATOM   489  C CG1   . VAL A 1 67  ? -7.417  6.580   5.169   1.00 11.07 ? 67   VAL A CG1   1 
ATOM   490  C CG2   . VAL A 1 67  ? -6.078  8.608   4.656   1.00 9.70  ? 67   VAL A CG2   1 
ATOM   491  N N     . LEU A 1 68  ? -8.203  7.521   8.585   1.00 11.74 ? 68   LEU A N     1 
ATOM   492  C CA    . LEU A 1 68  ? -8.995  6.745   9.536   1.00 11.59 ? 68   LEU A CA    1 
ATOM   493  C C     . LEU A 1 68  ? -10.277 7.485   9.940   1.00 11.77 ? 68   LEU A C     1 
ATOM   494  O O     . LEU A 1 68  ? -11.345 6.882   10.056  1.00 13.49 ? 68   LEU A O     1 
ATOM   495  C CB    . LEU A 1 68  ? -8.166  6.449   10.795  1.00 9.76  ? 68   LEU A CB    1 
ATOM   496  C CG    . LEU A 1 68  ? -8.887  5.775   11.969  1.00 9.65  ? 68   LEU A CG    1 
ATOM   497  C CD1   . LEU A 1 68  ? -9.339  4.376   11.560  1.00 11.97 ? 68   LEU A CD1   1 
ATOM   498  C CD2   . LEU A 1 68  ? -7.958  5.706   13.179  1.00 8.90  ? 68   LEU A CD2   1 
ATOM   499  N N     . SER A 1 69  ? -10.176 8.794   10.131  1.00 12.36 ? 69   SER A N     1 
ATOM   500  C CA    . SER A 1 69  ? -11.328 9.572   10.567  1.00 12.66 ? 69   SER A CA    1 
ATOM   501  C C     . SER A 1 69  ? -12.186 10.262  9.516   1.00 12.77 ? 69   SER A C     1 
ATOM   502  O O     . SER A 1 69  ? -13.401 10.363  9.689   1.00 12.29 ? 69   SER A O     1 
ATOM   503  C CB    . SER A 1 69  ? -10.874 10.631  11.565  1.00 15.30 ? 69   SER A CB    1 
ATOM   504  O OG    . SER A 1 69  ? -10.127 11.637  10.909  1.00 16.90 ? 69   SER A OG    1 
ATOM   505  N N     . ASN A 1 70  ? -11.574 10.723  8.428   1.00 11.86 ? 70   ASN A N     1 
ATOM   506  C CA    . ASN A 1 70  ? -12.321 11.472  7.418   1.00 11.57 ? 70   ASN A CA    1 
ATOM   507  C C     . ASN A 1 70  ? -12.680 10.796  6.104   1.00 11.50 ? 70   ASN A C     1 
ATOM   508  O O     . ASN A 1 70  ? -13.424 11.367  5.300   1.00 10.54 ? 70   ASN A O     1 
ATOM   509  C CB    . ASN A 1 70  ? -11.576 12.775  7.112   1.00 10.65 ? 70   ASN A CB    1 
ATOM   510  C CG    . ASN A 1 70  ? -11.371 13.629  8.349   1.00 11.86 ? 70   ASN A CG    1 
ATOM   511  O OD1   . ASN A 1 70  ? -12.303 13.854  9.121   1.00 12.44 ? 70   ASN A OD1   1 
ATOM   512  N ND2   . ASN A 1 70  ? -10.150 14.119  8.538   1.00 11.22 ? 70   ASN A ND2   1 
ATOM   513  N N     . PHE A 1 71  ? -12.167 9.593   5.878   1.00 11.25 ? 71   PHE A N     1 
ATOM   514  C CA    . PHE A 1 71  ? -12.445 8.892   4.633   1.00 11.78 ? 71   PHE A CA    1 
ATOM   515  C C     . PHE A 1 71  ? -12.984 7.489   4.837   1.00 11.32 ? 71   PHE A C     1 
ATOM   516  O O     . PHE A 1 71  ? -12.866 6.912   5.913   1.00 11.24 ? 71   PHE A O     1 
ATOM   517  C CB    . PHE A 1 71  ? -11.172 8.786   3.782   1.00 10.25 ? 71   PHE A CB    1 
ATOM   518  C CG    . PHE A 1 71  ? -10.629 10.104  3.320   1.00 9.25  ? 71   PHE A CG    1 
ATOM   519  C CD1   . PHE A 1 71  ? -9.991  10.960  4.206   1.00 10.39 ? 71   PHE A CD1   1 
ATOM   520  C CD2   . PHE A 1 71  ? -10.778 10.497  1.992   1.00 11.34 ? 71   PHE A CD2   1 
ATOM   521  C CE1   . PHE A 1 71  ? -9.509  12.189  3.782   1.00 12.11 ? 71   PHE A CE1   1 
ATOM   522  C CE2   . PHE A 1 71  ? -10.301 11.725  1.555   1.00 12.08 ? 71   PHE A CE2   1 
ATOM   523  C CZ    . PHE A 1 71  ? -9.665  12.575  2.452   1.00 13.74 ? 71   PHE A CZ    1 
ATOM   524  N N     . SER A 1 72  ? -13.586 6.957   3.782   1.00 11.26 ? 72   SER A N     1 
ATOM   525  C CA    . SER A 1 72  ? -14.088 5.593   3.785   1.00 14.02 ? 72   SER A CA    1 
ATOM   526  C C     . SER A 1 72  ? -13.508 5.068   2.490   1.00 15.07 ? 72   SER A C     1 
ATOM   527  O O     . SER A 1 72  ? -13.272 5.836   1.556   1.00 16.41 ? 72   SER A O     1 
ATOM   528  C CB    . SER A 1 72  ? -15.615 5.544   3.726   1.00 15.79 ? 72   SER A CB    1 
ATOM   529  O OG    . SER A 1 72  ? -16.088 5.957   2.459   1.00 18.10 ? 72   SER A OG    1 
ATOM   530  N N     . GLY A 1 73  ? -13.244 3.777   2.417   1.00 16.08 ? 73   GLY A N     1 
ATOM   531  C CA    . GLY A 1 73  ? -12.684 3.286   1.183   1.00 16.70 ? 73   GLY A CA    1 
ATOM   532  C C     . GLY A 1 73  ? -12.476 1.799   1.088   1.00 15.05 ? 73   GLY A C     1 
ATOM   533  O O     . GLY A 1 73  ? -12.881 1.025   1.955   1.00 13.79 ? 73   GLY A O     1 
ATOM   534  N N     . THR A 1 74  ? -11.837 1.423   -0.009  1.00 13.58 ? 74   THR A N     1 
ATOM   535  C CA    . THR A 1 74  ? -11.521 0.044   -0.302  1.00 12.96 ? 74   THR A CA    1 
ATOM   536  C C     . THR A 1 74  ? -10.080 0.022   -0.780  1.00 11.40 ? 74   THR A C     1 
ATOM   537  O O     . THR A 1 74  ? -9.500  1.064   -1.094  1.00 9.54  ? 74   THR A O     1 
ATOM   538  C CB    . THR A 1 74  ? -12.409 -0.500  -1.441  1.00 13.56 ? 74   THR A CB    1 
ATOM   539  O OG1   . THR A 1 74  ? -12.215 0.303   -2.615  1.00 12.58 ? 74   THR A OG1   1 
ATOM   540  C CG2   . THR A 1 74  ? -13.880 -0.462  -1.044  1.00 15.05 ? 74   THR A CG2   1 
ATOM   541  N N     . VAL A 1 75  ? -9.497  -1.166  -0.810  1.00 11.10 ? 75   VAL A N     1 
ATOM   542  C CA    . VAL A 1 75  ? -8.147  -1.323  -1.305  1.00 10.89 ? 75   VAL A CA    1 
ATOM   543  C C     . VAL A 1 75  ? -8.239  -2.272  -2.492  1.00 11.37 ? 75   VAL A C     1 
ATOM   544  O O     . VAL A 1 75  ? -8.897  -3.315  -2.422  1.00 10.80 ? 75   VAL A O     1 
ATOM   545  C CB    . VAL A 1 75  ? -7.200  -1.904  -0.239  1.00 10.62 ? 75   VAL A CB    1 
ATOM   546  C CG1   . VAL A 1 75  ? -7.779  -3.182  0.353   1.00 11.10 ? 75   VAL A CG1   1 
ATOM   547  C CG2   . VAL A 1 75  ? -5.841  -2.171  -0.866  1.00 9.61  ? 75   VAL A CG2   1 
ATOM   548  N N     . LYS A 1 76  ? -7.611  -1.889  -3.596  1.00 10.83 ? 76   LYS A N     1 
ATOM   549  C CA    . LYS A 1 76  ? -7.625  -2.718  -4.788  1.00 12.17 ? 76   LYS A CA    1 
ATOM   550  C C     . LYS A 1 76  ? -6.288  -3.449  -4.885  1.00 11.27 ? 76   LYS A C     1 
ATOM   551  O O     . LYS A 1 76  ? -5.230  -2.823  -4.945  1.00 11.41 ? 76   LYS A O     1 
ATOM   552  C CB    . LYS A 1 76  ? -7.858  -1.852  -6.031  1.00 12.25 ? 76   LYS A CB    1 
ATOM   553  C CG    . LYS A 1 76  ? -8.122  -2.656  -7.300  1.00 15.80 ? 76   LYS A CG    1 
ATOM   554  C CD    . LYS A 1 76  ? -8.596  -1.757  -8.435  1.00 16.70 ? 76   LYS A CD    1 
ATOM   555  C CE    . LYS A 1 76  ? -9.025  -2.568  -9.643  1.00 20.06 ? 76   LYS A CE    1 
ATOM   556  N NZ    . LYS A 1 76  ? -9.472  -1.682  -10.751 1.00 23.83 ? 76   LYS A NZ    1 
ATOM   557  N N     . TYR A 1 77  ? -6.343  -4.778  -4.875  1.00 11.60 ? 77   TYR A N     1 
ATOM   558  C CA    . TYR A 1 77  ? -5.133  -5.585  -4.959  1.00 10.66 ? 77   TYR A CA    1 
ATOM   559  C C     . TYR A 1 77  ? -5.186  -6.544  -6.135  1.00 10.95 ? 77   TYR A C     1 
ATOM   560  O O     . TYR A 1 77  ? -6.029  -7.444  -6.181  1.00 10.69 ? 77   TYR A O     1 
ATOM   561  C CB    . TYR A 1 77  ? -4.921  -6.388  -3.670  1.00 10.49 ? 77   TYR A CB    1 
ATOM   562  C CG    . TYR A 1 77  ? -3.589  -7.113  -3.631  1.00 10.70 ? 77   TYR A CG    1 
ATOM   563  C CD1   . TYR A 1 77  ? -2.393  -6.406  -3.730  1.00 10.83 ? 77   TYR A CD1   1 
ATOM   564  C CD2   . TYR A 1 77  ? -3.521  -8.501  -3.488  1.00 10.36 ? 77   TYR A CD2   1 
ATOM   565  C CE1   . TYR A 1 77  ? -1.156  -7.058  -3.686  1.00 12.35 ? 77   TYR A CE1   1 
ATOM   566  C CE2   . TYR A 1 77  ? -2.287  -9.166  -3.440  1.00 11.24 ? 77   TYR A CE2   1 
ATOM   567  C CZ    . TYR A 1 77  ? -1.112  -8.436  -3.538  1.00 11.66 ? 77   TYR A CZ    1 
ATOM   568  O OH    . TYR A 1 77  ? 0.109   -9.071  -3.471  1.00 12.59 ? 77   TYR A OH    1 
ATOM   569  N N     . SER A 1 78  ? -4.283  -6.343  -7.086  1.00 12.13 ? 78   SER A N     1 
ATOM   570  C CA    . SER A 1 78  ? -4.190  -7.206  -8.254  1.00 14.71 ? 78   SER A CA    1 
ATOM   571  C C     . SER A 1 78  ? -5.543  -7.441  -8.942  1.00 15.20 ? 78   SER A C     1 
ATOM   572  O O     . SER A 1 78  ? -5.926  -8.587  -9.204  1.00 16.04 ? 78   SER A O     1 
ATOM   573  C CB    . SER A 1 78  ? -3.559  -8.545  -7.836  1.00 15.59 ? 78   SER A CB    1 
ATOM   574  O OG    . SER A 1 78  ? -3.118  -9.296  -8.955  1.00 15.20 ? 78   SER A OG    1 
ATOM   575  N N     . GLY A 1 79  ? -6.261  -6.354  -9.222  1.00 15.71 ? 79   GLY A N     1 
ATOM   576  C CA    . GLY A 1 79  ? -7.544  -6.456  -9.905  1.00 16.85 ? 79   GLY A CA    1 
ATOM   577  C C     . GLY A 1 79  ? -8.807  -6.606  -9.072  1.00 17.73 ? 79   GLY A C     1 
ATOM   578  O O     . GLY A 1 79  ? -9.910  -6.400  -9.584  1.00 18.52 ? 79   GLY A O     1 
ATOM   579  N N     . SER A 1 80  ? -8.663  -6.956  -7.796  1.00 17.09 ? 80   SER A N     1 
ATOM   580  C CA    . SER A 1 80  ? -9.814  -7.142  -6.925  1.00 15.18 ? 80   SER A CA    1 
ATOM   581  C C     . SER A 1 80  ? -9.886  -6.110  -5.802  1.00 14.28 ? 80   SER A C     1 
ATOM   582  O O     . SER A 1 80  ? -8.861  -5.682  -5.280  1.00 14.04 ? 80   SER A O     1 
ATOM   583  C CB    . SER A 1 80  ? -9.785  -8.545  -6.326  1.00 16.74 ? 80   SER A CB    1 
ATOM   584  O OG    . SER A 1 80  ? -9.855  -9.524  -7.346  1.00 19.35 ? 80   SER A OG    1 
ATOM   585  N N     . SER A 1 81  ? -11.107 -5.729  -5.435  1.00 13.12 ? 81   SER A N     1 
ATOM   586  C CA    . SER A 1 81  ? -11.328 -4.747  -4.381  1.00 13.32 ? 81   SER A CA    1 
ATOM   587  C C     . SER A 1 81  ? -11.759 -5.396  -3.072  1.00 12.60 ? 81   SER A C     1 
ATOM   588  O O     . SER A 1 81  ? -12.534 -6.354  -3.063  1.00 12.01 ? 81   SER A O     1 
ATOM   589  C CB    . SER A 1 81  ? -12.387 -3.734  -4.818  1.00 14.79 ? 81   SER A CB    1 
ATOM   590  O OG    . SER A 1 81  ? -11.945 -3.022  -5.956  1.00 18.63 ? 81   SER A OG    1 
ATOM   591  N N     . TYR A 1 82  ? -11.248 -4.861  -1.970  1.00 12.81 ? 82   TYR A N     1 
ATOM   592  C CA    . TYR A 1 82  ? -11.559 -5.375  -0.641  1.00 13.77 ? 82   TYR A CA    1 
ATOM   593  C C     . TYR A 1 82  ? -11.797 -4.216  0.307   1.00 14.05 ? 82   TYR A C     1 
ATOM   594  O O     . TYR A 1 82  ? -11.427 -3.076  0.019   1.00 12.94 ? 82   TYR A O     1 
ATOM   595  C CB    . TYR A 1 82  ? -10.398 -6.214  -0.093  1.00 14.33 ? 82   TYR A CB    1 
ATOM   596  C CG    . TYR A 1 82  ? -9.931  -7.311  -1.021  1.00 14.52 ? 82   TYR A CG    1 
ATOM   597  C CD1   . TYR A 1 82  ? -9.025  -7.045  -2.044  1.00 13.67 ? 82   TYR A CD1   1 
ATOM   598  C CD2   . TYR A 1 82  ? -10.422 -8.608  -0.897  1.00 13.91 ? 82   TYR A CD2   1 
ATOM   599  C CE1   . TYR A 1 82  ? -8.621  -8.042  -2.920  1.00 14.73 ? 82   TYR A CE1   1 
ATOM   600  C CE2   . TYR A 1 82  ? -10.026 -9.608  -1.766  1.00 14.67 ? 82   TYR A CE2   1 
ATOM   601  C CZ    . TYR A 1 82  ? -9.126  -9.319  -2.776  1.00 14.31 ? 82   TYR A CZ    1 
ATOM   602  O OH    . TYR A 1 82  ? -8.738  -10.304 -3.651  1.00 15.30 ? 82   TYR A OH    1 
ATOM   603  N N     . PRO A 1 83  ? -12.415 -4.494  1.464   1.00 14.59 ? 83   PRO A N     1 
ATOM   604  C CA    . PRO A 1 83  ? -12.672 -3.431  2.433   1.00 13.95 ? 83   PRO A CA    1 
ATOM   605  C C     . PRO A 1 83  ? -11.344 -2.902  2.958   1.00 13.54 ? 83   PRO A C     1 
ATOM   606  O O     . PRO A 1 83  ? -10.362 -3.638  3.018   1.00 12.56 ? 83   PRO A O     1 
ATOM   607  C CB    . PRO A 1 83  ? -13.452 -4.143  3.539   1.00 14.77 ? 83   PRO A CB    1 
ATOM   608  C CG    . PRO A 1 83  ? -14.077 -5.319  2.837   1.00 16.26 ? 83   PRO A CG    1 
ATOM   609  C CD    . PRO A 1 83  ? -12.982 -5.775  1.920   1.00 15.16 ? 83   PRO A CD    1 
ATOM   610  N N     . PHE A 1 84  ? -11.324 -1.626  3.328   1.00 12.92 ? 84   PHE A N     1 
ATOM   611  C CA    . PHE A 1 84  ? -10.139 -0.995  3.898   1.00 12.93 ? 84   PHE A CA    1 
ATOM   612  C C     . PHE A 1 84  ? -10.638 -0.036  4.971   1.00 13.38 ? 84   PHE A C     1 
ATOM   613  O O     . PHE A 1 84  ? -11.435 0.858   4.683   1.00 14.04 ? 84   PHE A O     1 
ATOM   614  C CB    . PHE A 1 84  ? -9.350  -0.210  2.847   1.00 11.53 ? 84   PHE A CB    1 
ATOM   615  C CG    . PHE A 1 84  ? -8.182  0.545   3.424   1.00 12.47 ? 84   PHE A CG    1 
ATOM   616  C CD1   . PHE A 1 84  ? -7.003  -0.120  3.761   1.00 11.67 ? 84   PHE A CD1   1 
ATOM   617  C CD2   . PHE A 1 84  ? -8.280  1.912   3.689   1.00 11.72 ? 84   PHE A CD2   1 
ATOM   618  C CE1   . PHE A 1 84  ? -5.937  0.565   4.355   1.00 11.11 ? 84   PHE A CE1   1 
ATOM   619  C CE2   . PHE A 1 84  ? -7.218  2.605   4.286   1.00 11.79 ? 84   PHE A CE2   1 
ATOM   620  C CZ    . PHE A 1 84  ? -6.045  1.929   4.619   1.00 10.23 ? 84   PHE A CZ    1 
ATOM   621  N N     . PRO A 1 85  ? -10.195 -0.218  6.227   1.00 13.11 ? 85   PRO A N     1 
ATOM   622  C CA    . PRO A 1 85  ? -9.270  -1.240  6.733   1.00 12.56 ? 85   PRO A CA    1 
ATOM   623  C C     . PRO A 1 85  ? -9.653  -2.652  6.287   1.00 12.40 ? 85   PRO A C     1 
ATOM   624  O O     . PRO A 1 85  ? -10.837 -2.974  6.154   1.00 13.42 ? 85   PRO A O     1 
ATOM   625  C CB    . PRO A 1 85  ? -9.368  -1.068  8.249   1.00 13.09 ? 85   PRO A CB    1 
ATOM   626  C CG    . PRO A 1 85  ? -9.601  0.395   8.400   1.00 14.64 ? 85   PRO A CG    1 
ATOM   627  C CD    . PRO A 1 85  ? -10.628 0.675   7.315   1.00 14.57 ? 85   PRO A CD    1 
ATOM   628  N N     . THR A 1 86  ? -8.645  -3.487  6.064   1.00 12.45 ? 86   THR A N     1 
ATOM   629  C CA    . THR A 1 86  ? -8.856  -4.863  5.619   1.00 13.46 ? 86   THR A CA    1 
ATOM   630  C C     . THR A 1 86  ? -9.471  -5.761  6.688   1.00 14.66 ? 86   THR A C     1 
ATOM   631  O O     . THR A 1 86  ? -9.300  -5.536  7.891   1.00 14.81 ? 86   THR A O     1 
ATOM   632  C CB    . THR A 1 86  ? -7.536  -5.508  5.155   1.00 12.53 ? 86   THR A CB    1 
ATOM   633  O OG1   . THR A 1 86  ? -6.606  -5.520  6.243   1.00 9.15  ? 86   THR A OG1   1 
ATOM   634  C CG2   . THR A 1 86  ? -6.945  -4.726  3.988   1.00 11.88 ? 86   THR A CG2   1 
ATOM   635  N N     . THR A 1 87  ? -10.180 -6.790  6.236   1.00 14.72 ? 87   THR A N     1 
ATOM   636  C CA    . THR A 1 87  ? -10.836 -7.723  7.141   1.00 15.59 ? 87   THR A CA    1 
ATOM   637  C C     . THR A 1 87  ? -10.216 -9.114  7.063   1.00 16.54 ? 87   THR A C     1 
ATOM   638  O O     . THR A 1 87  ? -10.533 -9.986  7.869   1.00 17.81 ? 87   THR A O     1 
ATOM   639  C CB    . THR A 1 87  ? -12.340 -7.814  6.828   1.00 15.90 ? 87   THR A CB    1 
ATOM   640  O OG1   . THR A 1 87  ? -12.522 -8.170  5.455   1.00 18.05 ? 87   THR A OG1   1 
ATOM   641  C CG2   . THR A 1 87  ? -13.018 -6.478  7.086   1.00 16.23 ? 87   THR A CG2   1 
ATOM   642  N N     . SER A 1 88  ? -9.325  -9.312  6.095   1.00 14.71 ? 88   SER A N     1 
ATOM   643  C CA    . SER A 1 88  ? -8.645  -10.593 5.927   1.00 15.21 ? 88   SER A CA    1 
ATOM   644  C C     . SER A 1 88  ? -7.470  -10.443 4.968   1.00 14.34 ? 88   SER A C     1 
ATOM   645  O O     . SER A 1 88  ? -7.276  -9.383  4.370   1.00 15.03 ? 88   SER A O     1 
ATOM   646  C CB    . SER A 1 88  ? -9.603  -11.637 5.367   1.00 15.27 ? 88   SER A CB    1 
ATOM   647  O OG    . SER A 1 88  ? -9.922  -11.330 4.021   1.00 19.61 ? 88   SER A OG    1 
ATOM   648  N N     . GLU A 1 89  ? -6.697  -11.516 4.824   1.00 12.71 ? 89   GLU A N     1 
ATOM   649  C CA    . GLU A 1 89  ? -5.548  -11.530 3.929   1.00 12.87 ? 89   GLU A CA    1 
ATOM   650  C C     . GLU A 1 89  ? -6.016  -11.834 2.500   1.00 11.25 ? 89   GLU A C     1 
ATOM   651  O O     . GLU A 1 89  ? -6.863  -12.695 2.285   1.00 12.46 ? 89   GLU A O     1 
ATOM   652  C CB    . GLU A 1 89  ? -4.549  -12.590 4.397   1.00 12.51 ? 89   GLU A CB    1 
ATOM   653  C CG    . GLU A 1 89  ? -3.300  -12.683 3.541   1.00 14.09 ? 89   GLU A CG    1 
ATOM   654  C CD    . GLU A 1 89  ? -2.261  -13.613 4.134   1.00 14.37 ? 89   GLU A CD    1 
ATOM   655  O OE1   . GLU A 1 89  ? -1.154  -13.710 3.567   1.00 14.64 ? 89   GLU A OE1   1 
ATOM   656  O OE2   . GLU A 1 89  ? -2.553  -14.250 5.168   1.00 18.72 ? 89   GLU A OE2   1 
ATOM   657  N N     . THR A 1 90  ? -5.464  -11.121 1.524   1.00 11.00 ? 90   THR A N     1 
ATOM   658  C CA    . THR A 1 90  ? -5.849  -11.310 0.125   1.00 10.36 ? 90   THR A CA    1 
ATOM   659  C C     . THR A 1 90  ? -5.238  -12.561 -0.473  1.00 10.87 ? 90   THR A C     1 
ATOM   660  O O     . THR A 1 90  ? -4.391  -13.208 0.141   1.00 11.01 ? 90   THR A O     1 
ATOM   661  C CB    . THR A 1 90  ? -5.351  -10.153 -0.780  1.00 9.37  ? 90   THR A CB    1 
ATOM   662  O OG1   . THR A 1 90  ? -3.915  -10.174 -0.829  1.00 9.22  ? 90   THR A OG1   1 
ATOM   663  C CG2   . THR A 1 90  ? -5.825  -8.812  -0.267  1.00 8.85  ? 90   THR A CG2   1 
ATOM   664  N N     . PRO A 1 91  ? -5.680  -12.927 -1.687  1.00 12.64 ? 91   PRO A N     1 
ATOM   665  C CA    . PRO A 1 91  ? -5.136  -14.104 -2.358  1.00 12.64 ? 91   PRO A CA    1 
ATOM   666  C C     . PRO A 1 91  ? -3.707  -13.717 -2.738  1.00 13.08 ? 91   PRO A C     1 
ATOM   667  O O     . PRO A 1 91  ? -3.352  -12.538 -2.704  1.00 12.34 ? 91   PRO A O     1 
ATOM   668  C CB    . PRO A 1 91  ? -6.029  -14.248 -3.586  1.00 13.38 ? 91   PRO A CB    1 
ATOM   669  C CG    . PRO A 1 91  ? -7.337  -13.720 -3.112  1.00 12.79 ? 91   PRO A CG    1 
ATOM   670  C CD    . PRO A 1 91  ? -6.924  -12.484 -2.347  1.00 12.37 ? 91   PRO A CD    1 
ATOM   671  N N     . ARG A 1 92  ? -2.903  -14.705 -3.108  1.00 14.09 ? 92   ARG A N     1 
ATOM   672  C CA    . ARG A 1 92  ? -1.507  -14.494 -3.478  1.00 15.40 ? 92   ARG A CA    1 
ATOM   673  C C     . ARG A 1 92  ? -1.276  -14.003 -4.903  1.00 15.86 ? 92   ARG A C     1 
ATOM   674  O O     . ARG A 1 92  ? -2.053  -14.289 -5.814  1.00 16.77 ? 92   ARG A O     1 
ATOM   675  C CB    . ARG A 1 92  ? -0.729  -15.800 -3.337  1.00 16.30 ? 92   ARG A CB    1 
ATOM   676  C CG    . ARG A 1 92  ? -0.643  -16.392 -1.956  1.00 21.98 ? 92   ARG A CG    1 
ATOM   677  C CD    . ARG A 1 92  ? -0.212  -17.847 -2.104  1.00 25.91 ? 92   ARG A CD    1 
ATOM   678  N NE    . ARG A 1 92  ? 0.242   -18.458 -0.860  1.00 29.37 ? 92   ARG A NE    1 
ATOM   679  C CZ    . ARG A 1 92  ? 0.594   -19.735 -0.754  1.00 30.79 ? 92   ARG A CZ    1 
ATOM   680  N NH1   . ARG A 1 92  ? 1.004   -20.222 0.411   1.00 31.32 ? 92   ARG A NH1   1 
ATOM   681  N NH2   . ARG A 1 92  ? 0.523   -20.527 -1.821  1.00 29.90 ? 92   ARG A NH2   1 
ATOM   682  N N     . VAL A 1 93  ? -0.178  -13.274 -5.077  1.00 14.95 ? 93   VAL A N     1 
ATOM   683  C CA    . VAL A 1 93  ? 0.264   -12.787 -6.380  1.00 14.76 ? 93   VAL A CA    1 
ATOM   684  C C     . VAL A 1 93  ? 1.633   -13.452 -6.541  1.00 15.49 ? 93   VAL A C     1 
ATOM   685  O O     . VAL A 1 93  ? 2.466   -13.398 -5.632  1.00 14.52 ? 93   VAL A O     1 
ATOM   686  C CB    . VAL A 1 93  ? 0.439   -11.251 -6.406  1.00 14.33 ? 93   VAL A CB    1 
ATOM   687  C CG1   . VAL A 1 93  ? 1.245   -10.836 -7.638  1.00 16.61 ? 93   VAL A CG1   1 
ATOM   688  C CG2   . VAL A 1 93  ? -0.926  -10.569 -6.437  1.00 14.16 ? 93   VAL A CG2   1 
ATOM   689  N N     . VAL A 1 94  ? 1.864   -14.100 -7.676  1.00 15.30 ? 94   VAL A N     1 
ATOM   690  C CA    . VAL A 1 94  ? 3.142   -14.766 -7.897  1.00 14.87 ? 94   VAL A CA    1 
ATOM   691  C C     . VAL A 1 94  ? 4.211   -13.851 -8.477  1.00 14.82 ? 94   VAL A C     1 
ATOM   692  O O     . VAL A 1 94  ? 3.955   -13.086 -9.407  1.00 15.10 ? 94   VAL A O     1 
ATOM   693  C CB    . VAL A 1 94  ? 2.977   -15.991 -8.837  1.00 15.58 ? 94   VAL A CB    1 
ATOM   694  C CG1   . VAL A 1 94  ? 4.338   -16.446 -9.357  1.00 17.46 ? 94   VAL A CG1   1 
ATOM   695  C CG2   . VAL A 1 94  ? 2.297   -17.129 -8.093  1.00 14.71 ? 94   VAL A CG2   1 
ATOM   696  N N     . TYR A 1 95  ? 5.408   -13.922 -7.902  1.00 12.71 ? 95   TYR A N     1 
ATOM   697  C CA    . TYR A 1 95  ? 6.546   -13.154 -8.396  1.00 13.01 ? 95   TYR A CA    1 
ATOM   698  C C     . TYR A 1 95  ? 7.534   -14.198 -8.880  1.00 13.34 ? 95   TYR A C     1 
ATOM   699  O O     . TYR A 1 95  ? 8.088   -14.965 -8.091  1.00 11.98 ? 95   TYR A O     1 
ATOM   700  C CB    . TYR A 1 95  ? 7.162   -12.282 -7.298  1.00 11.36 ? 95   TYR A CB    1 
ATOM   701  C CG    . TYR A 1 95  ? 6.394   -10.996 -7.073  1.00 11.66 ? 95   TYR A CG    1 
ATOM   702  C CD1   . TYR A 1 95  ? 5.120   -11.015 -6.503  1.00 11.30 ? 95   TYR A CD1   1 
ATOM   703  C CD2   . TYR A 1 95  ? 6.921   -9.761  -7.474  1.00 12.07 ? 95   TYR A CD2   1 
ATOM   704  C CE1   . TYR A 1 95  ? 4.384   -9.842  -6.338  1.00 10.72 ? 95   TYR A CE1   1 
ATOM   705  C CE2   . TYR A 1 95  ? 6.188   -8.577  -7.313  1.00 10.84 ? 95   TYR A CE2   1 
ATOM   706  C CZ    . TYR A 1 95  ? 4.922   -8.632  -6.746  1.00 10.69 ? 95   TYR A CZ    1 
ATOM   707  O OH    . TYR A 1 95  ? 4.181   -7.488  -6.588  1.00 13.34 ? 95   TYR A OH    1 
ATOM   708  N N     . ASN A 1 96  ? 7.729   -14.241 -10.191 1.00 13.07 ? 96   ASN A N     1 
ATOM   709  C CA    . ASN A 1 96  ? 8.613   -15.222 -10.785 1.00 14.49 ? 96   ASN A CA    1 
ATOM   710  C C     . ASN A 1 96  ? 9.637   -14.604 -11.724 1.00 14.71 ? 96   ASN A C     1 
ATOM   711  O O     . ASN A 1 96  ? 10.018  -15.209 -12.722 1.00 15.18 ? 96   ASN A O     1 
ATOM   712  C CB    . ASN A 1 96  ? 7.787   -16.259 -11.542 1.00 16.47 ? 96   ASN A CB    1 
ATOM   713  C CG    . ASN A 1 96  ? 6.846   -15.624 -12.555 1.00 20.50 ? 96   ASN A CG    1 
ATOM   714  O OD1   . ASN A 1 96  ? 6.967   -14.437 -12.874 1.00 21.10 ? 96   ASN A OD1   1 
ATOM   715  N ND2   . ASN A 1 96  ? 5.909   -16.414 -13.071 1.00 21.61 ? 96   ASN A ND2   1 
ATOM   716  N N     . SER A 1 97  ? 10.084  -13.398 -11.409 1.00 14.48 ? 97   SER A N     1 
ATOM   717  C CA    . SER A 1 97  ? 11.073  -12.745 -12.245 1.00 14.59 ? 97   SER A CA    1 
ATOM   718  C C     . SER A 1 97  ? 12.047  -11.942 -11.408 1.00 13.95 ? 97   SER A C     1 
ATOM   719  O O     . SER A 1 97  ? 11.686  -11.386 -10.371 1.00 12.52 ? 97   SER A O     1 
ATOM   720  C CB    . SER A 1 97  ? 10.400  -11.828 -13.262 1.00 15.95 ? 97   SER A CB    1 
ATOM   721  O OG    . SER A 1 97  ? 11.374  -11.097 -13.987 1.00 16.92 ? 97   SER A OG    1 
ATOM   722  N N     . ARG A 1 98  ? 13.287  -11.883 -11.872 1.00 13.93 ? 98   ARG A N     1 
ATOM   723  C CA    . ARG A 1 98  ? 14.326  -11.150 -11.179 1.00 14.39 ? 98   ARG A CA    1 
ATOM   724  C C     . ARG A 1 98  ? 14.159  -9.655  -11.473 1.00 15.26 ? 98   ARG A C     1 
ATOM   725  O O     . ARG A 1 98  ? 14.696  -8.803  -10.763 1.00 14.90 ? 98   ARG A O     1 
ATOM   726  C CB    . ARG A 1 98  ? 15.695  -11.669 -11.636 1.00 15.23 ? 98   ARG A CB    1 
ATOM   727  C CG    . ARG A 1 98  ? 16.868  -11.127 -10.853 1.00 14.51 ? 98   ARG A CG    1 
ATOM   728  C CD    . ARG A 1 98  ? 18.155  -11.891 -11.163 1.00 15.57 ? 98   ARG A CD    1 
ATOM   729  N NE    . ARG A 1 98  ? 18.278  -13.144 -10.412 1.00 15.36 ? 98   ARG A NE    1 
ATOM   730  C CZ    . ARG A 1 98  ? 18.066  -14.357 -10.914 1.00 14.79 ? 98   ARG A CZ    1 
ATOM   731  N NH1   . ARG A 1 98  ? 17.711  -14.505 -12.185 1.00 14.08 ? 98   ARG A NH1   1 
ATOM   732  N NH2   . ARG A 1 98  ? 18.226  -15.426 -10.145 1.00 13.74 ? 98   ARG A NH2   1 
ATOM   733  N N     . THR A 1 99  ? 13.397  -9.345  -12.521 1.00 15.30 ? 99   THR A N     1 
ATOM   734  C CA    . THR A 1 99  ? 13.129  -7.957  -12.900 1.00 16.22 ? 99   THR A CA    1 
ATOM   735  C C     . THR A 1 99  ? 12.067  -7.385  -11.969 1.00 15.96 ? 99   THR A C     1 
ATOM   736  O O     . THR A 1 99  ? 11.067  -8.045  -11.687 1.00 17.05 ? 99   THR A O     1 
ATOM   737  C CB    . THR A 1 99  ? 12.595  -7.862  -14.348 1.00 16.44 ? 99   THR A CB    1 
ATOM   738  O OG1   . THR A 1 99  ? 13.568  -8.389  -15.253 1.00 18.62 ? 99   THR A OG1   1 
ATOM   739  C CG2   . THR A 1 99  ? 12.294  -6.418  -14.716 1.00 16.43 ? 99   THR A CG2   1 
ATOM   740  N N     . ASP A 1 100 ? 12.272  -6.161  -11.497 1.00 16.97 ? 100  ASP A N     1 
ATOM   741  C CA    . ASP A 1 100 ? 11.304  -5.540  -10.598 1.00 18.11 ? 100  ASP A CA    1 
ATOM   742  C C     . ASP A 1 100 ? 9.916   -5.434  -11.207 1.00 18.26 ? 100  ASP A C     1 
ATOM   743  O O     . ASP A 1 100 ? 9.756   -5.044  -12.364 1.00 18.10 ? 100  ASP A O     1 
ATOM   744  C CB    . ASP A 1 100 ? 11.761  -4.143  -10.172 1.00 19.70 ? 100  ASP A CB    1 
ATOM   745  C CG    . ASP A 1 100 ? 12.945  -4.182  -9.232  1.00 23.12 ? 100  ASP A CG    1 
ATOM   746  O OD1   . ASP A 1 100 ? 13.008  -5.101  -8.392  1.00 24.71 ? 100  ASP A OD1   1 
ATOM   747  O OD2   . ASP A 1 100 ? 13.805  -3.284  -9.325  1.00 28.30 ? 100  ASP A OD2   1 
ATOM   748  N N     . LYS A 1 101 ? 8.918   -5.788  -10.411 1.00 16.19 ? 101  LYS A N     1 
ATOM   749  C CA    . LYS A 1 101 ? 7.526   -5.732  -10.831 1.00 16.60 ? 101  LYS A CA    1 
ATOM   750  C C     . LYS A 1 101 ? 6.802   -4.920  -9.754  1.00 15.74 ? 101  LYS A C     1 
ATOM   751  O O     . LYS A 1 101 ? 7.166   -4.971  -8.576  1.00 14.35 ? 101  LYS A O     1 
ATOM   752  C CB    . LYS A 1 101 ? 6.935   -7.152  -10.906 1.00 18.61 ? 101  LYS A CB    1 
ATOM   753  C CG    . LYS A 1 101 ? 5.638   -7.251  -11.707 1.00 23.82 ? 101  LYS A CG    1 
ATOM   754  C CD    . LYS A 1 101 ? 4.582   -8.162  -11.055 1.00 25.61 ? 101  LYS A CD    1 
ATOM   755  C CE    . LYS A 1 101 ? 5.006   -9.621  -10.975 1.00 25.25 ? 101  LYS A CE    1 
ATOM   756  N NZ    . LYS A 1 101 ? 3.877   -10.499 -10.565 1.00 24.59 ? 101  LYS A NZ    1 
ATOM   757  N N     . PRO A 1 102 ? 5.780   -4.150  -10.140 1.00 13.77 ? 102  PRO A N     1 
ATOM   758  C CA    . PRO A 1 102 ? 5.040   -3.346  -9.162  1.00 12.98 ? 102  PRO A CA    1 
ATOM   759  C C     . PRO A 1 102 ? 4.228   -4.186  -8.180  1.00 12.46 ? 102  PRO A C     1 
ATOM   760  O O     . PRO A 1 102 ? 3.821   -5.302  -8.501  1.00 12.66 ? 102  PRO A O     1 
ATOM   761  C CB    . PRO A 1 102 ? 4.115   -2.502  -10.040 1.00 15.03 ? 102  PRO A CB    1 
ATOM   762  C CG    . PRO A 1 102 ? 4.870   -2.387  -11.339 1.00 14.03 ? 102  PRO A CG    1 
ATOM   763  C CD    . PRO A 1 102 ? 5.396   -3.788  -11.516 1.00 14.42 ? 102  PRO A CD    1 
ATOM   764  N N     . TRP A 1 103 ? 4.018   -3.665  -6.976  1.00 10.17 ? 103  TRP A N     1 
ATOM   765  C CA    . TRP A 1 103 ? 3.168   -4.349  -6.009  1.00 10.10 ? 103  TRP A CA    1 
ATOM   766  C C     . TRP A 1 103 ? 1.851   -3.661  -6.380  1.00 10.56 ? 103  TRP A C     1 
ATOM   767  O O     . TRP A 1 103 ? 1.686   -2.458  -6.162  1.00 10.80 ? 103  TRP A O     1 
ATOM   768  C CB    . TRP A 1 103 ? 3.596   -4.031  -4.573  1.00 8.24  ? 103  TRP A CB    1 
ATOM   769  C CG    . TRP A 1 103 ? 2.875   -4.848  -3.532  1.00 9.20  ? 103  TRP A CG    1 
ATOM   770  C CD1   . TRP A 1 103 ? 2.491   -6.163  -3.626  1.00 9.52  ? 103  TRP A CD1   1 
ATOM   771  C CD2   . TRP A 1 103 ? 2.468   -4.407  -2.232  1.00 10.27 ? 103  TRP A CD2   1 
ATOM   772  N NE1   . TRP A 1 103 ? 1.870   -6.563  -2.465  1.00 7.62  ? 103  TRP A NE1   1 
ATOM   773  C CE2   . TRP A 1 103 ? 1.842   -5.505  -1.593  1.00 10.74 ? 103  TRP A CE2   1 
ATOM   774  C CE3   . TRP A 1 103 ? 2.572   -3.188  -1.541  1.00 9.92  ? 103  TRP A CE3   1 
ATOM   775  C CZ2   . TRP A 1 103 ? 1.319   -5.419  -0.294  1.00 10.35 ? 103  TRP A CZ2   1 
ATOM   776  C CZ3   . TRP A 1 103 ? 2.051   -3.103  -0.249  1.00 10.26 ? 103  TRP A CZ3   1 
ATOM   777  C CH2   . TRP A 1 103 ? 1.431   -4.217  0.358   1.00 9.25  ? 103  TRP A CH2   1 
ATOM   778  N N     . PRO A 1 104 ? 0.911   -4.410  -6.979  1.00 10.85 ? 104  PRO A N     1 
ATOM   779  C CA    . PRO A 1 104 ? -0.396  -3.910  -7.424  1.00 11.47 ? 104  PRO A CA    1 
ATOM   780  C C     . PRO A 1 104 ? -1.439  -3.578  -6.368  1.00 11.06 ? 104  PRO A C     1 
ATOM   781  O O     . PRO A 1 104 ? -2.486  -4.214  -6.310  1.00 12.07 ? 104  PRO A O     1 
ATOM   782  C CB    . PRO A 1 104 ? -0.867  -5.013  -8.369  1.00 12.04 ? 104  PRO A CB    1 
ATOM   783  C CG    . PRO A 1 104 ? -0.394  -6.245  -7.655  1.00 12.93 ? 104  PRO A CG    1 
ATOM   784  C CD    . PRO A 1 104 ? 1.017   -5.867  -7.209  1.00 10.92 ? 104  PRO A CD    1 
ATOM   785  N N     . VAL A 1 105 ? -1.163  -2.568  -5.554  1.00 11.90 ? 105  VAL A N     1 
ATOM   786  C CA    . VAL A 1 105 ? -2.088  -2.155  -4.505  1.00 12.19 ? 105  VAL A CA    1 
ATOM   787  C C     . VAL A 1 105 ? -2.405  -0.676  -4.630  1.00 13.10 ? 105  VAL A C     1 
ATOM   788  O O     . VAL A 1 105 ? -1.507  0.150   -4.841  1.00 12.07 ? 105  VAL A O     1 
ATOM   789  C CB    . VAL A 1 105 ? -1.494  -2.407  -3.091  1.00 12.74 ? 105  VAL A CB    1 
ATOM   790  C CG1   . VAL A 1 105 ? -0.144  -1.741  -2.975  1.00 16.07 ? 105  VAL A CG1   1 
ATOM   791  C CG2   . VAL A 1 105 ? -2.426  -1.869  -2.021  1.00 13.81 ? 105  VAL A CG2   1 
ATOM   792  N N     . ALA A 1 106 ? -3.685  -0.343  -4.486  1.00 11.57 ? 106  ALA A N     1 
ATOM   793  C CA    . ALA A 1 106 ? -4.123  1.044   -4.554  1.00 10.99 ? 106  ALA A CA    1 
ATOM   794  C C     . ALA A 1 106 ? -5.272  1.256   -3.583  1.00 10.09 ? 106  ALA A C     1 
ATOM   795  O O     . ALA A 1 106 ? -6.143  0.399   -3.442  1.00 10.85 ? 106  ALA A O     1 
ATOM   796  C CB    . ALA A 1 106 ? -4.558  1.403   -5.980  1.00 10.13 ? 106  ALA A CB    1 
ATOM   797  N N     . LEU A 1 107 ? -5.261  2.395   -2.903  1.00 9.69  ? 107  LEU A N     1 
ATOM   798  C CA    . LEU A 1 107 ? -6.318  2.721   -1.964  1.00 10.55 ? 107  LEU A CA    1 
ATOM   799  C C     . LEU A 1 107 ? -7.299  3.668   -2.643  1.00 11.37 ? 107  LEU A C     1 
ATOM   800  O O     . LEU A 1 107 ? -6.897  4.676   -3.228  1.00 11.69 ? 107  LEU A O     1 
ATOM   801  C CB    . LEU A 1 107 ? -5.740  3.394   -0.714  1.00 10.97 ? 107  LEU A CB    1 
ATOM   802  C CG    . LEU A 1 107 ? -4.765  2.576   0.142   1.00 10.57 ? 107  LEU A CG    1 
ATOM   803  C CD1   . LEU A 1 107 ? -4.217  3.442   1.262   1.00 13.16 ? 107  LEU A CD1   1 
ATOM   804  C CD2   . LEU A 1 107 ? -5.471  1.361   0.711   1.00 10.70 ? 107  LEU A CD2   1 
ATOM   805  N N     . TYR A 1 108 ? -8.583  3.329   -2.593  1.00 11.62 ? 108  TYR A N     1 
ATOM   806  C CA    . TYR A 1 108 ? -9.604  4.185   -3.181  1.00 12.70 ? 108  TYR A CA    1 
ATOM   807  C C     . TYR A 1 108 ? -10.370 4.783   -2.024  1.00 13.06 ? 108  TYR A C     1 
ATOM   808  O O     . TYR A 1 108 ? -11.215 4.133   -1.406  1.00 13.84 ? 108  TYR A O     1 
ATOM   809  C CB    . TYR A 1 108 ? -10.518 3.391   -4.113  1.00 12.86 ? 108  TYR A CB    1 
ATOM   810  C CG    . TYR A 1 108 ? -9.857  3.098   -5.437  1.00 14.61 ? 108  TYR A CG    1 
ATOM   811  C CD1   . TYR A 1 108 ? -8.826  2.166   -5.534  1.00 16.65 ? 108  TYR A CD1   1 
ATOM   812  C CD2   . TYR A 1 108 ? -10.223 3.793   -6.587  1.00 15.60 ? 108  TYR A CD2   1 
ATOM   813  C CE1   . TYR A 1 108 ? -8.170  1.938   -6.745  1.00 18.20 ? 108  TYR A CE1   1 
ATOM   814  C CE2   . TYR A 1 108 ? -9.573  3.575   -7.799  1.00 16.49 ? 108  TYR A CE2   1 
ATOM   815  C CZ    . TYR A 1 108 ? -8.550  2.650   -7.871  1.00 18.20 ? 108  TYR A CZ    1 
ATOM   816  O OH    . TYR A 1 108 ? -7.892  2.448   -9.061  1.00 22.66 ? 108  TYR A OH    1 
ATOM   817  N N     . LEU A 1 109 ? -10.042 6.035   -1.733  1.00 12.69 ? 109  LEU A N     1 
ATOM   818  C CA    . LEU A 1 109 ? -10.622 6.761   -0.618  1.00 13.28 ? 109  LEU A CA    1 
ATOM   819  C C     . LEU A 1 109 ? -11.588 7.859   -1.046  1.00 14.34 ? 109  LEU A C     1 
ATOM   820  O O     . LEU A 1 109 ? -11.407 8.500   -2.081  1.00 15.76 ? 109  LEU A O     1 
ATOM   821  C CB    . LEU A 1 109 ? -9.488  7.376   0.204   1.00 12.54 ? 109  LEU A CB    1 
ATOM   822  C CG    . LEU A 1 109 ? -8.335  6.428   0.566   1.00 12.86 ? 109  LEU A CG    1 
ATOM   823  C CD1   . LEU A 1 109 ? -7.199  7.219   1.194   1.00 11.27 ? 109  LEU A CD1   1 
ATOM   824  C CD2   . LEU A 1 109 ? -8.834  5.344   1.517   1.00 12.57 ? 109  LEU A CD2   1 
ATOM   825  N N     . THR A 1 110 ? -12.623 8.071   -0.245  1.00 12.64 ? 110  THR A N     1 
ATOM   826  C CA    . THR A 1 110 ? -13.582 9.123   -0.543  1.00 12.36 ? 110  THR A CA    1 
ATOM   827  C C     . THR A 1 110 ? -13.990 9.781   0.774   1.00 11.77 ? 110  THR A C     1 
ATOM   828  O O     . THR A 1 110 ? -14.173 9.108   1.792   1.00 10.20 ? 110  THR A O     1 
ATOM   829  C CB    . THR A 1 110 ? -14.815 8.575   -1.310  1.00 13.63 ? 110  THR A CB    1 
ATOM   830  O OG1   . THR A 1 110 ? -15.555 9.673   -1.857  1.00 13.71 ? 110  THR A OG1   1 
ATOM   831  C CG2   . THR A 1 110 ? -15.717 7.765   -0.393  1.00 14.18 ? 110  THR A CG2   1 
ATOM   832  N N     . PRO A 1 111 ? -14.114 11.114  0.778   1.00 12.18 ? 111  PRO A N     1 
ATOM   833  C CA    . PRO A 1 111 ? -14.495 11.806  2.014   1.00 12.74 ? 111  PRO A CA    1 
ATOM   834  C C     . PRO A 1 111 ? -15.843 11.363  2.574   1.00 13.47 ? 111  PRO A C     1 
ATOM   835  O O     . PRO A 1 111 ? -16.796 11.126  1.826   1.00 13.41 ? 111  PRO A O     1 
ATOM   836  C CB    . PRO A 1 111 ? -14.509 13.281  1.598   1.00 11.74 ? 111  PRO A CB    1 
ATOM   837  C CG    . PRO A 1 111 ? -13.525 13.336  0.463   1.00 11.36 ? 111  PRO A CG    1 
ATOM   838  C CD    . PRO A 1 111 ? -13.860 12.078  -0.309  1.00 11.67 ? 111  PRO A CD    1 
ATOM   839  N N     . VAL A 1 112 ? -15.921 11.242  3.896   1.00 12.41 ? 112  VAL A N     1 
ATOM   840  C CA    . VAL A 1 112 ? -17.182 10.882  4.521   1.00 12.48 ? 112  VAL A CA    1 
ATOM   841  C C     . VAL A 1 112 ? -18.040 12.150  4.457   1.00 12.53 ? 112  VAL A C     1 
ATOM   842  O O     . VAL A 1 112 ? -17.520 13.251  4.242   1.00 12.32 ? 112  VAL A O     1 
ATOM   843  C CB    . VAL A 1 112 ? -16.984 10.417  5.984   1.00 11.88 ? 112  VAL A CB    1 
ATOM   844  C CG1   . VAL A 1 112 ? -16.149 9.148   5.999   1.00 11.50 ? 112  VAL A CG1   1 
ATOM   845  C CG2   . VAL A 1 112 ? -16.304 11.498  6.809   1.00 11.12 ? 112  VAL A CG2   1 
ATOM   846  N N     . SER A 1 113 ? -19.347 11.989  4.626   1.00 14.16 ? 113  SER A N     1 
ATOM   847  C CA    . SER A 1 113 ? -20.291 13.103  4.559   1.00 17.92 ? 113  SER A CA    1 
ATOM   848  C C     . SER A 1 113 ? -19.916 14.343  5.371   1.00 17.12 ? 113  SER A C     1 
ATOM   849  O O     . SER A 1 113 ? -20.049 15.470  4.894   1.00 17.18 ? 113  SER A O     1 
ATOM   850  C CB    . SER A 1 113 ? -21.681 12.619  4.987   1.00 20.83 ? 113  SER A CB    1 
ATOM   851  O OG    . SER A 1 113 ? -22.183 11.657  4.073   1.00 26.67 ? 113  SER A OG    1 
ATOM   852  N N     . SER A 1 114 ? -19.446 14.133  6.593   1.00 17.21 ? 114  SER A N     1 
ATOM   853  C CA    . SER A 1 114 ? -19.078 15.231  7.480   1.00 18.81 ? 114  SER A CA    1 
ATOM   854  C C     . SER A 1 114 ? -17.634 15.706  7.345   1.00 17.58 ? 114  SER A C     1 
ATOM   855  O O     . SER A 1 114 ? -17.181 16.548  8.122   1.00 18.65 ? 114  SER A O     1 
ATOM   856  C CB    . SER A 1 114 ? -19.327 14.809  8.922   1.00 19.06 ? 114  SER A CB    1 
ATOM   857  O OG    . SER A 1 114 ? -18.625 13.611  9.198   1.00 22.16 ? 114  SER A OG    1 
ATOM   858  N N     . ALA A 1 115 ? -16.902 15.167  6.376   1.00 16.18 ? 115  ALA A N     1 
ATOM   859  C CA    . ALA A 1 115 ? -15.512 15.573  6.182   1.00 15.74 ? 115  ALA A CA    1 
ATOM   860  C C     . ALA A 1 115 ? -15.456 17.040  5.758   1.00 15.63 ? 115  ALA A C     1 
ATOM   861  O O     . ALA A 1 115 ? -16.276 17.496  4.959   1.00 16.27 ? 115  ALA A O     1 
ATOM   862  C CB    . ALA A 1 115 ? -14.851 14.696  5.120   1.00 14.67 ? 115  ALA A CB    1 
ATOM   863  N N     . GLY A 1 116 ? -14.490 17.779  6.291   1.00 14.70 ? 116  GLY A N     1 
ATOM   864  C CA    . GLY A 1 116 ? -14.370 19.179  5.935   1.00 14.92 ? 116  GLY A CA    1 
ATOM   865  C C     . GLY A 1 116 ? -13.063 19.779  6.407   1.00 15.54 ? 116  GLY A C     1 
ATOM   866  O O     . GLY A 1 116 ? -12.549 19.396  7.457   1.00 18.04 ? 116  GLY A O     1 
ATOM   867  N N     . GLY A 1 117 ? -12.522 20.715  5.631   1.00 15.13 ? 117  GLY A N     1 
ATOM   868  C CA    . GLY A 1 117 ? -11.271 21.357  6.006   1.00 13.02 ? 117  GLY A CA    1 
ATOM   869  C C     . GLY A 1 117 ? -10.070 20.499  5.664   1.00 13.40 ? 117  GLY A C     1 
ATOM   870  O O     . GLY A 1 117 ? -10.100 19.740  4.696   1.00 13.68 ? 117  GLY A O     1 
ATOM   871  N N     . VAL A 1 118 ? -9.003  20.620  6.446   1.00 13.17 ? 118  VAL A N     1 
ATOM   872  C CA    . VAL A 1 118 ? -7.810  19.818  6.200   1.00 12.48 ? 118  VAL A CA    1 
ATOM   873  C C     . VAL A 1 118 ? -8.126  18.407  6.696   1.00 11.88 ? 118  VAL A C     1 
ATOM   874  O O     . VAL A 1 118 ? -8.025  18.119  7.893   1.00 12.61 ? 118  VAL A O     1 
ATOM   875  C CB    . VAL A 1 118 ? -6.593  20.392  6.955   1.00 13.81 ? 118  VAL A CB    1 
ATOM   876  C CG1   . VAL A 1 118 ? -5.336  19.603  6.599   1.00 11.56 ? 118  VAL A CG1   1 
ATOM   877  C CG2   . VAL A 1 118 ? -6.424  21.871  6.619   1.00 12.04 ? 118  VAL A CG2   1 
ATOM   878  N N     . ALA A 1 119 ? -8.518  17.536  5.769   1.00 9.98  ? 119  ALA A N     1 
ATOM   879  C CA    . ALA A 1 119 ? -8.892  16.161  6.094   1.00 10.93 ? 119  ALA A CA    1 
ATOM   880  C C     . ALA A 1 119 ? -7.699  15.239  6.307   1.00 10.68 ? 119  ALA A C     1 
ATOM   881  O O     . ALA A 1 119 ? -7.820  14.181  6.936   1.00 10.79 ? 119  ALA A O     1 
ATOM   882  C CB    . ALA A 1 119 ? -9.795  15.602  5.003   1.00 11.08 ? 119  ALA A CB    1 
ATOM   883  N N     . ILE A 1 120 ? -6.556  15.645  5.762   1.00 10.65 ? 120  ILE A N     1 
ATOM   884  C CA    . ILE A 1 120 ? -5.306  14.906  5.885   1.00 9.96  ? 120  ILE A CA    1 
ATOM   885  C C     . ILE A 1 120 ? -4.204  15.940  6.049   1.00 10.98 ? 120  ILE A C     1 
ATOM   886  O O     . ILE A 1 120 ? -4.088  16.853  5.233   1.00 12.40 ? 120  ILE A O     1 
ATOM   887  C CB    . ILE A 1 120 ? -5.002  14.056  4.630   1.00 9.71  ? 120  ILE A CB    1 
ATOM   888  C CG1   . ILE A 1 120 ? -6.067  12.968  4.467   1.00 9.34  ? 120  ILE A CG1   1 
ATOM   889  C CG2   . ILE A 1 120 ? -3.605  13.436  4.750   1.00 9.92  ? 120  ILE A CG2   1 
ATOM   890  C CD1   . ILE A 1 120 ? -5.886  12.108  3.232   1.00 10.47 ? 120  ILE A CD1   1 
ATOM   891  N N     . LYS A 1 121 ? -3.406  15.800  7.104   1.00 12.09 ? 121  LYS A N     1 
ATOM   892  C CA    . LYS A 1 121 ? -2.318  16.737  7.379   1.00 13.34 ? 121  LYS A CA    1 
ATOM   893  C C     . LYS A 1 121 ? -1.008  16.330  6.719   1.00 12.83 ? 121  LYS A C     1 
ATOM   894  O O     . LYS A 1 121 ? -0.639  15.154  6.723   1.00 12.41 ? 121  LYS A O     1 
ATOM   895  C CB    . LYS A 1 121 ? -2.064  16.851  8.887   1.00 16.24 ? 121  LYS A CB    1 
ATOM   896  C CG    . LYS A 1 121 ? -3.231  17.344  9.720   1.00 21.89 ? 121  LYS A CG    1 
ATOM   897  C CD    . LYS A 1 121 ? -2.808  17.625  11.150  1.00 26.46 ? 121  LYS A CD    1 
ATOM   898  C CE    . LYS A 1 121 ? -4.000  17.576  12.115  1.00 32.02 ? 121  LYS A CE    1 
ATOM   899  N NZ    . LYS A 1 121 ? -4.031  16.325  12.953  1.00 32.37 ? 121  LYS A NZ    1 
ATOM   900  N N     . ALA A 1 122 ? -0.297  17.313  6.176   1.00 11.10 ? 122  ALA A N     1 
ATOM   901  C CA    . ALA A 1 122 ? 0.996   17.066  5.548   1.00 10.66 ? 122  ALA A CA    1 
ATOM   902  C C     . ALA A 1 122 ? 1.884   16.330  6.551   1.00 10.46 ? 122  ALA A C     1 
ATOM   903  O O     . ALA A 1 122 ? 1.853   16.622  7.753   1.00 10.54 ? 122  ALA A O     1 
ATOM   904  C CB    . ALA A 1 122 ? 1.648   18.398  5.153   1.00 8.81  ? 122  ALA A CB    1 
ATOM   905  N N     . GLY A 1 123 ? 2.651   15.361  6.056   1.00 10.64 ? 123  GLY A N     1 
ATOM   906  C CA    . GLY A 1 123 ? 3.556   14.604  6.904   1.00 11.41 ? 123  GLY A CA    1 
ATOM   907  C C     . GLY A 1 123 ? 2.962   13.526  7.795   1.00 11.43 ? 123  GLY A C     1 
ATOM   908  O O     . GLY A 1 123 ? 3.705   12.803  8.455   1.00 11.93 ? 123  GLY A O     1 
ATOM   909  N N     . SER A 1 124 ? 1.639   13.395  7.817   1.00 9.69  ? 124  SER A N     1 
ATOM   910  C CA    . SER A 1 124 ? 1.000   12.395  8.667   1.00 9.20  ? 124  SER A CA    1 
ATOM   911  C C     . SER A 1 124 ? 0.931   10.990  8.068   1.00 8.59  ? 124  SER A C     1 
ATOM   912  O O     . SER A 1 124 ? 0.941   10.806  6.848   1.00 8.95  ? 124  SER A O     1 
ATOM   913  C CB    . SER A 1 124 ? -0.419  12.848  9.045   1.00 9.55  ? 124  SER A CB    1 
ATOM   914  O OG    . SER A 1 124 ? -1.268  12.898  7.912   1.00 8.92  ? 124  SER A OG    1 
ATOM   915  N N     . LEU A 1 125 ? 0.865   9.999   8.951   1.00 8.63  ? 125  LEU A N     1 
ATOM   916  C CA    . LEU A 1 125 ? 0.755   8.602   8.543   1.00 8.80  ? 125  LEU A CA    1 
ATOM   917  C C     . LEU A 1 125 ? -0.704  8.385   8.139   1.00 9.65  ? 125  LEU A C     1 
ATOM   918  O O     . LEU A 1 125 ? -1.614  8.691   8.917   1.00 9.61  ? 125  LEU A O     1 
ATOM   919  C CB    . LEU A 1 125 ? 1.104   7.685   9.715   1.00 8.90  ? 125  LEU A CB    1 
ATOM   920  C CG    . LEU A 1 125 ? 0.908   6.180   9.490   1.00 7.87  ? 125  LEU A CG    1 
ATOM   921  C CD1   . LEU A 1 125 ? 1.908   5.677   8.462   1.00 9.21  ? 125  LEU A CD1   1 
ATOM   922  C CD2   . LEU A 1 125 ? 1.090   5.442   10.818  1.00 8.06  ? 125  LEU A CD2   1 
ATOM   923  N N     . ILE A 1 126 ? -0.933  7.876   6.930   1.00 7.97  ? 126  ILE A N     1 
ATOM   924  C CA    . ILE A 1 126 ? -2.301  7.650   6.476   1.00 8.81  ? 126  ILE A CA    1 
ATOM   925  C C     . ILE A 1 126 ? -2.671  6.170   6.413   1.00 8.99  ? 126  ILE A C     1 
ATOM   926  O O     . ILE A 1 126 ? -3.854  5.820   6.448   1.00 10.81 ? 126  ILE A O     1 
ATOM   927  C CB    . ILE A 1 126 ? -2.569  8.283   5.075   1.00 8.85  ? 126  ILE A CB    1 
ATOM   928  C CG1   . ILE A 1 126 ? -1.638  7.674   4.028   1.00 8.57  ? 126  ILE A CG1   1 
ATOM   929  C CG2   . ILE A 1 126 ? -2.395  9.793   5.141   1.00 8.68  ? 126  ILE A CG2   1 
ATOM   930  C CD1   . ILE A 1 126 ? -2.012  8.039   2.601   1.00 10.40 ? 126  ILE A CD1   1 
ATOM   931  N N     . ALA A 1 127 ? -1.667  5.303   6.325   1.00 7.38  ? 127  ALA A N     1 
ATOM   932  C CA    . ALA A 1 127 ? -1.925  3.874   6.249   1.00 8.49  ? 127  ALA A CA    1 
ATOM   933  C C     . ALA A 1 127 ? -0.667  3.041   6.424   1.00 9.31  ? 127  ALA A C     1 
ATOM   934  O O     . ALA A 1 127 ? 0.451   3.520   6.233   1.00 10.18 ? 127  ALA A O     1 
ATOM   935  C CB    . ALA A 1 127 ? -2.576  3.537   4.903   1.00 7.76  ? 127  ALA A CB    1 
ATOM   936  N N     . VAL A 1 128 ? -0.865  1.789   6.810   1.00 10.04 ? 128  VAL A N     1 
ATOM   937  C CA    . VAL A 1 128 ? 0.227   0.841   6.961   1.00 9.50  ? 128  VAL A CA    1 
ATOM   938  C C     . VAL A 1 128 ? -0.234  -0.387  6.192   1.00 9.68  ? 128  VAL A C     1 
ATOM   939  O O     . VAL A 1 128 ? -1.285  -0.966  6.491   1.00 9.34  ? 128  VAL A O     1 
ATOM   940  C CB    . VAL A 1 128 ? 0.488   0.477   8.438   1.00 9.45  ? 128  VAL A CB    1 
ATOM   941  C CG1   . VAL A 1 128 ? 1.552   -0.610  8.526   1.00 9.35  ? 128  VAL A CG1   1 
ATOM   942  C CG2   . VAL A 1 128 ? 0.957   1.712   9.191   1.00 11.43 ? 128  VAL A CG2   1 
ATOM   943  N N     . LEU A 1 129 ? 0.534   -0.748  5.170   1.00 8.47  ? 129  LEU A N     1 
ATOM   944  C CA    . LEU A 1 129 ? 0.208   -1.889  4.336   1.00 9.72  ? 129  LEU A CA    1 
ATOM   945  C C     . LEU A 1 129 ? 1.276   -2.956  4.520   1.00 9.88  ? 129  LEU A C     1 
ATOM   946  O O     . LEU A 1 129 ? 2.470   -2.692  4.351   1.00 8.69  ? 129  LEU A O     1 
ATOM   947  C CB    . LEU A 1 129 ? 0.141   -1.452  2.869   1.00 10.10 ? 129  LEU A CB    1 
ATOM   948  C CG    . LEU A 1 129 ? -0.754  -0.232  2.628   1.00 11.76 ? 129  LEU A CG    1 
ATOM   949  C CD1   . LEU A 1 129 ? -0.611  0.232   1.183   1.00 11.24 ? 129  LEU A CD1   1 
ATOM   950  C CD2   . LEU A 1 129 ? -2.199  -0.572  2.956   1.00 10.39 ? 129  LEU A CD2   1 
ATOM   951  N N     . ILE A 1 130 ? 0.845   -4.160  4.878   1.00 9.26  ? 130  ILE A N     1 
ATOM   952  C CA    . ILE A 1 130 ? 1.784   -5.249  5.099   1.00 9.36  ? 130  ILE A CA    1 
ATOM   953  C C     . ILE A 1 130 ? 1.812   -6.246  3.957   1.00 9.57  ? 130  ILE A C     1 
ATOM   954  O O     . ILE A 1 130 ? 0.814   -6.905  3.658   1.00 9.46  ? 130  ILE A O     1 
ATOM   955  C CB    . ILE A 1 130 ? 1.463   -6.021  6.392   1.00 11.51 ? 130  ILE A CB    1 
ATOM   956  C CG1   . ILE A 1 130 ? 1.529   -5.067  7.590   1.00 11.91 ? 130  ILE A CG1   1 
ATOM   957  C CG2   . ILE A 1 130 ? 2.431   -7.197  6.538   1.00 9.69  ? 130  ILE A CG2   1 
ATOM   958  C CD1   . ILE A 1 130 ? 1.249   -5.724  8.924   1.00 14.85 ? 130  ILE A CD1   1 
ATOM   959  N N     . LEU A 1 131 ? 2.969   -6.340  3.319   1.00 9.62  ? 131  LEU A N     1 
ATOM   960  C CA    . LEU A 1 131 ? 3.178   -7.269  2.222   1.00 9.78  ? 131  LEU A CA    1 
ATOM   961  C C     . LEU A 1 131 ? 3.762   -8.521  2.869   1.00 11.91 ? 131  LEU A C     1 
ATOM   962  O O     . LEU A 1 131 ? 4.767   -8.442  3.578   1.00 11.24 ? 131  LEU A O     1 
ATOM   963  C CB    . LEU A 1 131 ? 4.172   -6.666  1.221   1.00 9.10  ? 131  LEU A CB    1 
ATOM   964  C CG    . LEU A 1 131 ? 4.589   -7.465  -0.018  1.00 10.11 ? 131  LEU A CG    1 
ATOM   965  C CD1   . LEU A 1 131 ? 5.227   -6.518  -1.025  1.00 10.18 ? 131  LEU A CD1   1 
ATOM   966  C CD2   . LEU A 1 131 ? 5.561   -8.579  0.359   1.00 10.17 ? 131  LEU A CD2   1 
ATOM   967  N N     . ARG A 1 132 ? 3.121   -9.666  2.655   1.00 9.87  ? 132  ARG A N     1 
ATOM   968  C CA    . ARG A 1 132 ? 3.606   -10.917 3.227   1.00 10.86 ? 132  ARG A CA    1 
ATOM   969  C C     . ARG A 1 132 ? 4.139   -11.777 2.100   1.00 9.87  ? 132  ARG A C     1 
ATOM   970  O O     . ARG A 1 132 ? 3.444   -12.014 1.110   1.00 8.71  ? 132  ARG A O     1 
ATOM   971  C CB    . ARG A 1 132 ? 2.483   -11.651 3.960   1.00 9.99  ? 132  ARG A CB    1 
ATOM   972  C CG    . ARG A 1 132 ? 2.928   -12.944 4.628   1.00 11.46 ? 132  ARG A CG    1 
ATOM   973  C CD    . ARG A 1 132 ? 1.735   -13.653 5.244   1.00 10.31 ? 132  ARG A CD    1 
ATOM   974  N NE    . ARG A 1 132 ? 2.092   -14.914 5.885   1.00 10.54 ? 132  ARG A NE    1 
ATOM   975  C CZ    . ARG A 1 132 ? 1.203   -15.754 6.402   1.00 10.29 ? 132  ARG A CZ    1 
ATOM   976  N NH1   . ARG A 1 132 ? -0.089  -15.461 6.344   1.00 11.27 ? 132  ARG A NH1   1 
ATOM   977  N NH2   . ARG A 1 132 ? 1.599   -16.878 6.978   1.00 10.75 ? 132  ARG A NH2   1 
ATOM   978  N N     . GLN A 1 133 ? 5.375   -12.237 2.255   1.00 9.01  ? 133  GLN A N     1 
ATOM   979  C CA    . GLN A 1 133 ? 6.021   -13.048 1.236   1.00 9.76  ? 133  GLN A CA    1 
ATOM   980  C C     . GLN A 1 133 ? 6.414   -14.444 1.704   1.00 10.65 ? 133  GLN A C     1 
ATOM   981  O O     . GLN A 1 133 ? 7.068   -14.613 2.735   1.00 10.30 ? 133  GLN A O     1 
ATOM   982  C CB    . GLN A 1 133 ? 7.260   -12.312 0.715   1.00 9.50  ? 133  GLN A CB    1 
ATOM   983  C CG    . GLN A 1 133 ? 8.106   -13.087 -0.291  1.00 10.90 ? 133  GLN A CG    1 
ATOM   984  C CD    . GLN A 1 133 ? 9.379   -13.649 0.324   1.00 10.15 ? 133  GLN A CD    1 
ATOM   985  O OE1   . GLN A 1 133 ? 10.041  -12.981 1.114   1.00 10.47 ? 133  GLN A OE1   1 
ATOM   986  N NE2   . GLN A 1 133 ? 9.733   -14.875 -0.052  1.00 10.75 ? 133  GLN A NE2   1 
ATOM   987  N N     . THR A 1 134 ? 5.984   -15.443 0.944   1.00 10.21 ? 134  THR A N     1 
ATOM   988  C CA    . THR A 1 134 ? 6.326   -16.827 1.226   1.00 10.07 ? 134  THR A CA    1 
ATOM   989  C C     . THR A 1 134 ? 6.771   -17.417 -0.109  1.00 10.38 ? 134  THR A C     1 
ATOM   990  O O     . THR A 1 134 ? 6.880   -16.690 -1.105  1.00 10.51 ? 134  THR A O     1 
ATOM   991  C CB    . THR A 1 134 ? 5.122   -17.613 1.793   1.00 10.10 ? 134  THR A CB    1 
ATOM   992  O OG1   . THR A 1 134 ? 3.995   -17.473 0.922   1.00 11.21 ? 134  THR A OG1   1 
ATOM   993  C CG2   . THR A 1 134 ? 4.760   -17.092 3.187   1.00 10.51 ? 134  THR A CG2   1 
ATOM   994  N N     . ASN A 1 135 ? 7.042   -18.715 -0.142  1.00 9.35  ? 135  ASN A N     1 
ATOM   995  C CA    . ASN A 1 135 ? 7.475   -19.350 -1.381  1.00 11.34 ? 135  ASN A CA    1 
ATOM   996  C C     . ASN A 1 135 ? 7.155   -20.842 -1.384  1.00 12.76 ? 135  ASN A C     1 
ATOM   997  O O     . ASN A 1 135 ? 6.541   -21.355 -0.449  1.00 11.47 ? 135  ASN A O     1 
ATOM   998  C CB    . ASN A 1 135 ? 8.982   -19.154 -1.571  1.00 10.49 ? 135  ASN A CB    1 
ATOM   999  C CG    . ASN A 1 135 ? 9.792   -19.770 -0.443  1.00 9.42  ? 135  ASN A CG    1 
ATOM   1000 O OD1   . ASN A 1 135 ? 9.487   -20.873 0.018   1.00 8.97  ? 135  ASN A OD1   1 
ATOM   1001 N ND2   . ASN A 1 135 ? 10.838  -19.070 -0.003  1.00 9.19  ? 135  ASN A ND2   1 
ATOM   1002 N N     . ASN A 1 136 ? 7.581   -21.528 -2.442  1.00 12.80 ? 136  ASN A N     1 
ATOM   1003 C CA    . ASN A 1 136 ? 7.359   -22.966 -2.573  1.00 13.35 ? 136  ASN A CA    1 
ATOM   1004 C C     . ASN A 1 136 ? 8.693   -23.684 -2.379  1.00 15.00 ? 136  ASN A C     1 
ATOM   1005 O O     . ASN A 1 136 ? 8.867   -24.830 -2.808  1.00 15.36 ? 136  ASN A O     1 
ATOM   1006 C CB    . ASN A 1 136 ? 6.787   -23.289 -3.966  1.00 12.34 ? 136  ASN A CB    1 
ATOM   1007 C CG    . ASN A 1 136 ? 7.774   -22.992 -5.100  1.00 12.61 ? 136  ASN A CG    1 
ATOM   1008 O OD1   . ASN A 1 136 ? 8.789   -22.322 -4.902  1.00 12.47 ? 136  ASN A OD1   1 
ATOM   1009 N ND2   . ASN A 1 136 ? 7.474   -23.492 -6.297  1.00 13.26 ? 136  ASN A ND2   1 
ATOM   1010 N N     . TYR A 1 137 ? 9.619   -23.009 -1.701  1.00 13.34 ? 137  TYR A N     1 
ATOM   1011 C CA    . TYR A 1 137 ? 10.962  -23.535 -1.481  1.00 14.02 ? 137  TYR A CA    1 
ATOM   1012 C C     . TYR A 1 137 ? 11.299  -23.934 -0.040  1.00 13.14 ? 137  TYR A C     1 
ATOM   1013 O O     . TYR A 1 137 ? 11.819  -25.028 0.197   1.00 14.16 ? 137  TYR A O     1 
ATOM   1014 C CB    . TYR A 1 137 ? 11.967  -22.501 -1.971  1.00 16.06 ? 137  TYR A CB    1 
ATOM   1015 C CG    . TYR A 1 137 ? 13.409  -22.947 -1.942  1.00 19.98 ? 137  TYR A CG    1 
ATOM   1016 C CD1   . TYR A 1 137 ? 13.879  -23.920 -2.827  1.00 21.25 ? 137  TYR A CD1   1 
ATOM   1017 C CD2   . TYR A 1 137 ? 14.319  -22.364 -1.060  1.00 20.51 ? 137  TYR A CD2   1 
ATOM   1018 C CE1   . TYR A 1 137 ? 15.226  -24.292 -2.839  1.00 22.72 ? 137  TYR A CE1   1 
ATOM   1019 C CE2   . TYR A 1 137 ? 15.665  -22.729 -1.061  1.00 21.62 ? 137  TYR A CE2   1 
ATOM   1020 C CZ    . TYR A 1 137 ? 16.110  -23.691 -1.954  1.00 22.45 ? 137  TYR A CZ    1 
ATOM   1021 O OH    . TYR A 1 137 ? 17.444  -24.038 -1.973  1.00 25.07 ? 137  TYR A OH    1 
ATOM   1022 N N     . ASN A 1 138 ? 11.024  -23.050 0.915   1.00 10.63 ? 138  ASN A N     1 
ATOM   1023 C CA    . ASN A 1 138 ? 11.318  -23.327 2.323   1.00 10.42 ? 138  ASN A CA    1 
ATOM   1024 C C     . ASN A 1 138 ? 10.291  -22.687 3.251   1.00 10.09 ? 138  ASN A C     1 
ATOM   1025 O O     . ASN A 1 138 ? 9.214   -22.300 2.807   1.00 10.21 ? 138  ASN A O     1 
ATOM   1026 C CB    . ASN A 1 138 ? 12.743  -22.856 2.672   1.00 11.10 ? 138  ASN A CB    1 
ATOM   1027 C CG    . ASN A 1 138 ? 12.958  -21.372 2.417   1.00 11.73 ? 138  ASN A CG    1 
ATOM   1028 O OD1   . ASN A 1 138 ? 14.097  -20.911 2.290   1.00 14.03 ? 138  ASN A OD1   1 
ATOM   1029 N ND2   . ASN A 1 138 ? 11.872  -20.616 2.351   1.00 9.07  ? 138  ASN A ND2   1 
ATOM   1030 N N     . SER A 1 139 ? 10.626  -22.575 4.536   1.00 10.46 ? 139  SER A N     1 
ATOM   1031 C CA    . SER A 1 139 ? 9.706   -22.012 5.524   1.00 10.20 ? 139  SER A CA    1 
ATOM   1032 C C     . SER A 1 139 ? 9.677   -20.488 5.607   1.00 11.71 ? 139  SER A C     1 
ATOM   1033 O O     . SER A 1 139 ? 9.014   -19.927 6.484   1.00 12.47 ? 139  SER A O     1 
ATOM   1034 C CB    . SER A 1 139 ? 10.029  -22.567 6.909   1.00 10.01 ? 139  SER A CB    1 
ATOM   1035 O OG    . SER A 1 139 ? 11.352  -22.232 7.274   1.00 10.15 ? 139  SER A OG    1 
ATOM   1036 N N     . ASP A 1 140 ? 10.381  -19.810 4.705   1.00 10.82 ? 140  ASP A N     1 
ATOM   1037 C CA    . ASP A 1 140 ? 10.405  -18.349 4.732   1.00 10.54 ? 140  ASP A CA    1 
ATOM   1038 C C     . ASP A 1 140 ? 8.998   -17.767 4.732   1.00 9.67  ? 140  ASP A C     1 
ATOM   1039 O O     . ASP A 1 140 ? 8.181   -18.101 3.883   1.00 10.73 ? 140  ASP A O     1 
ATOM   1040 C CB    . ASP A 1 140 ? 11.169  -17.799 3.531   1.00 10.86 ? 140  ASP A CB    1 
ATOM   1041 C CG    . ASP A 1 140 ? 12.671  -17.970 3.658   1.00 12.24 ? 140  ASP A CG    1 
ATOM   1042 O OD1   . ASP A 1 140 ? 13.377  -17.577 2.708   1.00 12.05 ? 140  ASP A OD1   1 
ATOM   1043 O OD2   . ASP A 1 140 ? 13.148  -18.490 4.693   1.00 10.82 ? 140  ASP A OD2   1 
ATOM   1044 N N     . ASP A 1 141 ? 8.733   -16.893 5.697   1.00 10.52 ? 141  ASP A N     1 
ATOM   1045 C CA    . ASP A 1 141 ? 7.443   -16.223 5.841   1.00 9.92  ? 141  ASP A CA    1 
ATOM   1046 C C     . ASP A 1 141 ? 7.813   -14.844 6.390   1.00 10.27 ? 141  ASP A C     1 
ATOM   1047 O O     . ASP A 1 141 ? 7.949   -14.658 7.603   1.00 8.49  ? 141  ASP A O     1 
ATOM   1048 C CB    . ASP A 1 141 ? 6.564   -16.989 6.835   1.00 9.93  ? 141  ASP A CB    1 
ATOM   1049 C CG    . ASP A 1 141 ? 5.115   -16.552 6.793   1.00 11.38 ? 141  ASP A CG    1 
ATOM   1050 O OD1   . ASP A 1 141 ? 4.853   -15.377 6.459   1.00 10.99 ? 141  ASP A OD1   1 
ATOM   1051 O OD2   . ASP A 1 141 ? 4.238   -17.384 7.109   1.00 11.67 ? 141  ASP A OD2   1 
ATOM   1052 N N     . PHE A 1 142 ? 7.978   -13.883 5.485   1.00 10.63 ? 142  PHE A N     1 
ATOM   1053 C CA    . PHE A 1 142 ? 8.409   -12.536 5.852   1.00 9.62  ? 142  PHE A CA    1 
ATOM   1054 C C     . PHE A 1 142 ? 7.393   -11.426 5.630   1.00 10.45 ? 142  PHE A C     1 
ATOM   1055 O O     . PHE A 1 142 ? 6.556   -11.501 4.734   1.00 11.47 ? 142  PHE A O     1 
ATOM   1056 C CB    . PHE A 1 142 ? 9.670   -12.182 5.060   1.00 10.22 ? 142  PHE A CB    1 
ATOM   1057 C CG    . PHE A 1 142 ? 10.792  -13.176 5.208   1.00 9.36  ? 142  PHE A CG    1 
ATOM   1058 C CD1   . PHE A 1 142 ? 11.443  -13.675 4.080   1.00 8.10  ? 142  PHE A CD1   1 
ATOM   1059 C CD2   . PHE A 1 142 ? 11.224  -13.585 6.471   1.00 8.92  ? 142  PHE A CD2   1 
ATOM   1060 C CE1   . PHE A 1 142 ? 12.515  -14.571 4.201   1.00 6.23  ? 142  PHE A CE1   1 
ATOM   1061 C CE2   . PHE A 1 142 ? 12.292  -14.476 6.605   1.00 8.64  ? 142  PHE A CE2   1 
ATOM   1062 C CZ    . PHE A 1 142 ? 12.938  -14.971 5.462   1.00 9.27  ? 142  PHE A CZ    1 
ATOM   1063 N N     . GLN A 1 143 ? 7.498   -10.379 6.440   1.00 9.45  ? 143  GLN A N     1 
ATOM   1064 C CA    . GLN A 1 143 ? 6.610   -9.233  6.316   1.00 8.97  ? 143  GLN A CA    1 
ATOM   1065 C C     . GLN A 1 143 ? 7.392   -8.001  5.885   1.00 9.72  ? 143  GLN A C     1 
ATOM   1066 O O     . GLN A 1 143 ? 8.439   -7.680  6.459   1.00 9.51  ? 143  GLN A O     1 
ATOM   1067 C CB    . GLN A 1 143 ? 5.911   -8.939  7.645   1.00 10.22 ? 143  GLN A CB    1 
ATOM   1068 C CG    . GLN A 1 143 ? 4.904   -9.996  8.075   1.00 11.84 ? 143  GLN A CG    1 
ATOM   1069 C CD    . GLN A 1 143 ? 4.215   -9.625  9.367   1.00 15.25 ? 143  GLN A CD    1 
ATOM   1070 O OE1   . GLN A 1 143 ? 4.866   -9.220  10.330  1.00 18.64 ? 143  GLN A OE1   1 
ATOM   1071 N NE2   . GLN A 1 143 ? 2.893   -9.764  9.403   1.00 14.54 ? 143  GLN A NE2   1 
ATOM   1072 N N     . PHE A 1 144 ? 6.890   -7.345  4.843   1.00 9.00  ? 144  PHE A N     1 
ATOM   1073 C CA    . PHE A 1 144 ? 7.472   -6.112  4.328   1.00 8.28  ? 144  PHE A CA    1 
ATOM   1074 C C     . PHE A 1 144 ? 6.422   -5.056  4.687   1.00 8.50  ? 144  PHE A C     1 
ATOM   1075 O O     . PHE A 1 144 ? 5.390   -4.945  4.030   1.00 7.42  ? 144  PHE A O     1 
ATOM   1076 C CB    . PHE A 1 144 ? 7.679   -6.207  2.807   1.00 7.61  ? 144  PHE A CB    1 
ATOM   1077 C CG    . PHE A 1 144 ? 8.781   -7.156  2.405   1.00 7.92  ? 144  PHE A CG    1 
ATOM   1078 C CD1   . PHE A 1 144 ? 8.627   -8.532  2.554   1.00 8.37  ? 144  PHE A CD1   1 
ATOM   1079 C CD2   . PHE A 1 144 ? 9.994   -6.666  1.914   1.00 8.09  ? 144  PHE A CD2   1 
ATOM   1080 C CE1   . PHE A 1 144 ? 9.662   -9.410  2.223   1.00 8.13  ? 144  PHE A CE1   1 
ATOM   1081 C CE2   . PHE A 1 144 ? 11.039  -7.534  1.579   1.00 6.40  ? 144  PHE A CE2   1 
ATOM   1082 C CZ    . PHE A 1 144 ? 10.871  -8.909  1.735   1.00 6.82  ? 144  PHE A CZ    1 
ATOM   1083 N N     . VAL A 1 145 ? 6.686   -4.316  5.762   1.00 8.73  ? 145  VAL A N     1 
ATOM   1084 C CA    . VAL A 1 145 ? 5.766   -3.302  6.260   1.00 7.97  ? 145  VAL A CA    1 
ATOM   1085 C C     . VAL A 1 145 ? 5.970   -1.945  5.605   1.00 8.01  ? 145  VAL A C     1 
ATOM   1086 O O     . VAL A 1 145 ? 7.039   -1.340  5.714   1.00 8.81  ? 145  VAL A O     1 
ATOM   1087 C CB    . VAL A 1 145 ? 5.908   -3.155  7.802   1.00 7.84  ? 145  VAL A CB    1 
ATOM   1088 C CG1   . VAL A 1 145 ? 4.904   -2.134  8.325   1.00 8.08  ? 145  VAL A CG1   1 
ATOM   1089 C CG2   . VAL A 1 145 ? 5.696   -4.507  8.470   1.00 8.58  ? 145  VAL A CG2   1 
ATOM   1090 N N     . TRP A 1 146 ? 4.937   -1.470  4.920   1.00 7.69  ? 146  TRP A N     1 
ATOM   1091 C CA    . TRP A 1 146 ? 5.004   -0.187  4.235   1.00 8.96  ? 146  TRP A CA    1 
ATOM   1092 C C     . TRP A 1 146 ? 4.193   0.873   4.963   1.00 8.78  ? 146  TRP A C     1 
ATOM   1093 O O     . TRP A 1 146 ? 2.967   0.769   5.073   1.00 9.03  ? 146  TRP A O     1 
ATOM   1094 C CB    . TRP A 1 146 ? 4.508   -0.324  2.790   1.00 8.09  ? 146  TRP A CB    1 
ATOM   1095 C CG    . TRP A 1 146 ? 5.210   -1.406  2.026   1.00 8.23  ? 146  TRP A CG    1 
ATOM   1096 C CD1   . TRP A 1 146 ? 4.762   -2.679  1.802   1.00 7.50  ? 146  TRP A CD1   1 
ATOM   1097 C CD2   . TRP A 1 146 ? 6.515   -1.332  1.442   1.00 9.55  ? 146  TRP A CD2   1 
ATOM   1098 N NE1   . TRP A 1 146 ? 5.709   -3.402  1.117   1.00 10.07 ? 146  TRP A NE1   1 
ATOM   1099 C CE2   . TRP A 1 146 ? 6.797   -2.599  0.882   1.00 8.62  ? 146  TRP A CE2   1 
ATOM   1100 C CE3   . TRP A 1 146 ? 7.480   -0.317  1.340   1.00 8.74  ? 146  TRP A CE3   1 
ATOM   1101 C CZ2   . TRP A 1 146 ? 8.003   -2.881  0.228   1.00 9.97  ? 146  TRP A CZ2   1 
ATOM   1102 C CZ3   . TRP A 1 146 ? 8.678   -0.594  0.691   1.00 8.04  ? 146  TRP A CZ3   1 
ATOM   1103 C CH2   . TRP A 1 146 ? 8.929   -1.868  0.142   1.00 7.88  ? 146  TRP A CH2   1 
ATOM   1104 N N     . ASN A 1 147 ? 4.886   1.889   5.466   1.00 7.86  ? 147  ASN A N     1 
ATOM   1105 C CA    . ASN A 1 147 ? 4.235   2.975   6.182   1.00 9.53  ? 147  ASN A CA    1 
ATOM   1106 C C     . ASN A 1 147 ? 4.014   4.113   5.195   1.00 9.91  ? 147  ASN A C     1 
ATOM   1107 O O     . ASN A 1 147 ? 4.964   4.736   4.729   1.00 10.36 ? 147  ASN A O     1 
ATOM   1108 C CB    . ASN A 1 147 ? 5.102   3.421   7.359   1.00 10.02 ? 147  ASN A CB    1 
ATOM   1109 C CG    . ASN A 1 147 ? 5.405   2.280   8.316   1.00 9.52  ? 147  ASN A CG    1 
ATOM   1110 O OD1   . ASN A 1 147 ? 4.504   1.565   8.743   1.00 11.17 ? 147  ASN A OD1   1 
ATOM   1111 N ND2   . ASN A 1 147 ? 6.679   2.104   8.653   1.00 9.89  ? 147  ASN A ND2   1 
ATOM   1112 N N     . ILE A 1 148 ? 2.749   4.368   4.881   1.00 9.13  ? 148  ILE A N     1 
ATOM   1113 C CA    . ILE A 1 148 ? 2.385   5.392   3.909   1.00 9.79  ? 148  ILE A CA    1 
ATOM   1114 C C     . ILE A 1 148 ? 2.146   6.759   4.536   1.00 9.07  ? 148  ILE A C     1 
ATOM   1115 O O     . ILE A 1 148 ? 1.226   6.942   5.338   1.00 9.22  ? 148  ILE A O     1 
ATOM   1116 C CB    . ILE A 1 148 ? 1.122   4.970   3.123   1.00 8.82  ? 148  ILE A CB    1 
ATOM   1117 C CG1   . ILE A 1 148 ? 1.210   3.483   2.746   1.00 9.53  ? 148  ILE A CG1   1 
ATOM   1118 C CG2   . ILE A 1 148 ? 0.983   5.821   1.871   1.00 8.96  ? 148  ILE A CG2   1 
ATOM   1119 C CD1   . ILE A 1 148 ? 2.473   3.095   1.988   1.00 10.36 ? 148  ILE A CD1   1 
ATOM   1120 N N     . TYR A 1 149 ? 2.978   7.719   4.147   1.00 8.29  ? 149  TYR A N     1 
ATOM   1121 C CA    . TYR A 1 149 ? 2.895   9.082   4.652   1.00 8.11  ? 149  TYR A CA    1 
ATOM   1122 C C     . TYR A 1 149 ? 2.478   10.088  3.589   1.00 9.22  ? 149  TYR A C     1 
ATOM   1123 O O     . TYR A 1 149 ? 2.915   10.013  2.439   1.00 9.39  ? 149  TYR A O     1 
ATOM   1124 C CB    . TYR A 1 149 ? 4.243   9.505   5.223   1.00 8.01  ? 149  TYR A CB    1 
ATOM   1125 C CG    . TYR A 1 149 ? 4.528   8.924   6.579   1.00 7.22  ? 149  TYR A CG    1 
ATOM   1126 C CD1   . TYR A 1 149 ? 5.209   7.717   6.716   1.00 8.27  ? 149  TYR A CD1   1 
ATOM   1127 C CD2   . TYR A 1 149 ? 4.098   9.577   7.731   1.00 9.32  ? 149  TYR A CD2   1 
ATOM   1128 C CE1   . TYR A 1 149 ? 5.462   7.171   7.977   1.00 8.12  ? 149  TYR A CE1   1 
ATOM   1129 C CE2   . TYR A 1 149 ? 4.338   9.046   8.993   1.00 8.79  ? 149  TYR A CE2   1 
ATOM   1130 C CZ    . TYR A 1 149 ? 5.021   7.843   9.108   1.00 9.47  ? 149  TYR A CZ    1 
ATOM   1131 O OH    . TYR A 1 149 ? 5.265   7.329   10.361  1.00 10.99 ? 149  TYR A OH    1 
ATOM   1132 N N     . ALA A 1 150 ? 1.641   11.040  3.991   1.00 9.69  ? 150  ALA A N     1 
ATOM   1133 C CA    . ALA A 1 150 ? 1.177   12.085  3.087   1.00 9.44  ? 150  ALA A CA    1 
ATOM   1134 C C     . ALA A 1 150 ? 2.208   13.214  3.014   1.00 10.28 ? 150  ALA A C     1 
ATOM   1135 O O     . ALA A 1 150 ? 2.714   13.675  4.038   1.00 11.37 ? 150  ALA A O     1 
ATOM   1136 C CB    . ALA A 1 150 ? -0.165  12.634  3.574   1.00 9.79  ? 150  ALA A CB    1 
ATOM   1137 N N     . ASN A 1 151 ? 2.523   13.660  1.801   1.00 10.41 ? 151  ASN A N     1 
ATOM   1138 C CA    . ASN A 1 151 ? 3.480   14.746  1.630   1.00 11.01 ? 151  ASN A CA    1 
ATOM   1139 C C     . ASN A 1 151 ? 2.843   16.123  1.809   1.00 12.90 ? 151  ASN A C     1 
ATOM   1140 O O     . ASN A 1 151 ? 3.541   17.103  2.071   1.00 15.83 ? 151  ASN A O     1 
ATOM   1141 C CB    . ASN A 1 151 ? 4.119   14.697  0.239   1.00 12.85 ? 151  ASN A CB    1 
ATOM   1142 C CG    . ASN A 1 151 ? 5.268   13.722  0.159   1.00 14.57 ? 151  ASN A CG    1 
ATOM   1143 O OD1   . ASN A 1 151 ? 5.896   13.402  1.171   1.00 15.50 ? 151  ASN A OD1   1 
ATOM   1144 N ND2   . ASN A 1 151 ? 5.569   13.258  -1.050  1.00 15.46 ? 151  ASN A ND2   1 
ATOM   1145 N N     . ASN A 1 152 ? 1.523   16.203  1.685   1.00 13.31 ? 152  ASN A N     1 
ATOM   1146 C CA    . ASN A 1 152 ? 0.846   17.489  1.781   1.00 13.44 ? 152  ASN A CA    1 
ATOM   1147 C C     . ASN A 1 152 ? -0.548  17.402  2.374   1.00 12.38 ? 152  ASN A C     1 
ATOM   1148 O O     . ASN A 1 152 ? -1.116  16.317  2.499   1.00 11.74 ? 152  ASN A O     1 
ATOM   1149 C CB    . ASN A 1 152 ? 0.730   18.097  0.380   1.00 14.68 ? 152  ASN A CB    1 
ATOM   1150 C CG    . ASN A 1 152 ? 0.014   17.170  -0.592  1.00 15.79 ? 152  ASN A CG    1 
ATOM   1151 O OD1   . ASN A 1 152 ? 0.587   16.194  -1.068  1.00 19.15 ? 152  ASN A OD1   1 
ATOM   1152 N ND2   . ASN A 1 152 ? -1.248  17.462  -0.872  1.00 16.60 ? 152  ASN A ND2   1 
ATOM   1153 N N     . ASP A 1 153 ? -1.095  18.564  2.726   1.00 12.70 ? 153  ASP A N     1 
ATOM   1154 C CA    . ASP A 1 153 ? -2.450  18.636  3.265   1.00 12.23 ? 153  ASP A CA    1 
ATOM   1155 C C     . ASP A 1 153 ? -3.427  18.313  2.140   1.00 12.14 ? 153  ASP A C     1 
ATOM   1156 O O     . ASP A 1 153 ? -3.155  18.592  0.967   1.00 11.11 ? 153  ASP A O     1 
ATOM   1157 C CB    . ASP A 1 153 ? -2.797  20.048  3.756   1.00 11.43 ? 153  ASP A CB    1 
ATOM   1158 C CG    . ASP A 1 153 ? -2.016  20.470  4.983   1.00 15.11 ? 153  ASP A CG    1 
ATOM   1159 O OD1   . ASP A 1 153 ? -1.624  19.603  5.790   1.00 13.33 ? 153  ASP A OD1   1 
ATOM   1160 O OD2   . ASP A 1 153 ? -1.821  21.695  5.148   1.00 16.27 ? 153  ASP A OD2   1 
ATOM   1161 N N     . VAL A 1 154 ? -4.559  17.722  2.506   1.00 9.84  ? 154  VAL A N     1 
ATOM   1162 C CA    . VAL A 1 154 ? -5.621  17.426  1.554   1.00 10.57 ? 154  VAL A CA    1 
ATOM   1163 C C     . VAL A 1 154 ? -6.827  18.162  2.130   1.00 11.06 ? 154  VAL A C     1 
ATOM   1164 O O     . VAL A 1 154 ? -7.229  17.926  3.281   1.00 9.54  ? 154  VAL A O     1 
ATOM   1165 C CB    . VAL A 1 154 ? -5.925  15.913  1.454   1.00 10.45 ? 154  VAL A CB    1 
ATOM   1166 C CG1   . VAL A 1 154 ? -7.179  15.690  0.616   1.00 10.82 ? 154  VAL A CG1   1 
ATOM   1167 C CG2   . VAL A 1 154 ? -4.745  15.189  0.823   1.00 9.19  ? 154  VAL A CG2   1 
ATOM   1168 N N     . VAL A 1 155 ? -7.382  19.073  1.338   1.00 9.19  ? 155  VAL A N     1 
ATOM   1169 C CA    . VAL A 1 155 ? -8.519  19.869  1.774   1.00 9.93  ? 155  VAL A CA    1 
ATOM   1170 C C     . VAL A 1 155 ? -9.841  19.422  1.171   1.00 10.88 ? 155  VAL A C     1 
ATOM   1171 O O     . VAL A 1 155 ? -9.948  19.173  -0.038  1.00 11.25 ? 155  VAL A O     1 
ATOM   1172 C CB    . VAL A 1 155 ? -8.303  21.369  1.436   1.00 10.77 ? 155  VAL A CB    1 
ATOM   1173 C CG1   . VAL A 1 155 ? -9.567  22.174  1.739   1.00 10.85 ? 155  VAL A CG1   1 
ATOM   1174 C CG2   . VAL A 1 155 ? -7.129  21.915  2.237   1.00 11.21 ? 155  VAL A CG2   1 
ATOM   1175 N N     . VAL A 1 156 ? -10.844 19.310  2.033   1.00 9.97  ? 156  VAL A N     1 
ATOM   1176 C CA    . VAL A 1 156 ? -12.180 18.942  1.602   1.00 10.70 ? 156  VAL A CA    1 
ATOM   1177 C C     . VAL A 1 156 ? -13.034 20.196  1.775   1.00 9.69  ? 156  VAL A C     1 
ATOM   1178 O O     . VAL A 1 156 ? -13.335 20.605  2.897   1.00 9.52  ? 156  VAL A O     1 
ATOM   1179 C CB    . VAL A 1 156 ? -12.757 17.781  2.453   1.00 9.65  ? 156  VAL A CB    1 
ATOM   1180 C CG1   . VAL A 1 156 ? -14.190 17.480  2.025   1.00 9.59  ? 156  VAL A CG1   1 
ATOM   1181 C CG2   . VAL A 1 156 ? -11.895 16.543  2.282   1.00 9.67  ? 156  VAL A CG2   1 
ATOM   1182 N N     . PRO A 1 157 ? -13.414 20.837  0.659   1.00 9.45  ? 157  PRO A N     1 
ATOM   1183 C CA    . PRO A 1 157 ? -14.234 22.055  0.703   1.00 10.62 ? 157  PRO A CA    1 
ATOM   1184 C C     . PRO A 1 157 ? -15.490 21.889  1.556   1.00 12.29 ? 157  PRO A C     1 
ATOM   1185 O O     . PRO A 1 157 ? -16.090 20.815  1.587   1.00 12.17 ? 157  PRO A O     1 
ATOM   1186 C CB    . PRO A 1 157 ? -14.564 22.299  -0.771  1.00 11.20 ? 157  PRO A CB    1 
ATOM   1187 C CG    . PRO A 1 157 ? -13.351 21.760  -1.478  1.00 9.39  ? 157  PRO A CG    1 
ATOM   1188 C CD    . PRO A 1 157 ? -13.077 20.473  -0.730  1.00 8.57  ? 157  PRO A CD    1 
ATOM   1189 N N     . THR A 1 158 ? -15.880 22.952  2.253   1.00 12.74 ? 158  THR A N     1 
ATOM   1190 C CA    . THR A 1 158 ? -17.077 22.915  3.088   1.00 14.60 ? 158  THR A CA    1 
ATOM   1191 C C     . THR A 1 158 ? -18.106 23.948  2.618   1.00 15.72 ? 158  THR A C     1 
ATOM   1192 O O     . THR A 1 158 ? -17.792 24.709  1.676   1.00 15.83 ? 158  THR A O     1 
ATOM   1193 C CB    . THR A 1 158 ? -16.737 23.187  4.572   1.00 13.49 ? 158  THR A CB    1 
ATOM   1194 O OG1   . THR A 1 158 ? -16.055 24.444  4.688   1.00 14.37 ? 158  THR A OG1   1 
ATOM   1195 C CG2   . THR A 1 158 ? -15.852 22.082  5.125   1.00 12.13 ? 158  THR A CG2   1 
ATOM   1196 O OXT   . THR A 1 158 ? -19.215 23.984  3.199   1.00 15.26 ? 158  THR A OXT   1 
HETATM 1197 C "C3'" . DEG B 2 .   ? 18.693  -19.303 -2.500  1.00 18.61 ? 1159 DEG A "C3'" 1 
HETATM 1198 C "C4'" . DEG B 2 .   ? 19.032  -20.778 -2.492  1.00 20.95 ? 1159 DEG A "C4'" 1 
HETATM 1199 C "C1'" . DEG B 2 .   ? 17.398  -17.105 -1.759  1.00 12.15 ? 1159 DEG A "C1'" 1 
HETATM 1200 C "C2'" . DEG B 2 .   ? 17.642  -18.600 -1.653  1.00 15.07 ? 1159 DEG A "C2'" 1 
HETATM 1201 C C2    . DEG B 2 .   ? 14.665  -15.187 0.117   1.00 8.78  ? 1159 DEG A C2    1 
HETATM 1202 O O2    . DEG B 2 .   ? 14.129  -13.882 -0.019  1.00 8.26  ? 1159 DEG A O2    1 
HETATM 1203 C C3    . DEG B 2 .   ? 13.493  -16.227 -0.126  1.00 9.37  ? 1159 DEG A C3    1 
HETATM 1204 O O3    . DEG B 2 .   ? 12.468  -16.018 0.851   1.00 10.96 ? 1159 DEG A O3    1 
HETATM 1205 C C4    . DEG B 2 .   ? 12.896  -16.024 -1.530  1.00 8.11  ? 1159 DEG A C4    1 
HETATM 1206 O O4    . DEG B 2 .   ? 11.828  -16.974 -1.764  1.00 10.44 ? 1159 DEG A O4    1 
HETATM 1207 C C5    . DEG B 2 .   ? 14.018  -16.247 -2.602  1.00 6.79  ? 1159 DEG A C5    1 
HETATM 1208 O O5    . DEG B 2 .   ? 15.142  -15.294 -2.350  1.00 8.74  ? 1159 DEG A O5    1 
HETATM 1209 C C6    . DEG B 2 .   ? 13.492  -16.029 -4.017  1.00 7.12  ? 1159 DEG A C6    1 
HETATM 1210 O O6    . DEG B 2 .   ? 13.039  -14.705 -4.205  1.00 8.43  ? 1159 DEG A O6    1 
HETATM 1211 O O1    . DEG B 2 .   ? 16.342  -16.730 -0.831  1.00 12.59 ? 1159 DEG A O1    1 
HETATM 1212 C C1    . DEG B 2 .   ? 15.781  -15.413 -0.992  1.00 9.53  ? 1159 DEG A C1    1 
HETATM 1213 C C1    . GOL C 3 .   ? -20.761 27.077  -0.237  1.00 20.34 ? 1160 GOL A C1    1 
HETATM 1214 O O1    . GOL C 3 .   ? -20.511 27.814  1.175   1.00 22.42 ? 1160 GOL A O1    1 
HETATM 1215 C C2    . GOL C 3 .   ? -20.404 25.755  -0.542  1.00 22.28 ? 1160 GOL A C2    1 
HETATM 1216 O O2    . GOL C 3 .   ? -20.322 24.995  0.558   1.00 20.11 ? 1160 GOL A O2    1 
HETATM 1217 C C3    . GOL C 3 .   ? -20.260 25.628  -1.722  1.00 20.81 ? 1160 GOL A C3    1 
HETATM 1218 O O3    . GOL C 3 .   ? -19.961 24.944  -3.075  1.00 23.59 ? 1160 GOL A O3    1 
HETATM 1219 O O     . HOH D 4 .   ? -3.382  16.502  -8.181  1.00 55.44 ? 2001 HOH A O     1 
HETATM 1220 O O     . HOH D 4 .   ? 15.840  -13.566 8.058   1.00 28.35 ? 2002 HOH A O     1 
HETATM 1221 O O     . HOH D 4 .   ? -18.892 8.376   -3.022  1.00 33.51 ? 2003 HOH A O     1 
HETATM 1222 O O     . HOH D 4 .   ? 17.176  5.104   -6.711  1.00 61.53 ? 2004 HOH A O     1 
HETATM 1223 O O     . HOH D 4 .   ? 9.765   9.643   -1.834  1.00 53.74 ? 2005 HOH A O     1 
HETATM 1224 O O     . HOH D 4 .   ? 9.227   -4.460  10.737  1.00 30.26 ? 2006 HOH A O     1 
HETATM 1225 O O     . HOH D 4 .   ? 0.654   -2.855  -11.204 1.00 23.55 ? 2007 HOH A O     1 
HETATM 1226 O O     . HOH D 4 .   ? 1.350   -0.848  -13.131 1.00 62.12 ? 2008 HOH A O     1 
HETATM 1227 O O     . HOH D 4 .   ? 17.644  -0.223  -3.638  1.00 35.83 ? 2009 HOH A O     1 
HETATM 1228 O O     . HOH D 4 .   ? 12.551  7.070   1.752   1.00 26.74 ? 2010 HOH A O     1 
HETATM 1229 O O     . HOH D 4 .   ? 2.975   10.809  -7.645  1.00 35.19 ? 2011 HOH A O     1 
HETATM 1230 O O     . HOH D 4 .   ? 17.880  -2.051  3.407   1.00 43.06 ? 2012 HOH A O     1 
HETATM 1231 O O     . HOH D 4 .   ? 14.626  -0.845  4.852   1.00 20.79 ? 2013 HOH A O     1 
HETATM 1232 O O     . HOH D 4 .   ? 17.434  1.686   1.392   1.00 33.00 ? 2014 HOH A O     1 
HETATM 1233 O O     . HOH D 4 .   ? -2.720  13.563  -7.430  1.00 50.66 ? 2015 HOH A O     1 
HETATM 1234 O O     . HOH D 4 .   ? -0.863  20.239  -6.790  1.00 49.65 ? 2016 HOH A O     1 
HETATM 1235 O O     . HOH D 4 .   ? -11.631 13.630  -8.907  1.00 33.10 ? 2017 HOH A O     1 
HETATM 1236 O O     . HOH D 4 .   ? -7.333  20.893  -7.130  1.00 25.65 ? 2018 HOH A O     1 
HETATM 1237 O O     . HOH D 4 .   ? -6.343  16.799  -8.181  1.00 40.19 ? 2019 HOH A O     1 
HETATM 1238 O O     . HOH D 4 .   ? -2.347  3.743   16.349  1.00 33.47 ? 2020 HOH A O     1 
HETATM 1239 O O     . HOH D 4 .   ? -4.876  10.668  16.261  1.00 47.43 ? 2021 HOH A O     1 
HETATM 1240 O O     . HOH D 4 .   ? -11.331 22.766  -6.596  1.00 37.05 ? 2022 HOH A O     1 
HETATM 1241 O O     . HOH D 4 .   ? 18.894  -9.485  4.573   1.00 23.97 ? 2023 HOH A O     1 
HETATM 1242 O O     . HOH D 4 .   ? -22.390 16.330  -2.669  1.00 50.38 ? 2024 HOH A O     1 
HETATM 1243 O O     . HOH D 4 .   ? -15.166 -4.025  -0.916  1.00 40.14 ? 2025 HOH A O     1 
HETATM 1244 O O     . HOH D 4 .   ? 9.855   -10.444 8.328   1.00 14.62 ? 2026 HOH A O     1 
HETATM 1245 O O     . HOH D 4 .   ? 13.820  -11.891 8.655   1.00 26.68 ? 2027 HOH A O     1 
HETATM 1246 O O     . HOH D 4 .   ? -18.039 6.086   -3.379  1.00 17.70 ? 2028 HOH A O     1 
HETATM 1247 O O     . HOH D 4 .   ? -13.715 2.214   -5.867  1.00 21.85 ? 2029 HOH A O     1 
HETATM 1248 O O     . HOH D 4 .   ? 15.534  -8.551  6.494   1.00 10.90 ? 2030 HOH A O     1 
HETATM 1249 O O     . HOH D 4 .   ? 13.038  -7.353  9.699   1.00 41.45 ? 2031 HOH A O     1 
HETATM 1250 O O     . HOH D 4 .   ? -1.942  -2.000  -10.585 1.00 27.12 ? 2032 HOH A O     1 
HETATM 1251 O O     . HOH D 4 .   ? -2.081  -1.138  -13.184 1.00 33.87 ? 2033 HOH A O     1 
HETATM 1252 O O     . HOH D 4 .   ? 9.797   1.512   10.575  1.00 18.70 ? 2034 HOH A O     1 
HETATM 1253 O O     . HOH D 4 .   ? 13.758  -2.659  6.720   1.00 11.83 ? 2035 HOH A O     1 
HETATM 1254 O O     . HOH D 4 .   ? 11.876  -2.764  10.507  1.00 30.03 ? 2036 HOH A O     1 
HETATM 1255 O O     . HOH D 4 .   ? 6.051   3.840   -12.538 1.00 42.55 ? 2037 HOH A O     1 
HETATM 1256 O O     . HOH D 4 .   ? 10.387  5.710   0.199   1.00 18.23 ? 2038 HOH A O     1 
HETATM 1257 O O     . HOH D 4 .   ? 8.828   5.308   10.984  1.00 24.36 ? 2039 HOH A O     1 
HETATM 1258 O O     . HOH D 4 .   ? -3.519  20.532  13.462  1.00 40.37 ? 2040 HOH A O     1 
HETATM 1259 O O     . HOH D 4 .   ? 12.099  8.297   5.899   1.00 35.35 ? 2041 HOH A O     1 
HETATM 1260 O O     . HOH D 4 .   ? 5.931   9.884   -4.267  1.00 31.63 ? 2042 HOH A O     1 
HETATM 1261 O O     . HOH D 4 .   ? 8.790   7.329   -1.032  1.00 15.75 ? 2043 HOH A O     1 
HETATM 1262 O O     . HOH D 4 .   ? 17.308  -22.444 -15.191 1.00 46.25 ? 2044 HOH A O     1 
HETATM 1263 O O     . HOH D 4 .   ? 11.977  -26.496 -4.412  1.00 52.41 ? 2045 HOH A O     1 
HETATM 1264 O O     . HOH D 4 .   ? 20.498  -23.339 3.590   1.00 48.41 ? 2046 HOH A O     1 
HETATM 1265 O O     . HOH D 4 .   ? 2.798   16.727  -2.460  1.00 23.55 ? 2047 HOH A O     1 
HETATM 1266 O O     . HOH D 4 .   ? 7.820   13.250  -4.556  1.00 43.23 ? 2048 HOH A O     1 
HETATM 1267 O O     . HOH D 4 .   ? 3.044   10.056  -4.989  1.00 17.99 ? 2049 HOH A O     1 
HETATM 1268 O O     . HOH D 4 .   ? 0.081   9.239   -4.623  1.00 42.40 ? 2050 HOH A O     1 
HETATM 1269 O O     . HOH D 4 .   ? 10.065  13.321  2.971   1.00 41.70 ? 2051 HOH A O     1 
HETATM 1270 O O     . HOH D 4 .   ? -0.096  17.652  -4.146  1.00 25.17 ? 2052 HOH A O     1 
HETATM 1271 O O     . HOH D 4 .   ? -4.000  11.979  -5.267  1.00 18.11 ? 2053 HOH A O     1 
HETATM 1272 O O     . HOH D 4 .   ? -4.917  -9.314  12.081  1.00 42.07 ? 2054 HOH A O     1 
HETATM 1273 O O     . HOH D 4 .   ? -4.690  4.482   14.819  1.00 18.16 ? 2055 HOH A O     1 
HETATM 1274 O O     . HOH D 4 .   ? -9.891  15.347  -6.974  1.00 48.62 ? 2056 HOH A O     1 
HETATM 1275 O O     . HOH D 4 .   ? -7.224  18.422  -6.313  1.00 16.03 ? 2057 HOH A O     1 
HETATM 1276 O O     . HOH D 4 .   ? -3.688  0.023   16.361  1.00 34.78 ? 2058 HOH A O     1 
HETATM 1277 O O     . HOH D 4 .   ? -6.111  8.744   14.990  1.00 21.40 ? 2059 HOH A O     1 
HETATM 1278 O O     . HOH D 4 .   ? -1.648  8.371   13.647  1.00 19.76 ? 2060 HOH A O     1 
HETATM 1279 O O     . HOH D 4 .   ? -13.897 22.217  -5.423  1.00 23.17 ? 2061 HOH A O     1 
HETATM 1280 O O     . HOH D 4 .   ? -16.212 22.813  -4.093  1.00 25.14 ? 2062 HOH A O     1 
HETATM 1281 O O     . HOH D 4 .   ? -14.533 3.679   8.773   1.00 66.27 ? 2063 HOH A O     1 
HETATM 1282 O O     . HOH D 4 .   ? -5.197  12.422  13.295  1.00 39.54 ? 2064 HOH A O     1 
HETATM 1283 O O     . HOH D 4 .   ? -6.396  15.103  10.301  1.00 27.06 ? 2065 HOH A O     1 
HETATM 1284 O O     . HOH D 4 .   ? -17.852 5.281   6.655   1.00 50.69 ? 2066 HOH A O     1 
HETATM 1285 O O     . HOH D 4 .   ? -19.743 17.783  -3.093  1.00 29.28 ? 2067 HOH A O     1 
HETATM 1286 O O     . HOH D 4 .   ? -19.067 15.450  -5.865  1.00 27.23 ? 2068 HOH A O     1 
HETATM 1287 O O     . HOH D 4 .   ? -18.394 5.120   -0.948  1.00 25.30 ? 2069 HOH A O     1 
HETATM 1288 O O     . HOH D 4 .   ? -19.506 7.293   0.237   1.00 52.22 ? 2070 HOH A O     1 
HETATM 1289 O O     . HOH D 4 .   ? -15.944 -2.368  1.681   1.00 42.30 ? 2071 HOH A O     1 
HETATM 1290 O O     . HOH D 4 .   ? -16.846 0.875   -2.927  1.00 48.04 ? 2072 HOH A O     1 
HETATM 1291 O O     . HOH D 4 .   ? -11.652 0.715   -7.299  1.00 20.34 ? 2073 HOH A O     1 
HETATM 1292 O O     . HOH D 4 .   ? -17.909 15.680  -8.228  1.00 18.78 ? 2074 HOH A O     1 
HETATM 1293 O O     . HOH D 4 .   ? -3.774  -4.310  -11.368 1.00 31.47 ? 2075 HOH A O     1 
HETATM 1294 O O     . HOH D 4 .   ? -8.401  13.198  -6.051  1.00 31.90 ? 2076 HOH A O     1 
HETATM 1295 O O     . HOH D 4 .   ? -14.989 4.633   -6.260  1.00 16.52 ? 2077 HOH A O     1 
HETATM 1296 O O     . HOH D 4 .   ? -9.603  10.615  -8.542  1.00 31.11 ? 2078 HOH A O     1 
HETATM 1297 O O     . HOH D 4 .   ? -13.263 11.436  -8.339  1.00 13.87 ? 2079 HOH A O     1 
HETATM 1298 O O     . HOH D 4 .   ? -15.504 5.790   -3.866  1.00 16.52 ? 2080 HOH A O     1 
HETATM 1299 O O     . HOH D 4 .   ? -6.323  -11.937 -6.982  1.00 42.13 ? 2081 HOH A O     1 
HETATM 1300 O O     . HOH D 4 .   ? -9.413  -9.958  -11.668 1.00 48.81 ? 2082 HOH A O     1 
HETATM 1301 O O     . HOH D 4 .   ? -16.205 -6.610  0.089   1.00 39.66 ? 2083 HOH A O     1 
HETATM 1302 O O     . HOH D 4 .   ? -14.051 -8.897  1.401   1.00 43.45 ? 2084 HOH A O     1 
HETATM 1303 O O     . HOH D 4 .   ? -15.030 2.329   6.542   1.00 29.73 ? 2085 HOH A O     1 
HETATM 1304 O O     . HOH D 4 .   ? -16.307 -4.472  7.956   1.00 59.62 ? 2086 HOH A O     1 
HETATM 1305 O O     . HOH D 4 .   ? -3.611  8.934   -8.304  1.00 37.72 ? 2087 HOH A O     1 
HETATM 1306 O O     . HOH D 4 .   ? -6.369  11.143  -6.386  1.00 15.99 ? 2088 HOH A O     1 
HETATM 1307 O O     . HOH D 4 .   ? -2.274  9.881   -4.827  1.00 20.79 ? 2089 HOH A O     1 
HETATM 1308 O O     . HOH D 4 .   ? -7.472  -9.281  11.621  1.00 24.42 ? 2090 HOH A O     1 
HETATM 1309 O O     . HOH D 4 .   ? 1.203   7.531   -5.929  1.00 35.31 ? 2091 HOH A O     1 
HETATM 1310 O O     . HOH D 4 .   ? -0.889  6.374   -10.806 1.00 42.07 ? 2092 HOH A O     1 
HETATM 1311 O O     . HOH D 4 .   ? -2.417  -0.481  -8.612  1.00 27.04 ? 2093 HOH A O     1 
HETATM 1312 O O     . HOH D 4 .   ? -2.134  1.550   -11.700 1.00 35.75 ? 2094 HOH A O     1 
HETATM 1313 O O     . HOH D 4 .   ? -1.208  7.843   -6.381  1.00 19.03 ? 2095 HOH A O     1 
HETATM 1314 O O     . HOH D 4 .   ? -7.429  -16.225 0.270   1.00 35.94 ? 2096 HOH A O     1 
HETATM 1315 O O     . HOH D 4 .   ? -0.870  -18.460 -6.886  1.00 41.14 ? 2097 HOH A O     1 
HETATM 1316 O O     . HOH D 4 .   ? 4.436   -24.453 -1.732  1.00 44.80 ? 2098 HOH A O     1 
HETATM 1317 O O     . HOH D 4 .   ? -3.307  -19.773 -1.793  1.00 63.51 ? 2099 HOH A O     1 
HETATM 1318 O O     . HOH D 4 .   ? 2.726   -14.416 -13.445 1.00 42.03 ? 2100 HOH A O     1 
HETATM 1319 O O     . HOH D 4 .   ? 4.439   1.110   -11.707 1.00 22.95 ? 2101 HOH A O     1 
HETATM 1320 O O     . HOH D 4 .   ? 13.998  -17.643 -14.494 1.00 37.43 ? 2102 HOH A O     1 
HETATM 1321 O O     . HOH D 4 .   ? 19.135  -7.296  -11.592 1.00 32.03 ? 2103 HOH A O     1 
HETATM 1322 O O     . HOH D 4 .   ? 7.138   5.511   -10.318 1.00 28.41 ? 2104 HOH A O     1 
HETATM 1323 O O     . HOH D 4 .   ? 1.137   7.659   -9.079  1.00 47.05 ? 2105 HOH A O     1 
HETATM 1324 O O     . HOH D 4 .   ? 16.647  -6.055  -13.638 1.00 34.92 ? 2106 HOH A O     1 
HETATM 1325 O O     . HOH D 4 .   ? 6.171   9.065   -7.907  1.00 41.17 ? 2107 HOH A O     1 
HETATM 1326 O O     . HOH D 4 .   ? 8.416   6.132   -3.267  1.00 29.86 ? 2108 HOH A O     1 
HETATM 1327 O O     . HOH D 4 .   ? -19.931 10.017  -1.141  1.00 28.99 ? 2109 HOH A O     1 
HETATM 1328 O O     . HOH D 4 .   ? -22.792 14.490  1.383   1.00 40.54 ? 2110 HOH A O     1 
HETATM 1329 O O     . HOH D 4 .   ? -19.708 18.867  1.647   1.00 58.72 ? 2111 HOH A O     1 
HETATM 1330 O O     . HOH D 4 .   ? -5.247  21.035  10.715  1.00 35.82 ? 2112 HOH A O     1 
HETATM 1331 O O     . HOH D 4 .   ? -3.004  12.899  11.533  1.00 15.13 ? 2113 HOH A O     1 
HETATM 1332 O O     . HOH D 4 .   ? -0.247  14.780  12.304  1.00 41.24 ? 2114 HOH A O     1 
HETATM 1333 O O     . HOH D 4 .   ? 19.601  -24.588 -5.037  1.00 18.07 ? 2115 HOH A O     1 
HETATM 1334 O O     . HOH D 4 .   ? 18.204  -17.791 -15.539 1.00 41.22 ? 2116 HOH A O     1 
HETATM 1335 O O     . HOH D 4 .   ? 14.542  -22.641 -14.340 1.00 34.06 ? 2117 HOH A O     1 
HETATM 1336 O O     . HOH D 4 .   ? 17.326  -26.255 -8.408  1.00 25.07 ? 2118 HOH A O     1 
HETATM 1337 O O     . HOH D 4 .   ? 17.113  -24.429 -11.569 1.00 56.52 ? 2119 HOH A O     1 
HETATM 1338 O O     . HOH D 4 .   ? 11.242  -24.046 -5.156  1.00 23.12 ? 2120 HOH A O     1 
HETATM 1339 O O     . HOH D 4 .   ? 9.952   -18.562 -10.527 1.00 24.71 ? 2121 HOH A O     1 
HETATM 1340 O O     . HOH D 4 .   ? 18.768  -21.552 1.389   1.00 38.07 ? 2122 HOH A O     1 
HETATM 1341 O O     . HOH D 4 .   ? 9.233   -22.732 -8.559  1.00 19.27 ? 2123 HOH A O     1 
HETATM 1342 O O     . HOH D 4 .   ? 7.637   -19.757 -10.785 1.00 30.18 ? 2124 HOH A O     1 
HETATM 1343 O O     . HOH D 4 .   ? 4.863   -22.371 -9.601  1.00 35.66 ? 2125 HOH A O     1 
HETATM 1344 O O     . HOH D 4 .   ? 15.596  -25.347 2.042   1.00 41.83 ? 2126 HOH A O     1 
HETATM 1345 O O     . HOH D 4 .   ? 16.848  -13.940 5.795   1.00 37.46 ? 2127 HOH A O     1 
HETATM 1346 O O     . HOH D 4 .   ? 14.891  -16.537 8.525   1.00 37.60 ? 2128 HOH A O     1 
HETATM 1347 O O     . HOH D 4 .   ? 6.578   -17.638 11.262  1.00 22.56 ? 2129 HOH A O     1 
HETATM 1348 O O     . HOH D 4 .   ? 6.072   -14.410 11.394  1.00 61.86 ? 2130 HOH A O     1 
HETATM 1349 O O     . HOH D 4 .   ? 3.205   -22.147 -7.655  1.00 24.82 ? 2131 HOH A O     1 
HETATM 1350 O O     . HOH D 4 .   ? 4.996   3.226   12.817  1.00 35.33 ? 2132 HOH A O     1 
HETATM 1351 O O     . HOH D 4 .   ? 7.573   -2.545  11.650  1.00 34.82 ? 2133 HOH A O     1 
HETATM 1352 O O     . HOH D 4 .   ? 5.765   17.929  7.343   1.00 51.51 ? 2134 HOH A O     1 
HETATM 1353 O O     . HOH D 4 .   ? 9.626   13.085  0.359   1.00 45.49 ? 2135 HOH A O     1 
HETATM 1354 O O     . HOH D 4 .   ? -3.120  21.986  9.628   1.00 39.09 ? 2136 HOH A O     1 
HETATM 1355 O O     . HOH D 4 .   ? -5.612  -9.807  7.858   1.00 18.38 ? 2137 HOH A O     1 
HETATM 1356 O O     . HOH D 4 .   ? 2.078   -13.923 9.741   1.00 29.47 ? 2138 HOH A O     1 
HETATM 1357 O O     . HOH D 4 .   ? -2.601  -12.256 9.264   1.00 26.21 ? 2139 HOH A O     1 
HETATM 1358 O O     . HOH D 4 .   ? 1.229   -12.170 11.814  1.00 36.88 ? 2140 HOH A O     1 
HETATM 1359 O O     . HOH D 4 .   ? -3.485  -9.835  10.018  1.00 23.22 ? 2141 HOH A O     1 
HETATM 1360 O O     . HOH D 4 .   ? -3.961  -7.016  13.656  1.00 58.07 ? 2142 HOH A O     1 
HETATM 1361 O O     . HOH D 4 .   ? -0.827  -3.504  10.974  1.00 34.48 ? 2143 HOH A O     1 
HETATM 1362 O O     . HOH D 4 .   ? 1.318   -9.656  12.000  1.00 30.99 ? 2144 HOH A O     1 
HETATM 1363 O O     . HOH D 4 .   ? -7.068  -3.872  9.098   1.00 14.32 ? 2145 HOH A O     1 
HETATM 1364 O O     . HOH D 4 .   ? -3.565  -2.414  12.855  1.00 37.08 ? 2146 HOH A O     1 
HETATM 1365 O O     . HOH D 4 .   ? -1.706  -2.988  8.742   1.00 22.86 ? 2147 HOH A O     1 
HETATM 1366 O O     . HOH D 4 .   ? -5.328  2.622   13.030  1.00 11.25 ? 2148 HOH A O     1 
HETATM 1367 O O     . HOH D 4 .   ? -7.363  0.681   10.664  1.00 11.93 ? 2149 HOH A O     1 
HETATM 1368 O O     . HOH D 4 .   ? -0.332  -1.341  11.778  1.00 46.01 ? 2150 HOH A O     1 
HETATM 1369 O O     . HOH D 4 .   ? -3.962  0.101   13.672  1.00 15.56 ? 2151 HOH A O     1 
HETATM 1370 O O     . HOH D 4 .   ? -4.392  7.249   13.766  1.00 11.86 ? 2152 HOH A O     1 
HETATM 1371 O O     . HOH D 4 .   ? -7.763  9.520   13.260  1.00 14.93 ? 2153 HOH A O     1 
HETATM 1372 O O     . HOH D 4 .   ? -3.383  11.025  8.337   1.00 13.56 ? 2154 HOH A O     1 
HETATM 1373 O O     . HOH D 4 .   ? -10.721 4.712   6.832   1.00 17.69 ? 2155 HOH A O     1 
HETATM 1374 O O     . HOH D 4 .   ? -13.728 6.700   11.107  1.00 19.17 ? 2156 HOH A O     1 
HETATM 1375 O O     . HOH D 4 .   ? -11.963 4.224   9.337   1.00 22.39 ? 2157 HOH A O     1 
HETATM 1376 O O     . HOH D 4 .   ? -8.120  12.978  12.165  1.00 33.79 ? 2158 HOH A O     1 
HETATM 1377 O O     . HOH D 4 .   ? -15.321 8.059   9.477   1.00 21.56 ? 2159 HOH A O     1 
HETATM 1378 O O     . HOH D 4 .   ? -8.814  15.877  10.486  1.00 36.03 ? 2160 HOH A O     1 
HETATM 1379 O O     . HOH D 4 .   ? -12.320 14.596  11.765  1.00 23.19 ? 2161 HOH A O     1 
HETATM 1380 O O     . HOH D 4 .   ? -14.707 6.010   7.366   1.00 61.98 ? 2162 HOH A O     1 
HETATM 1381 O O     . HOH D 4 .   ? -16.079 4.187   0.335   1.00 17.90 ? 2163 HOH A O     1 
HETATM 1382 O O     . HOH D 4 .   ? -18.168 7.967   2.435   1.00 40.69 ? 2164 HOH A O     1 
HETATM 1383 O O     . HOH D 4 .   ? -16.265 1.921   1.517   1.00 29.15 ? 2165 HOH A O     1 
HETATM 1384 O O     . HOH D 4 .   ? -14.362 -0.525  3.505   1.00 24.32 ? 2166 HOH A O     1 
HETATM 1385 O O     . HOH D 4 .   ? -14.120 2.132   -3.084  1.00 18.81 ? 2167 HOH A O     1 
HETATM 1386 O O     . HOH D 4 .   ? -11.268 -0.631  -4.923  1.00 16.06 ? 2168 HOH A O     1 
HETATM 1387 O O     . HOH D 4 .   ? -11.663 -2.616  -12.058 1.00 48.39 ? 2169 HOH A O     1 
HETATM 1388 O O     . HOH D 4 .   ? -4.631  -1.863  -7.538  1.00 13.02 ? 2170 HOH A O     1 
HETATM 1389 O O     . HOH D 4 .   ? -10.431 0.980   -9.915  1.00 19.30 ? 2171 HOH A O     1 
HETATM 1390 O O     . HOH D 4 .   ? -0.909  -8.838  -10.216 1.00 38.66 ? 2172 HOH A O     1 
HETATM 1391 O O     . HOH D 4 .   ? -10.263 -5.166  -12.002 1.00 27.81 ? 2173 HOH A O     1 
HETATM 1392 O O     . HOH D 4 .   ? -5.278  -3.861  -9.277  1.00 14.59 ? 2174 HOH A O     1 
HETATM 1393 O O     . HOH D 4 .   ? -7.897  -10.157 -8.830  1.00 25.72 ? 2175 HOH A O     1 
HETATM 1394 O O     . HOH D 4 .   ? -12.214 -11.389 -7.055  1.00 35.66 ? 2176 HOH A O     1 
HETATM 1395 O O     . HOH D 4 .   ? -13.356 -6.757  -6.788  1.00 34.40 ? 2177 HOH A O     1 
HETATM 1396 O O     . HOH D 4 .   ? -12.353 -3.843  -8.703  1.00 43.03 ? 2178 HOH A O     1 
HETATM 1397 O O     . HOH D 4 .   ? -14.413 -8.177  -1.327  1.00 56.17 ? 2179 HOH A O     1 
HETATM 1398 O O     . HOH D 4 .   ? -6.537  -10.066 -5.060  1.00 16.70 ? 2180 HOH A O     1 
HETATM 1399 O O     . HOH D 4 .   ? -10.562 -12.077 -3.895  1.00 31.16 ? 2181 HOH A O     1 
HETATM 1400 O O     . HOH D 4 .   ? -12.730 3.071   5.252   1.00 19.70 ? 2182 HOH A O     1 
HETATM 1401 O O     . HOH D 4 .   ? -13.253 -1.919  6.783   1.00 23.02 ? 2183 HOH A O     1 
HETATM 1402 O O     . HOH D 4 .   ? -7.721  -6.979  10.449  1.00 33.12 ? 2184 HOH A O     1 
HETATM 1403 O O     . HOH D 4 .   ? -10.388 -5.752  10.353  1.00 28.48 ? 2185 HOH A O     1 
HETATM 1404 O O     . HOH D 4 .   ? -7.008  -7.713  7.705   1.00 15.50 ? 2186 HOH A O     1 
HETATM 1405 O O     . HOH D 4 .   ? -10.189 -6.735  3.382   1.00 13.85 ? 2187 HOH A O     1 
HETATM 1406 O O     . HOH D 4 .   ? -13.252 -11.338 4.769   1.00 57.46 ? 2188 HOH A O     1 
HETATM 1407 O O     . HOH D 4 .   ? -11.559 -8.863  3.108   1.00 22.00 ? 2189 HOH A O     1 
HETATM 1408 O O     . HOH D 4 .   ? -11.434 -8.156  10.501  1.00 60.13 ? 2190 HOH A O     1 
HETATM 1409 O O     . HOH D 4 .   ? -5.545  -7.597  3.398   1.00 12.88 ? 2191 HOH A O     1 
HETATM 1410 O O     . HOH D 4 .   ? -8.931  -9.922  1.421   1.00 24.36 ? 2192 HOH A O     1 
HETATM 1411 O O     . HOH D 4 .   ? -8.146  -7.387  1.887   1.00 18.97 ? 2193 HOH A O     1 
HETATM 1412 O O     . HOH D 4 .   ? -3.842  -14.073 7.581   1.00 21.53 ? 2194 HOH A O     1 
HETATM 1413 O O     . HOH D 4 .   ? -9.301  -12.761 0.654   1.00 36.42 ? 2195 HOH A O     1 
HETATM 1414 O O     . HOH D 4 .   ? -4.246  -16.249 4.174   1.00 29.51 ? 2196 HOH A O     1 
HETATM 1415 O O     . HOH D 4 .   ? -8.077  -14.276 5.123   1.00 28.52 ? 2197 HOH A O     1 
HETATM 1416 O O     . HOH D 4 .   ? 0.443   -15.836 2.645   1.00 21.10 ? 2198 HOH A O     1 
HETATM 1417 O O     . HOH D 4 .   ? -6.198  -12.520 7.454   1.00 16.87 ? 2199 HOH A O     1 
HETATM 1418 O O     . HOH D 4 .   ? -4.183  -15.918 0.820   1.00 24.31 ? 2200 HOH A O     1 
HETATM 1419 O O     . HOH D 4 .   ? -3.990  -17.319 -2.739  1.00 26.77 ? 2201 HOH A O     1 
HETATM 1420 O O     . HOH D 4 .   ? 1.576   -23.157 -1.975  1.00 38.03 ? 2202 HOH A O     1 
HETATM 1421 O O     . HOH D 4 .   ? -0.477  -20.615 -4.594  1.00 35.59 ? 2203 HOH A O     1 
HETATM 1422 O O     . HOH D 4 .   ? 1.545   -18.238 2.292   1.00 31.93 ? 2204 HOH A O     1 
HETATM 1423 O O     . HOH D 4 .   ? -1.364  -17.169 1.473   1.00 38.77 ? 2205 HOH A O     1 
HETATM 1424 O O     . HOH D 4 .   ? -0.129  -14.154 -9.709  1.00 28.31 ? 2206 HOH A O     1 
HETATM 1425 O O     . HOH D 4 .   ? 1.985   -13.118 -11.262 1.00 51.16 ? 2207 HOH A O     1 
HETATM 1426 O O     . HOH D 4 .   ? 7.349   -11.429 -11.100 1.00 15.93 ? 2208 HOH A O     1 
HETATM 1427 O O     . HOH D 4 .   ? 7.763   -12.684 -15.601 1.00 40.20 ? 2209 HOH A O     1 
HETATM 1428 O O     . HOH D 4 .   ? 5.301   -18.769 -12.333 1.00 37.25 ? 2210 HOH A O     1 
HETATM 1429 O O     . HOH D 4 .   ? 12.485  -15.451 -14.918 1.00 36.03 ? 2211 HOH A O     1 
HETATM 1430 O O     . HOH D 4 .   ? 6.971   -10.967 -13.812 1.00 33.37 ? 2212 HOH A O     1 
HETATM 1431 O O     . HOH D 4 .   ? 4.592   -12.667 -13.162 1.00 64.94 ? 2213 HOH A O     1 
HETATM 1432 O O     . HOH D 4 .   ? 9.668   -14.636 -15.843 1.00 63.14 ? 2214 HOH A O     1 
HETATM 1433 O O     . HOH D 4 .   ? 11.462  -12.576 -16.358 1.00 50.28 ? 2215 HOH A O     1 
HETATM 1434 O O     . HOH D 4 .   ? 16.642  -7.829  -9.578  1.00 19.46 ? 2216 HOH A O     1 
HETATM 1435 O O     . HOH D 4 .   ? 17.647  -12.959 -14.722 1.00 24.63 ? 2217 HOH A O     1 
HETATM 1436 O O     . HOH D 4 .   ? 13.843  -13.225 -14.295 1.00 24.98 ? 2218 HOH A O     1 
HETATM 1437 O O     . HOH D 4 .   ? 18.864  -12.187 -7.942  1.00 18.33 ? 2219 HOH A O     1 
HETATM 1438 O O     . HOH D 4 .   ? 9.347   -9.690  -10.210 1.00 13.60 ? 2220 HOH A O     1 
HETATM 1439 O O     . HOH D 4 .   ? 14.763  -11.012 -15.365 1.00 41.07 ? 2221 HOH A O     1 
HETATM 1440 O O     . HOH D 4 .   ? 8.838   -8.658  -13.874 1.00 31.55 ? 2222 HOH A O     1 
HETATM 1441 O O     . HOH D 4 .   ? 13.144  -4.980  -5.883  1.00 16.29 ? 2223 HOH A O     1 
HETATM 1442 O O     . HOH D 4 .   ? 7.803   -6.174  -14.362 1.00 39.93 ? 2224 HOH A O     1 
HETATM 1443 O O     . HOH D 4 .   ? 8.380   -1.864  -13.182 1.00 42.01 ? 2225 HOH A O     1 
HETATM 1444 O O     . HOH D 4 .   ? 16.126  -4.978  -8.945  1.00 19.03 ? 2226 HOH A O     1 
HETATM 1445 O O     . HOH D 4 .   ? 11.725  -3.024  -13.782 1.00 50.49 ? 2227 HOH A O     1 
HETATM 1446 O O     . HOH D 4 .   ? 14.631  -4.836  -12.319 1.00 30.15 ? 2228 HOH A O     1 
HETATM 1447 O O     . HOH D 4 .   ? 12.531  -0.499  -9.632  1.00 41.03 ? 2229 HOH A O     1 
HETATM 1448 O O     . HOH D 4 .   ? 16.218  -1.677  -10.840 1.00 49.24 ? 2230 HOH A O     1 
HETATM 1449 O O     . HOH D 4 .   ? 0.596   -10.558 -11.549 1.00 44.41 ? 2231 HOH A O     1 
HETATM 1450 O O     . HOH D 4 .   ? 2.544   -6.286  -10.423 1.00 36.30 ? 2232 HOH A O     1 
HETATM 1451 O O     . HOH D 4 .   ? -14.070 4.515   -1.722  1.00 17.49 ? 2233 HOH A O     1 
HETATM 1452 O O     . HOH D 4 .   ? -7.201  4.424   -10.604 1.00 31.63 ? 2234 HOH A O     1 
HETATM 1453 O O     . HOH D 4 .   ? -17.536 11.066  -0.731  1.00 14.37 ? 2235 HOH A O     1 
HETATM 1454 O O     . HOH D 4 .   ? -20.232 9.314   5.054   1.00 23.91 ? 2236 HOH A O     1 
HETATM 1455 O O     . HOH D 4 .   ? -21.750 16.758  2.492   1.00 34.06 ? 2237 HOH A O     1 
HETATM 1456 O O     . HOH D 4 .   ? -24.835 11.016  6.281   1.00 44.43 ? 2238 HOH A O     1 
HETATM 1457 O O     . HOH D 4 .   ? -17.673 19.773  8.167   1.00 23.97 ? 2239 HOH A O     1 
HETATM 1458 O O     . HOH D 4 .   ? -19.974 12.901  11.186  1.00 24.81 ? 2240 HOH A O     1 
HETATM 1459 O O     . HOH D 4 .   ? -20.236 11.600  8.160   1.00 23.78 ? 2241 HOH A O     1 
HETATM 1460 O O     . HOH D 4 .   ? -17.534 19.207  3.362   1.00 28.47 ? 2242 HOH A O     1 
HETATM 1461 O O     . HOH D 4 .   ? -10.866 18.212  9.318   1.00 27.38 ? 2243 HOH A O     1 
HETATM 1462 O O     . HOH D 4 .   ? -12.010 21.588  10.146  1.00 56.14 ? 2244 HOH A O     1 
HETATM 1463 O O     . HOH D 4 .   ? -9.255  21.581  9.209   1.00 21.45 ? 2245 HOH A O     1 
HETATM 1464 O O     . HOH D 4 .   ? -6.701  18.690  10.315  1.00 68.19 ? 2246 HOH A O     1 
HETATM 1465 O O     . HOH D 4 .   ? -4.340  14.046  9.168   1.00 18.26 ? 2247 HOH A O     1 
HETATM 1466 O O     . HOH D 4 .   ? 2.042   15.595  10.355  1.00 23.68 ? 2248 HOH A O     1 
HETATM 1467 O O     . HOH D 4 .   ? 1.649   19.192  8.550   1.00 24.97 ? 2249 HOH A O     1 
HETATM 1468 O O     . HOH D 4 .   ? 6.004   12.753  9.990   1.00 25.60 ? 2250 HOH A O     1 
HETATM 1469 O O     . HOH D 4 .   ? 3.738   12.475  11.343  1.00 42.68 ? 2251 HOH A O     1 
HETATM 1470 O O     . HOH D 4 .   ? 1.732   10.620  11.810  1.00 18.07 ? 2252 HOH A O     1 
HETATM 1471 O O     . HOH D 4 .   ? -1.594  10.047  11.292  1.00 14.00 ? 2253 HOH A O     1 
HETATM 1472 O O     . HOH D 4 .   ? 2.114   -16.256 10.412  1.00 50.23 ? 2254 HOH A O     1 
HETATM 1473 O O     . HOH D 4 .   ? 12.573  -12.143 1.358   1.00 8.88  ? 2255 HOH A O     1 
HETATM 1474 O O     . HOH D 4 .   ? 2.593   -14.895 1.017   1.00 15.64 ? 2256 HOH A O     1 
HETATM 1475 O O     . HOH D 4 .   ? 3.794   -21.673 0.623   1.00 25.16 ? 2257 HOH A O     1 
HETATM 1476 O O     . HOH D 4 .   ? 7.213   -23.535 1.207   1.00 15.61 ? 2258 HOH A O     1 
HETATM 1477 O O     . HOH D 4 .   ? 5.018   -25.227 -6.710  1.00 28.27 ? 2259 HOH A O     1 
HETATM 1478 O O     . HOH D 4 .   ? 8.019   -26.011 0.366   1.00 32.44 ? 2260 HOH A O     1 
HETATM 1479 O O     . HOH D 4 .   ? 12.539  -27.295 -1.185  1.00 49.35 ? 2261 HOH A O     1 
HETATM 1480 O O     . HOH D 4 .   ? 18.160  -26.318 -3.880  1.00 35.24 ? 2262 HOH A O     1 
HETATM 1481 O O     . HOH D 4 .   ? 19.355  -23.433 -0.119  1.00 39.94 ? 2263 HOH A O     1 
HETATM 1482 O O     . HOH D 4 .   ? 16.487  -22.414 2.439   1.00 18.57 ? 2264 HOH A O     1 
HETATM 1483 O O     . HOH D 4 .   ? 12.884  -24.029 8.524   1.00 22.05 ? 2265 HOH A O     1 
HETATM 1484 O O     . HOH D 4 .   ? 12.468  -20.052 9.240   1.00 30.97 ? 2266 HOH A O     1 
HETATM 1485 O O     . HOH D 4 .   ? 13.778  -21.180 5.624   1.00 23.58 ? 2267 HOH A O     1 
HETATM 1486 O O     . HOH D 4 .   ? 12.888  -18.123 7.529   1.00 25.96 ? 2268 HOH A O     1 
HETATM 1487 O O     . HOH D 4 .   ? 15.746  -16.204 3.382   1.00 33.41 ? 2269 HOH A O     1 
HETATM 1488 O O     . HOH D 4 .   ? 15.913  -18.474 5.047   1.00 33.01 ? 2270 HOH A O     1 
HETATM 1489 O O     . HOH D 4 .   ? 16.104  -18.539 1.873   1.00 68.52 ? 2271 HOH A O     1 
HETATM 1490 O O     . HOH D 4 .   ? 7.485   -20.070 2.456   1.00 10.87 ? 2272 HOH A O     1 
HETATM 1491 O O     . HOH D 4 .   ? 6.997   -12.794 9.665   1.00 27.71 ? 2273 HOH A O     1 
HETATM 1492 O O     . HOH D 4 .   ? 4.582   -13.144 8.305   1.00 29.90 ? 2274 HOH A O     1 
HETATM 1493 O O     . HOH D 4 .   ? 3.868   -19.814 5.964   1.00 20.15 ? 2275 HOH A O     1 
HETATM 1494 O O     . HOH D 4 .   ? 10.733  -14.778 9.784   1.00 40.00 ? 2276 HOH A O     1 
HETATM 1495 O O     . HOH D 4 .   ? 8.216   -15.385 10.062  1.00 55.49 ? 2277 HOH A O     1 
HETATM 1496 O O     . HOH D 4 .   ? 4.303   -18.094 9.776   1.00 14.43 ? 2278 HOH A O     1 
HETATM 1497 O O     . HOH D 4 .   ? 10.433  -17.194 8.071   1.00 16.37 ? 2279 HOH A O     1 
HETATM 1498 O O     . HOH D 4 .   ? 8.899   -6.938  9.221   1.00 19.34 ? 2280 HOH A O     1 
HETATM 1499 O O     . HOH D 4 .   ? 6.505   -7.204  11.004  1.00 35.70 ? 2281 HOH A O     1 
HETATM 1500 O O     . HOH D 4 .   ? 4.134   -10.241 12.909  1.00 52.99 ? 2282 HOH A O     1 
HETATM 1501 O O     . HOH D 4 .   ? 7.287   -0.012  11.064  1.00 26.73 ? 2283 HOH A O     1 
HETATM 1502 O O     . HOH D 4 .   ? 4.410   0.414   11.121  1.00 15.33 ? 2284 HOH A O     1 
HETATM 1503 O O     . HOH D 4 .   ? 3.474   8.926   12.509  1.00 19.93 ? 2285 HOH A O     1 
HETATM 1504 O O     . HOH D 4 .   ? 6.283   4.894   10.763  1.00 27.99 ? 2286 HOH A O     1 
HETATM 1505 O O     . HOH D 4 .   ? 3.236   20.466  1.509   1.00 30.66 ? 2287 HOH A O     1 
HETATM 1506 O O     . HOH D 4 .   ? 8.103   12.169  -2.039  1.00 24.80 ? 2288 HOH A O     1 
HETATM 1507 O O     . HOH D 4 .   ? 5.440   17.160  4.960   1.00 36.12 ? 2289 HOH A O     1 
HETATM 1508 O O     . HOH D 4 .   ? 6.447   13.889  4.576   1.00 59.33 ? 2290 HOH A O     1 
HETATM 1509 O O     . HOH D 4 .   ? -0.367  20.333  -2.602  1.00 32.68 ? 2291 HOH A O     1 
HETATM 1510 O O     . HOH D 4 .   ? 0.473   20.797  2.553   1.00 16.22 ? 2292 HOH A O     1 
HETATM 1511 O O     . HOH D 4 .   ? 1.332   22.175  4.900   1.00 29.59 ? 2293 HOH A O     1 
HETATM 1512 O O     . HOH D 4 .   ? -2.730  22.742  7.387   1.00 26.30 ? 2294 HOH A O     1 
HETATM 1513 O O     . HOH D 4 .   ? -0.705  20.652  8.056   1.00 27.20 ? 2295 HOH A O     1 
HETATM 1514 O O     . HOH D 4 .   ? -4.059  20.805  -0.132  1.00 34.87 ? 2296 HOH A O     1 
HETATM 1515 O O     . HOH D 4 .   ? -1.680  21.163  -0.575  1.00 39.16 ? 2297 HOH A O     1 
HETATM 1516 O O     . HOH D 4 .   ? -16.664 18.721  -0.443  1.00 13.96 ? 2298 HOH A O     1 
HETATM 1517 O O     . HOH D 4 .   ? -20.705 26.253  3.457   1.00 14.63 ? 2299 HOH A O     1 
HETATM 1518 O O     . HOH D 4 .   ? -20.255 22.600  5.151   1.00 50.14 ? 2300 HOH A O     1 
HETATM 1519 O O     . HOH D 4 .   ? -16.324 25.594  -0.432  1.00 12.85 ? 2301 HOH A O     1 
HETATM 1520 O O     . HOH D 4 .   ? 17.952  -16.873 1.917   1.00 36.56 ? 2302 HOH A O     1 
HETATM 1521 O O     . HOH D 4 .   ? -17.267 25.151  -3.042  1.00 9.79  ? 2303 HOH A O     1 
HETATM 1522 O O     . HOH D 4 .   ? -22.378 24.492  -4.521  1.00 26.16 ? 2304 HOH A O     1 
HETATM 1523 O O     . HOH D 4 .   ? -19.332 21.851  -0.998  1.00 26.33 ? 2305 HOH A O     1 
HETATM 1524 O O     . HOH D 4 .   ? -20.766 22.267  -3.551  1.00 51.05 ? 2306 HOH A O     1 
HETATM 1525 O O     . HOH D 4 .   ? -22.771 24.096  1.025   1.00 38.31 ? 2307 HOH A O     1 
# 
